data_7U2T
#
_entry.id   7U2T
#
loop_
_entity.id
_entity.type
_entity.pdbx_description
1 polymer 'Influenza N1-MI15-sNAp-174'
2 non-polymer 2-acetamido-2-deoxy-beta-D-glucopyranose
#
_entity_poly.entity_id   1
_entity_poly.type   'polypeptide(L)'
_entity_poly.pdbx_seq_one_letter_code
;VKLAGNSSLCPVSGWAPLSKDNSVRIGSKGDVFVIREPFISCSPLECRQFFLTQGALLNDKHSNGTIKDRSPYRTLMSVP
IGSVPSPYNARFESIAWSASACHDGINWLTIGITGPDSGAVAILKYNGIITDTIKSWRNNILRTQESECACVNGSCFTIM
TDGPSDGQASYKIFRIEKGKIIKSVEMKAPNYHYEECSCYPDSSEITCVCRDNWHGSNRPWVSFNQNLEYQMGYICSGVF
GDNPRPNDKTGSCGPVSSNGANGVKGFSFKYGNGVWIGRTKSISSRKGFEMIWDPNGWTGTDNKFSIKQDIVGINEWSGY
SGSFVMHPELTGLDCIVPCFWVELIRGRPEENTIWTSGSSISFCGVNSDTVGWSWPDGAELPFTIDK
;
_entity_poly.pdbx_strand_id   A,B,C,D
#
# COMPACT_ATOMS: atom_id res chain seq x y z
N VAL A 1 -16.06 -4.64 -17.56
CA VAL A 1 -17.18 -5.49 -17.95
C VAL A 1 -18.37 -5.19 -17.05
N LYS A 2 -19.49 -4.74 -17.63
CA LYS A 2 -20.72 -4.41 -16.89
C LYS A 2 -21.34 -5.65 -16.26
N LEU A 3 -21.77 -5.53 -15.01
CA LEU A 3 -22.41 -6.66 -14.36
C LEU A 3 -23.73 -6.98 -15.02
N ALA A 4 -24.00 -8.26 -15.21
CA ALA A 4 -25.27 -8.67 -15.81
C ALA A 4 -26.36 -8.79 -14.75
N GLY A 5 -26.32 -9.85 -13.96
CA GLY A 5 -27.34 -10.00 -12.91
C GLY A 5 -28.64 -10.54 -13.48
N ASN A 6 -28.53 -11.36 -14.53
CA ASN A 6 -29.67 -12.08 -15.15
C ASN A 6 -29.82 -13.45 -14.52
N SER A 7 -28.83 -13.84 -13.73
CA SER A 7 -28.71 -15.24 -13.31
C SER A 7 -29.55 -15.39 -12.05
N SER A 8 -30.30 -16.49 -11.92
CA SER A 8 -31.05 -16.63 -10.68
C SER A 8 -30.14 -16.70 -9.48
N LEU A 9 -30.72 -16.51 -8.30
CA LEU A 9 -30.00 -16.65 -7.05
C LEU A 9 -29.64 -18.13 -6.82
N CYS A 10 -28.41 -18.41 -6.35
CA CYS A 10 -27.93 -19.75 -6.04
C CYS A 10 -28.70 -20.37 -4.90
N PRO A 11 -29.11 -21.65 -4.98
CA PRO A 11 -29.75 -22.41 -3.93
C PRO A 11 -28.69 -22.69 -2.89
N VAL A 12 -29.09 -22.81 -1.62
CA VAL A 12 -28.14 -23.15 -0.56
C VAL A 12 -28.72 -24.21 0.36
N SER A 13 -27.85 -24.93 1.07
CA SER A 13 -28.31 -25.87 2.08
C SER A 13 -28.01 -25.36 3.48
N GLY A 14 -27.06 -24.43 3.57
CA GLY A 14 -26.66 -23.87 4.86
C GLY A 14 -25.66 -22.75 4.66
N TRP A 15 -25.25 -22.09 5.76
CA TRP A 15 -24.34 -20.92 5.64
C TRP A 15 -22.98 -21.21 6.30
N ALA A 16 -21.89 -20.79 5.66
CA ALA A 16 -20.53 -21.02 6.20
C ALA A 16 -19.88 -19.66 6.48
N PRO A 17 -18.89 -19.54 7.38
CA PRO A 17 -18.36 -18.22 7.75
C PRO A 17 -17.35 -17.63 6.76
N LEU A 18 -17.39 -16.32 6.54
CA LEU A 18 -16.51 -15.72 5.55
C LEU A 18 -15.46 -14.83 6.19
N SER A 19 -15.90 -13.95 7.10
CA SER A 19 -15.00 -12.96 7.68
C SER A 19 -15.37 -12.52 9.08
N LYS A 20 -14.37 -12.00 9.81
CA LYS A 20 -14.54 -11.51 11.21
C LYS A 20 -13.40 -10.50 11.47
N ASP A 21 -13.71 -9.23 11.75
CA ASP A 21 -12.67 -8.17 11.88
C ASP A 21 -11.72 -8.32 13.09
N ASN A 22 -12.22 -8.66 14.28
CA ASN A 22 -11.39 -8.72 15.52
C ASN A 22 -10.81 -7.34 15.84
N SER A 23 -11.53 -6.26 15.52
CA SER A 23 -11.06 -4.86 15.74
C SER A 23 -10.94 -4.47 17.21
N VAL A 24 -11.86 -4.90 18.08
CA VAL A 24 -11.86 -4.41 19.50
C VAL A 24 -10.55 -4.76 20.20
N ARG A 25 -10.06 -5.99 20.04
CA ARG A 25 -8.79 -6.42 20.67
C ARG A 25 -7.62 -5.63 20.09
N ILE A 26 -7.64 -5.35 18.79
CA ILE A 26 -6.52 -4.63 18.12
C ILE A 26 -6.55 -3.14 18.51
N GLY A 27 -7.74 -2.56 18.66
CA GLY A 27 -7.80 -1.14 18.95
C GLY A 27 -7.58 -0.76 20.41
N SER A 28 -7.44 -1.76 21.30
CA SER A 28 -7.18 -1.43 22.69
C SER A 28 -5.80 -0.81 22.86
N LYS A 29 -4.88 -1.12 21.94
CA LYS A 29 -3.54 -0.54 21.98
C LYS A 29 -3.22 0.23 20.71
N GLY A 30 -3.64 -0.28 19.55
CA GLY A 30 -3.27 0.33 18.28
C GLY A 30 -4.26 1.41 17.89
N ASP A 31 -4.16 1.88 16.64
CA ASP A 31 -5.03 2.95 16.16
C ASP A 31 -6.14 2.41 15.28
N VAL A 32 -7.34 2.36 15.82
CA VAL A 32 -8.49 1.82 15.13
C VAL A 32 -9.68 2.78 15.27
N PHE A 33 -10.43 2.95 14.20
CA PHE A 33 -11.59 3.83 14.21
C PHE A 33 -12.75 3.28 14.98
N VAL A 34 -13.51 4.19 15.59
CA VAL A 34 -14.78 3.82 16.16
C VAL A 34 -15.75 3.85 15.02
N ILE A 35 -16.28 2.68 14.61
CA ILE A 35 -17.13 2.64 13.39
C ILE A 35 -18.60 2.50 13.74
N ARG A 36 -19.49 2.83 12.79
CA ARG A 36 -20.95 2.71 13.02
C ARG A 36 -21.62 2.36 11.68
N GLU A 37 -22.75 1.67 11.71
CA GLU A 37 -23.50 1.29 10.48
C GLU A 37 -22.56 0.67 9.42
N PRO A 38 -21.85 -0.49 9.64
CA PRO A 38 -21.05 -1.03 8.59
C PRO A 38 -21.92 -1.82 7.63
N PHE A 39 -21.44 -2.00 6.42
CA PHE A 39 -22.07 -2.92 5.48
C PHE A 39 -21.04 -3.46 4.50
N ILE A 40 -21.37 -4.56 3.84
CA ILE A 40 -20.45 -5.16 2.89
C ILE A 40 -20.99 -5.12 1.49
N SER A 41 -20.11 -4.82 0.54
CA SER A 41 -20.46 -4.83 -0.87
C SER A 41 -19.29 -5.44 -1.63
N CYS A 42 -19.57 -6.05 -2.80
CA CYS A 42 -18.51 -6.71 -3.60
C CYS A 42 -18.44 -6.20 -5.02
N SER A 43 -17.22 -6.07 -5.50
CA SER A 43 -16.90 -5.73 -6.87
C SER A 43 -16.50 -7.05 -7.55
N PRO A 44 -16.24 -7.08 -8.86
CA PRO A 44 -15.74 -8.23 -9.59
C PRO A 44 -14.37 -8.71 -9.11
N LEU A 45 -13.63 -7.87 -8.39
CA LEU A 45 -12.30 -8.27 -7.96
C LEU A 45 -12.17 -8.51 -6.46
N GLU A 46 -12.87 -7.73 -5.66
CA GLU A 46 -12.70 -7.78 -4.21
C GLU A 46 -13.98 -7.42 -3.47
N CYS A 47 -14.10 -7.86 -2.20
CA CYS A 47 -15.18 -7.46 -1.30
C CYS A 47 -14.62 -6.50 -0.27
N ARG A 48 -15.40 -5.48 0.06
CA ARG A 48 -14.97 -4.45 0.99
C ARG A 48 -15.99 -4.11 2.06
N GLN A 49 -15.48 -3.67 3.21
CA GLN A 49 -16.36 -3.26 4.34
C GLN A 49 -16.45 -1.74 4.42
N PHE A 50 -17.64 -1.19 4.21
CA PHE A 50 -17.92 0.23 4.23
C PHE A 50 -18.45 0.57 5.59
N PHE A 51 -18.10 1.74 6.10
CA PHE A 51 -18.62 2.14 7.40
C PHE A 51 -18.69 3.63 7.57
N LEU A 52 -19.51 4.09 8.51
CA LEU A 52 -19.50 5.49 8.82
C LEU A 52 -18.70 5.74 10.08
N THR A 53 -17.95 6.81 10.06
CA THR A 53 -17.12 7.20 11.21
C THR A 53 -17.54 8.53 11.78
N GLN A 54 -16.89 8.93 12.88
CA GLN A 54 -17.13 10.27 13.47
C GLN A 54 -15.77 10.94 13.50
N GLY A 55 -14.72 10.19 13.10
CA GLY A 55 -13.36 10.69 13.09
C GLY A 55 -12.62 10.32 14.38
N ALA A 56 -13.31 9.63 15.28
CA ALA A 56 -12.75 9.23 16.56
C ALA A 56 -12.07 7.88 16.52
N LEU A 57 -10.98 7.74 17.28
CA LEU A 57 -10.25 6.45 17.37
C LEU A 57 -10.65 5.77 18.67
N LEU A 58 -10.49 4.45 18.76
CA LEU A 58 -10.88 3.68 19.97
C LEU A 58 -9.89 4.00 21.09
N ASN A 59 -10.33 3.94 22.35
CA ASN A 59 -9.45 4.25 23.52
C ASN A 59 -8.87 5.66 23.38
N ASP A 60 -9.70 6.63 22.96
CA ASP A 60 -9.25 8.04 22.79
C ASP A 60 -9.10 8.69 24.17
N ARG A 70 -26.16 12.08 13.48
CA ARG A 70 -25.95 13.05 12.41
C ARG A 70 -25.07 14.20 12.85
N SER A 71 -24.07 14.50 12.02
CA SER A 71 -23.19 15.63 12.24
C SER A 71 -22.45 15.95 10.94
N PRO A 72 -21.99 17.20 10.76
CA PRO A 72 -21.18 17.68 9.64
C PRO A 72 -19.85 16.95 9.48
N TYR A 73 -19.44 16.21 10.49
CA TYR A 73 -18.16 15.55 10.47
C TYR A 73 -18.22 14.06 10.15
N ARG A 74 -19.41 13.51 9.89
CA ARG A 74 -19.52 12.05 9.64
C ARG A 74 -19.14 11.76 8.20
N THR A 75 -18.21 10.82 7.99
CA THR A 75 -17.79 10.44 6.66
C THR A 75 -17.90 8.94 6.42
N LEU A 76 -17.95 8.58 5.15
CA LEU A 76 -17.99 7.19 4.70
C LEU A 76 -16.61 6.75 4.26
N MET A 77 -16.13 5.66 4.86
CA MET A 77 -14.82 5.13 4.55
C MET A 77 -14.88 3.63 4.34
N SER A 78 -13.82 3.06 3.76
CA SER A 78 -13.83 1.62 3.54
C SER A 78 -12.47 0.94 3.62
N VAL A 79 -12.49 -0.34 3.98
CA VAL A 79 -11.30 -1.20 4.02
C VAL A 79 -11.61 -2.56 3.40
N PRO A 80 -10.60 -3.30 2.92
CA PRO A 80 -10.75 -4.65 2.42
C PRO A 80 -11.40 -5.52 3.48
N ILE A 81 -12.26 -6.43 3.05
CA ILE A 81 -13.00 -7.24 4.01
C ILE A 81 -12.07 -8.01 4.92
N GLY A 82 -12.36 -7.93 6.22
CA GLY A 82 -11.59 -8.64 7.24
C GLY A 82 -10.48 -7.80 7.86
N SER A 83 -10.13 -6.67 7.25
CA SER A 83 -9.06 -5.84 7.77
C SER A 83 -9.57 -4.93 8.87
N VAL A 84 -8.66 -4.54 9.76
CA VAL A 84 -8.99 -3.62 10.82
C VAL A 84 -9.23 -2.23 10.22
N PRO A 85 -10.31 -1.53 10.58
CA PRO A 85 -10.65 -0.20 10.10
C PRO A 85 -9.79 0.85 10.76
N SER A 86 -8.56 0.99 10.30
CA SER A 86 -7.61 1.92 10.90
C SER A 86 -7.44 3.14 9.99
N PRO A 87 -6.98 4.29 10.53
CA PRO A 87 -6.69 5.50 9.80
C PRO A 87 -5.57 5.33 8.81
N TYR A 88 -4.82 4.25 8.90
CA TYR A 88 -3.70 4.06 8.00
C TYR A 88 -4.01 3.09 6.88
N ASN A 89 -5.24 2.58 6.83
CA ASN A 89 -5.56 1.56 5.78
C ASN A 89 -6.88 1.91 5.11
N ALA A 90 -7.69 2.76 5.74
CA ALA A 90 -9.02 3.10 5.21
C ALA A 90 -8.93 3.99 3.98
N ARG A 91 -9.88 3.86 3.05
CA ARG A 91 -9.90 4.69 1.82
C ARG A 91 -11.14 5.58 1.88
N PHE A 92 -10.97 6.88 1.72
CA PHE A 92 -12.12 7.83 1.82
C PHE A 92 -13.11 7.59 0.68
N GLU A 93 -14.40 7.76 0.95
CA GLU A 93 -15.37 7.66 -0.13
C GLU A 93 -16.20 8.95 -0.28
N SER A 94 -16.85 9.36 0.79
CA SER A 94 -17.77 10.51 0.72
C SER A 94 -18.11 11.10 2.08
N ILE A 95 -18.84 12.21 2.08
CA ILE A 95 -19.31 12.83 3.32
C ILE A 95 -20.77 12.51 3.51
N ALA A 96 -21.11 11.90 4.65
CA ALA A 96 -22.49 11.49 4.86
C ALA A 96 -22.79 11.11 6.29
N TRP A 97 -24.04 11.32 6.71
CA TRP A 97 -24.52 10.74 7.95
C TRP A 97 -25.41 9.53 7.69
N SER A 98 -25.61 9.23 6.41
CA SER A 98 -26.36 8.08 5.92
C SER A 98 -25.84 7.75 4.54
N ALA A 99 -25.58 6.47 4.26
CA ALA A 99 -24.97 6.15 2.98
C ALA A 99 -25.19 4.72 2.50
N SER A 100 -25.04 4.54 1.20
CA SER A 100 -25.12 3.23 0.55
C SER A 100 -24.06 3.14 -0.54
N ALA A 101 -23.75 1.92 -0.98
CA ALA A 101 -22.75 1.78 -2.06
C ALA A 101 -22.89 0.46 -2.80
N CYS A 102 -22.45 0.43 -4.07
CA CYS A 102 -22.38 -0.77 -4.88
C CYS A 102 -21.47 -0.58 -6.09
N HIS A 103 -21.22 -1.65 -6.82
CA HIS A 103 -20.31 -1.59 -7.95
C HIS A 103 -21.08 -2.03 -9.18
N ASP A 104 -20.89 -1.32 -10.29
CA ASP A 104 -21.64 -1.64 -11.51
C ASP A 104 -20.87 -2.52 -12.49
N GLY A 105 -19.68 -2.96 -12.10
CA GLY A 105 -18.81 -3.76 -12.95
C GLY A 105 -17.70 -2.92 -13.57
N ILE A 106 -17.85 -1.59 -13.52
CA ILE A 106 -16.85 -0.70 -14.06
C ILE A 106 -16.19 0.08 -12.93
N ASN A 107 -17.01 0.74 -12.10
CA ASN A 107 -16.52 1.56 -11.00
C ASN A 107 -17.45 1.52 -9.79
N TRP A 108 -17.08 2.21 -8.73
CA TRP A 108 -17.93 2.31 -7.55
C TRP A 108 -18.94 3.44 -7.65
N LEU A 109 -20.16 3.13 -7.27
CA LEU A 109 -21.22 4.11 -7.13
C LEU A 109 -21.52 4.26 -5.66
N THR A 110 -21.46 5.48 -5.16
CA THR A 110 -21.77 5.69 -3.77
C THR A 110 -22.80 6.78 -3.63
N ILE A 111 -23.66 6.64 -2.63
CA ILE A 111 -24.64 7.66 -2.36
C ILE A 111 -24.51 8.09 -0.93
N GLY A 112 -24.41 9.41 -0.70
CA GLY A 112 -24.19 9.91 0.66
C GLY A 112 -25.05 11.11 0.98
N ILE A 113 -25.81 11.04 2.08
CA ILE A 113 -26.76 12.14 2.44
C ILE A 113 -26.08 13.03 3.47
N THR A 114 -25.91 14.32 3.16
CA THR A 114 -25.33 15.27 4.12
C THR A 114 -26.18 16.54 4.12
N GLY A 115 -25.98 17.42 5.11
CA GLY A 115 -26.72 18.65 5.22
C GLY A 115 -27.80 18.58 6.29
N PRO A 116 -28.63 19.62 6.39
CA PRO A 116 -29.66 19.89 7.39
C PRO A 116 -30.75 18.85 7.46
N ASP A 117 -31.28 18.65 8.66
CA ASP A 117 -32.37 17.72 8.89
C ASP A 117 -33.62 18.11 8.10
N SER A 118 -33.76 19.41 7.86
CA SER A 118 -34.90 19.99 7.17
C SER A 118 -34.59 20.39 5.73
N GLY A 119 -33.42 19.93 5.25
CA GLY A 119 -32.97 20.24 3.88
C GLY A 119 -31.81 19.35 3.46
N ALA A 120 -31.93 18.03 3.60
CA ALA A 120 -30.77 17.15 3.32
C ALA A 120 -30.62 16.88 1.81
N VAL A 121 -29.37 16.77 1.33
CA VAL A 121 -29.12 16.49 -0.12
C VAL A 121 -28.31 15.21 -0.23
N ALA A 122 -28.71 14.28 -1.11
CA ALA A 122 -27.92 13.05 -1.32
C ALA A 122 -26.96 13.30 -2.49
N ILE A 123 -25.66 13.20 -2.25
CA ILE A 123 -24.66 13.51 -3.29
C ILE A 123 -24.24 12.20 -3.95
N LEU A 124 -24.48 12.06 -5.25
CA LEU A 124 -24.16 10.83 -5.95
C LEU A 124 -22.79 10.94 -6.57
N LYS A 125 -21.91 10.02 -6.20
CA LYS A 125 -20.58 9.99 -6.77
C LYS A 125 -20.34 8.77 -7.62
N TYR A 126 -19.59 8.96 -8.69
CA TYR A 126 -19.21 7.85 -9.52
C TYR A 126 -17.73 7.89 -9.76
N ASN A 127 -17.03 6.87 -9.30
CA ASN A 127 -15.58 6.80 -9.41
C ASN A 127 -14.91 8.02 -8.80
N GLY A 128 -15.44 8.51 -7.69
CA GLY A 128 -14.86 9.64 -6.96
C GLY A 128 -15.32 11.02 -7.46
N ILE A 129 -16.06 11.06 -8.55
CA ILE A 129 -16.49 12.33 -9.13
C ILE A 129 -17.96 12.61 -8.83
N ILE A 130 -18.30 13.82 -8.41
CA ILE A 130 -19.71 14.10 -8.18
C ILE A 130 -20.41 14.19 -9.52
N THR A 131 -21.48 13.41 -9.68
CA THR A 131 -22.21 13.39 -10.94
C THR A 131 -23.64 13.89 -10.82
N ASP A 132 -24.26 13.73 -9.67
CA ASP A 132 -25.64 14.19 -9.54
C ASP A 132 -26.02 14.40 -8.09
N THR A 133 -27.21 14.98 -7.84
CA THR A 133 -27.69 15.17 -6.46
C THR A 133 -29.22 15.03 -6.40
N ILE A 134 -29.77 14.55 -5.29
CA ILE A 134 -31.24 14.48 -5.10
C ILE A 134 -31.57 15.32 -3.86
N LYS A 135 -32.53 16.23 -3.95
CA LYS A 135 -32.80 17.10 -2.78
C LYS A 135 -34.05 16.59 -2.07
N SER A 136 -34.12 16.78 -0.75
CA SER A 136 -35.24 16.29 0.08
C SER A 136 -36.58 16.82 -0.42
N TRP A 137 -37.40 15.95 -0.97
CA TRP A 137 -38.76 16.35 -1.44
C TRP A 137 -39.68 16.75 -0.28
N ARG A 138 -39.67 16.02 0.84
CA ARG A 138 -40.62 16.27 1.97
C ARG A 138 -39.93 17.02 3.12
N ASN A 139 -38.65 17.36 2.97
CA ASN A 139 -37.91 18.14 4.01
C ASN A 139 -37.95 17.44 5.38
N ASN A 140 -37.83 16.11 5.43
CA ASN A 140 -37.77 15.42 6.75
C ASN A 140 -36.74 14.28 6.74
N ILE A 141 -35.53 14.51 7.26
CA ILE A 141 -34.45 13.54 7.33
C ILE A 141 -34.38 12.66 6.09
N LEU A 142 -33.85 13.19 4.99
CA LEU A 142 -33.62 12.34 3.79
C LEU A 142 -32.69 11.19 4.20
N ARG A 143 -33.07 9.94 3.97
CA ARG A 143 -32.25 8.80 4.37
C ARG A 143 -32.31 7.65 3.37
N THR A 144 -31.27 6.80 3.38
CA THR A 144 -31.14 5.73 2.39
C THR A 144 -31.05 4.33 3.02
N GLN A 145 -30.68 3.36 2.19
CA GLN A 145 -30.66 1.94 2.51
C GLN A 145 -29.68 1.48 3.59
N GLU A 146 -28.55 2.15 3.73
CA GLU A 146 -27.53 1.68 4.65
C GLU A 146 -27.11 0.25 4.34
N SER A 147 -26.95 -0.06 3.06
CA SER A 147 -26.54 -1.37 2.61
C SER A 147 -25.99 -1.31 1.20
N GLU A 148 -25.85 -2.48 0.59
CA GLU A 148 -25.41 -2.56 -0.80
C GLU A 148 -26.59 -2.23 -1.71
N CYS A 149 -26.35 -1.43 -2.76
CA CYS A 149 -27.36 -1.14 -3.79
C CYS A 149 -27.27 -2.21 -4.88
N ALA A 150 -28.36 -2.45 -5.59
CA ALA A 150 -28.39 -3.58 -6.51
C ALA A 150 -28.17 -3.16 -7.97
N CYS A 151 -27.16 -3.76 -8.62
CA CYS A 151 -26.85 -3.44 -10.03
C CYS A 151 -27.21 -4.58 -10.94
N VAL A 152 -28.11 -4.29 -11.90
CA VAL A 152 -28.47 -5.23 -13.00
C VAL A 152 -28.26 -4.47 -14.31
N ASN A 153 -27.43 -5.00 -15.18
CA ASN A 153 -27.24 -4.50 -16.57
C ASN A 153 -26.78 -3.05 -16.53
N GLY A 154 -25.62 -2.79 -15.92
CA GLY A 154 -24.93 -1.49 -16.02
C GLY A 154 -25.59 -0.48 -15.12
N SER A 155 -26.89 -0.65 -14.90
CA SER A 155 -27.67 0.29 -14.09
C SER A 155 -27.88 -0.22 -12.65
N CYS A 156 -27.86 0.70 -11.68
CA CYS A 156 -28.01 0.38 -10.25
C CYS A 156 -29.29 0.95 -9.68
N PHE A 157 -29.89 0.22 -8.75
CA PHE A 157 -31.15 0.62 -8.16
C PHE A 157 -31.07 0.87 -6.67
N THR A 158 -31.81 1.86 -6.22
CA THR A 158 -31.86 2.19 -4.80
C THR A 158 -33.23 2.68 -4.35
N ILE A 159 -33.51 2.51 -3.06
CA ILE A 159 -34.75 2.99 -2.46
C ILE A 159 -34.44 4.05 -1.41
N MET A 160 -35.06 5.22 -1.54
CA MET A 160 -34.79 6.34 -0.60
C MET A 160 -36.10 6.84 0.02
N THR A 161 -36.08 7.26 1.28
CA THR A 161 -37.27 7.75 1.97
C THR A 161 -37.10 9.14 2.55
N ASP A 162 -38.23 9.82 2.77
CA ASP A 162 -38.22 11.18 3.35
C ASP A 162 -39.51 11.38 4.15
N GLY A 163 -39.41 11.62 5.45
CA GLY A 163 -40.61 11.81 6.30
C GLY A 163 -40.47 11.15 7.66
N PRO A 164 -41.58 10.86 8.38
CA PRO A 164 -41.50 10.28 9.73
C PRO A 164 -41.29 8.77 9.90
N SER A 165 -40.49 8.38 10.89
CA SER A 165 -40.09 7.00 11.17
C SER A 165 -41.14 6.27 12.01
N ASP A 166 -42.23 6.96 12.30
CA ASP A 166 -43.30 6.43 13.13
C ASP A 166 -44.67 6.68 12.49
N GLY A 167 -44.67 6.95 11.19
CA GLY A 167 -45.89 7.27 10.47
C GLY A 167 -45.70 7.07 8.99
N GLN A 168 -46.41 7.85 8.18
CA GLN A 168 -46.35 7.62 6.71
C GLN A 168 -45.43 8.65 6.07
N ALA A 169 -44.46 8.19 5.28
CA ALA A 169 -43.45 9.08 4.65
C ALA A 169 -43.39 8.72 3.16
N SER A 170 -42.83 9.60 2.33
CA SER A 170 -42.84 9.34 0.88
C SER A 170 -41.67 8.43 0.50
N TYR A 171 -41.91 7.43 -0.37
CA TYR A 171 -40.80 6.62 -0.84
C TYR A 171 -40.59 6.78 -2.32
N LYS A 172 -39.33 6.72 -2.74
CA LYS A 172 -39.00 6.74 -4.16
C LYS A 172 -38.02 5.64 -4.53
N ILE A 173 -38.20 5.11 -5.73
CA ILE A 173 -37.31 4.09 -6.27
C ILE A 173 -36.54 4.72 -7.41
N PHE A 174 -35.23 4.58 -7.40
CA PHE A 174 -34.41 5.21 -8.41
C PHE A 174 -33.61 4.25 -9.26
N ARG A 175 -33.39 4.63 -10.51
CA ARG A 175 -32.48 3.93 -11.41
C ARG A 175 -31.36 4.88 -11.81
N ILE A 176 -30.14 4.49 -11.46
CA ILE A 176 -28.95 5.29 -11.67
C ILE A 176 -27.99 4.67 -12.68
N GLU A 177 -27.58 5.46 -13.65
CA GLU A 177 -26.62 5.00 -14.64
C GLU A 177 -25.39 5.89 -14.66
N LYS A 178 -24.25 5.30 -14.32
CA LYS A 178 -22.98 6.03 -14.26
C LYS A 178 -23.07 7.28 -13.40
N GLY A 179 -23.78 7.19 -12.28
CA GLY A 179 -23.88 8.31 -11.37
C GLY A 179 -25.03 9.27 -11.65
N LYS A 180 -25.73 9.09 -12.76
CA LYS A 180 -26.84 9.98 -13.10
C LYS A 180 -28.18 9.36 -12.79
N ILE A 181 -29.12 10.16 -12.31
CA ILE A 181 -30.47 9.61 -12.14
C ILE A 181 -31.20 9.73 -13.46
N ILE A 182 -31.62 8.61 -14.00
CA ILE A 182 -32.29 8.61 -15.29
C ILE A 182 -33.79 8.38 -15.13
N LYS A 183 -34.16 7.56 -14.16
CA LYS A 183 -35.59 7.20 -13.98
C LYS A 183 -35.92 7.07 -12.49
N SER A 184 -37.02 7.67 -12.04
CA SER A 184 -37.43 7.56 -10.66
C SER A 184 -38.94 7.50 -10.58
N VAL A 185 -39.45 6.78 -9.58
CA VAL A 185 -40.88 6.74 -9.35
C VAL A 185 -41.22 6.94 -7.89
N GLU A 186 -42.37 7.52 -7.63
CA GLU A 186 -42.85 7.62 -6.26
C GLU A 186 -43.82 6.48 -6.00
N MET A 187 -43.61 5.77 -4.91
CA MET A 187 -44.44 4.62 -4.61
C MET A 187 -45.78 5.00 -4.03
N LYS A 188 -46.80 4.28 -4.45
CA LYS A 188 -48.12 4.42 -3.84
C LYS A 188 -48.29 3.24 -2.91
N ALA A 189 -47.97 3.45 -1.63
CA ALA A 189 -47.92 2.33 -0.72
C ALA A 189 -48.44 2.70 0.67
N PRO A 190 -49.74 3.00 0.79
CA PRO A 190 -50.36 3.45 2.00
C PRO A 190 -50.29 2.34 3.03
N ASN A 191 -49.99 2.70 4.27
CA ASN A 191 -49.90 1.79 5.40
C ASN A 191 -48.67 0.90 5.32
N TYR A 192 -47.78 1.15 4.37
CA TYR A 192 -46.51 0.44 4.32
C TYR A 192 -45.40 1.33 4.82
N HIS A 193 -44.39 0.70 5.38
CA HIS A 193 -43.26 1.44 5.89
C HIS A 193 -42.01 0.70 5.41
N TYR A 194 -41.15 1.40 4.69
CA TYR A 194 -39.98 0.79 4.08
C TYR A 194 -38.68 1.49 4.39
N GLU A 195 -38.17 1.33 5.60
CA GLU A 195 -36.91 1.97 5.93
C GLU A 195 -35.74 1.01 5.83
N GLU A 196 -34.56 1.55 5.57
CA GLU A 196 -33.34 0.74 5.64
C GLU A 196 -33.46 -0.58 4.86
N CYS A 197 -33.89 -0.49 3.60
CA CYS A 197 -34.14 -1.65 2.73
C CYS A 197 -32.86 -2.38 2.36
N SER A 198 -32.92 -3.71 2.41
CA SER A 198 -31.82 -4.55 1.98
C SER A 198 -32.23 -5.20 0.66
N CYS A 199 -31.48 -4.89 -0.40
CA CYS A 199 -31.86 -5.26 -1.81
C CYS A 199 -30.86 -6.17 -2.46
N TYR A 200 -31.33 -7.09 -3.28
CA TYR A 200 -30.46 -7.92 -4.09
C TYR A 200 -31.08 -8.16 -5.47
N PRO A 201 -30.26 -8.32 -6.51
CA PRO A 201 -30.64 -8.70 -7.86
C PRO A 201 -30.99 -10.16 -7.93
N ASP A 202 -31.96 -10.51 -8.76
CA ASP A 202 -32.33 -11.90 -8.96
C ASP A 202 -33.04 -12.08 -10.31
N SER A 203 -32.37 -12.71 -11.27
CA SER A 203 -32.97 -12.91 -12.60
C SER A 203 -33.47 -11.63 -13.24
N SER A 204 -32.61 -10.61 -13.24
CA SER A 204 -32.88 -9.30 -13.83
C SER A 204 -33.88 -8.42 -13.06
N GLU A 205 -34.42 -8.93 -11.95
CA GLU A 205 -35.34 -8.17 -11.11
C GLU A 205 -34.68 -7.75 -9.81
N ILE A 206 -35.24 -6.74 -9.16
CA ILE A 206 -34.73 -6.35 -7.86
C ILE A 206 -35.72 -6.73 -6.76
N THR A 207 -35.24 -7.42 -5.75
CA THR A 207 -36.10 -7.80 -4.61
C THR A 207 -35.54 -7.17 -3.33
N CYS A 208 -36.38 -6.46 -2.57
CA CYS A 208 -35.97 -5.77 -1.35
C CYS A 208 -36.86 -6.14 -0.16
N VAL A 209 -36.21 -6.38 0.98
CA VAL A 209 -36.91 -6.64 2.24
C VAL A 209 -36.49 -5.53 3.22
N CYS A 210 -37.48 -4.80 3.76
CA CYS A 210 -37.25 -3.58 4.52
C CYS A 210 -37.69 -3.67 5.97
N ARG A 211 -37.40 -2.60 6.72
CA ARG A 211 -37.76 -2.47 8.12
C ARG A 211 -39.08 -1.73 8.31
N ASP A 212 -40.03 -2.38 8.97
CA ASP A 212 -41.29 -1.72 9.30
C ASP A 212 -41.18 -1.20 10.71
N ASN A 213 -41.01 0.11 10.87
CA ASN A 213 -40.75 0.65 12.20
C ASN A 213 -42.04 1.24 12.77
N ASN A 218 -43.46 -8.46 11.46
CA ASN A 218 -43.03 -9.19 10.29
C ASN A 218 -42.37 -8.19 9.36
N ARG A 219 -41.95 -8.68 8.18
CA ARG A 219 -41.16 -7.85 7.23
C ARG A 219 -41.88 -7.52 5.91
N PRO A 220 -42.03 -6.23 5.53
CA PRO A 220 -42.56 -5.84 4.24
C PRO A 220 -41.52 -6.01 3.16
N TRP A 221 -41.97 -6.23 1.95
CA TRP A 221 -41.08 -6.29 0.82
C TRP A 221 -41.64 -5.57 -0.38
N VAL A 222 -40.73 -5.17 -1.25
CA VAL A 222 -41.07 -4.60 -2.54
C VAL A 222 -40.17 -5.21 -3.58
N SER A 223 -40.71 -5.45 -4.76
CA SER A 223 -39.88 -5.94 -5.84
C SER A 223 -40.22 -5.16 -7.08
N PHE A 224 -39.25 -5.04 -7.97
CA PHE A 224 -39.48 -4.27 -9.18
C PHE A 224 -38.59 -4.64 -10.34
N ASN A 225 -39.04 -4.26 -11.53
CA ASN A 225 -38.28 -4.48 -12.75
C ASN A 225 -37.47 -3.25 -13.11
N GLN A 226 -36.82 -3.28 -14.26
CA GLN A 226 -35.90 -2.23 -14.64
C GLN A 226 -36.60 -0.99 -15.18
N ASN A 227 -37.93 -1.07 -15.30
CA ASN A 227 -38.73 0.06 -15.74
C ASN A 227 -39.40 0.67 -14.52
N LEU A 228 -38.99 0.18 -13.35
CA LEU A 228 -39.49 0.61 -12.06
C LEU A 228 -40.95 0.31 -11.83
N GLU A 229 -41.45 -0.78 -12.42
CA GLU A 229 -42.80 -1.22 -12.11
C GLU A 229 -42.66 -2.09 -10.87
N TYR A 230 -43.54 -1.89 -9.89
CA TYR A 230 -43.36 -2.57 -8.61
C TYR A 230 -44.59 -3.27 -8.06
N GLN A 231 -44.29 -4.24 -7.19
CA GLN A 231 -45.35 -5.01 -6.48
C GLN A 231 -44.89 -5.05 -5.02
N MET A 232 -45.80 -5.26 -4.07
CA MET A 232 -45.46 -5.31 -2.65
C MET A 232 -46.37 -6.18 -1.81
N GLY A 233 -45.92 -6.47 -0.60
CA GLY A 233 -46.67 -7.24 0.38
C GLY A 233 -45.78 -7.54 1.58
N TYR A 234 -46.24 -8.38 2.49
CA TYR A 234 -45.43 -8.79 3.63
C TYR A 234 -45.01 -10.23 3.46
N ILE A 235 -43.91 -10.62 4.11
CA ILE A 235 -43.55 -12.03 4.11
C ILE A 235 -44.58 -12.70 5.01
N CYS A 236 -45.36 -13.65 4.44
CA CYS A 236 -46.53 -14.26 5.07
C CYS A 236 -46.15 -15.14 6.26
N SER A 237 -44.96 -15.72 6.24
CA SER A 237 -44.50 -16.67 7.25
C SER A 237 -44.75 -16.23 8.68
N GLY A 238 -45.15 -17.20 9.51
CA GLY A 238 -45.37 -16.96 10.94
C GLY A 238 -44.04 -16.78 11.65
N VAL A 239 -42.95 -17.10 10.96
CA VAL A 239 -41.64 -16.94 11.54
C VAL A 239 -41.26 -15.49 11.39
N SER A 252 -49.25 -13.43 8.71
CA SER A 252 -50.16 -12.67 7.85
C SER A 252 -49.42 -12.12 6.65
N CYS A 253 -50.11 -12.01 5.52
CA CYS A 253 -49.55 -11.49 4.28
C CYS A 253 -49.64 -9.95 4.29
N GLY A 254 -50.25 -9.44 5.35
CA GLY A 254 -50.35 -8.02 5.63
C GLY A 254 -49.48 -7.77 6.87
N PRO A 255 -49.54 -6.57 7.44
CA PRO A 255 -48.79 -6.17 8.62
C PRO A 255 -49.28 -6.85 9.88
N VAL A 256 -48.35 -7.15 10.78
CA VAL A 256 -48.71 -7.62 12.11
C VAL A 256 -48.40 -6.55 13.14
N ASN A 262 -41.25 0.11 16.24
CA ASN A 262 -39.77 0.03 16.36
C ASN A 262 -39.29 -1.12 15.46
N GLY A 263 -38.01 -1.48 15.56
CA GLY A 263 -37.52 -2.60 14.76
C GLY A 263 -36.02 -2.59 14.58
N VAL A 264 -35.55 -3.51 13.78
CA VAL A 264 -34.14 -3.66 13.44
C VAL A 264 -34.00 -3.98 11.94
N LYS A 265 -32.95 -3.48 11.31
CA LYS A 265 -32.67 -3.79 9.91
C LYS A 265 -32.44 -5.28 9.77
N GLY A 266 -32.95 -5.88 8.70
CA GLY A 266 -32.73 -7.29 8.47
C GLY A 266 -32.85 -7.65 7.01
N PHE A 267 -32.85 -8.95 6.73
CA PHE A 267 -32.90 -9.41 5.36
C PHE A 267 -33.60 -10.75 5.25
N SER A 268 -34.00 -11.07 4.04
CA SER A 268 -34.63 -12.33 3.74
C SER A 268 -34.45 -12.67 2.27
N PHE A 269 -34.23 -13.94 1.97
CA PHE A 269 -34.05 -14.36 0.58
C PHE A 269 -35.22 -15.17 0.06
N LYS A 270 -35.65 -14.85 -1.16
CA LYS A 270 -36.77 -15.53 -1.81
C LYS A 270 -36.35 -16.62 -2.81
N TYR A 271 -36.88 -17.82 -2.61
CA TYR A 271 -36.67 -18.97 -3.49
C TYR A 271 -37.99 -19.60 -3.89
N GLY A 272 -38.63 -19.07 -4.91
CA GLY A 272 -39.98 -19.51 -5.23
C GLY A 272 -40.87 -19.14 -4.06
N ASN A 273 -41.57 -20.13 -3.50
CA ASN A 273 -42.45 -19.83 -2.38
C ASN A 273 -41.74 -19.97 -1.05
N GLY A 274 -40.49 -20.39 -1.08
CA GLY A 274 -39.73 -20.59 0.14
C GLY A 274 -38.95 -19.35 0.52
N VAL A 275 -38.68 -19.19 1.80
CA VAL A 275 -37.93 -18.03 2.24
C VAL A 275 -36.91 -18.34 3.34
N TRP A 276 -35.73 -17.73 3.24
CA TRP A 276 -34.75 -17.77 4.32
C TRP A 276 -34.85 -16.49 5.12
N ILE A 277 -35.20 -16.61 6.39
CA ILE A 277 -35.38 -15.44 7.23
C ILE A 277 -34.29 -15.35 8.28
N GLY A 278 -33.60 -14.22 8.33
CA GLY A 278 -32.61 -14.05 9.39
C GLY A 278 -33.29 -13.34 10.55
N ARG A 279 -32.96 -13.72 11.77
CA ARG A 279 -33.52 -13.05 12.93
C ARG A 279 -32.74 -13.30 14.20
N THR A 280 -33.01 -12.52 15.23
CA THR A 280 -32.43 -12.71 16.54
C THR A 280 -33.17 -13.82 17.27
N LYS A 281 -32.63 -14.28 18.40
CA LYS A 281 -33.29 -15.35 19.15
C LYS A 281 -34.22 -14.80 20.22
N SER A 282 -33.91 -13.61 20.70
CA SER A 282 -34.73 -12.96 21.71
C SER A 282 -35.82 -12.12 21.05
N ILE A 283 -36.97 -12.03 21.70
CA ILE A 283 -38.07 -11.23 21.15
C ILE A 283 -38.18 -9.89 21.84
N SER A 284 -37.38 -9.71 22.89
CA SER A 284 -37.39 -8.49 23.68
C SER A 284 -36.08 -7.72 23.60
N SER A 285 -35.06 -8.34 23.03
CA SER A 285 -33.74 -7.72 22.94
C SER A 285 -33.00 -8.18 21.71
N ARG A 286 -32.00 -7.43 21.29
CA ARG A 286 -31.21 -7.82 20.13
C ARG A 286 -30.08 -8.78 20.51
N LYS A 287 -30.46 -10.00 20.87
CA LYS A 287 -29.51 -11.05 21.25
C LYS A 287 -29.68 -12.31 20.41
N GLY A 288 -28.56 -12.92 20.08
CA GLY A 288 -28.53 -14.15 19.30
C GLY A 288 -28.79 -13.88 17.83
N PHE A 289 -28.60 -14.90 17.01
CA PHE A 289 -28.92 -14.81 15.59
C PHE A 289 -29.08 -16.21 15.00
N GLU A 290 -30.13 -16.41 14.23
CA GLU A 290 -30.36 -17.69 13.58
C GLU A 290 -30.95 -17.54 12.19
N MET A 291 -30.67 -18.51 11.34
CA MET A 291 -31.29 -18.56 10.01
C MET A 291 -32.33 -19.64 9.94
N ILE A 292 -33.53 -19.28 9.49
CA ILE A 292 -34.60 -20.26 9.35
C ILE A 292 -35.11 -20.40 7.94
N TRP A 293 -35.15 -21.65 7.48
CA TRP A 293 -35.66 -21.97 6.16
C TRP A 293 -37.07 -22.50 6.20
N ASP A 294 -37.98 -21.71 5.64
CA ASP A 294 -39.40 -21.99 5.58
C ASP A 294 -39.85 -22.18 4.12
N PRO A 295 -40.01 -23.43 3.65
CA PRO A 295 -40.32 -23.80 2.27
C PRO A 295 -41.57 -23.15 1.71
N ASN A 296 -42.48 -22.69 2.57
CA ASN A 296 -43.70 -22.07 2.06
C ASN A 296 -43.95 -20.71 2.70
N GLY A 297 -42.92 -20.12 3.29
CA GLY A 297 -43.07 -18.91 4.07
C GLY A 297 -43.30 -17.63 3.26
N TRP A 298 -42.95 -17.62 1.98
CA TRP A 298 -43.14 -16.37 1.26
C TRP A 298 -44.63 -16.06 1.14
N THR A 299 -45.42 -17.09 0.80
CA THR A 299 -46.84 -16.94 0.55
C THR A 299 -47.76 -17.55 1.62
N GLY A 300 -47.23 -18.44 2.46
CA GLY A 300 -48.05 -19.11 3.47
C GLY A 300 -47.95 -18.43 4.82
N THR A 301 -48.96 -18.61 5.67
CA THR A 301 -48.97 -17.99 6.99
C THR A 301 -48.68 -18.96 8.13
N ASP A 302 -48.39 -20.20 7.80
CA ASP A 302 -48.12 -21.18 8.83
C ASP A 302 -46.75 -20.87 9.47
N ASN A 303 -46.52 -21.41 10.67
CA ASN A 303 -45.29 -21.18 11.42
C ASN A 303 -44.38 -22.39 11.47
N LYS A 304 -44.49 -23.23 10.43
CA LYS A 304 -43.66 -24.46 10.36
C LYS A 304 -42.42 -24.16 9.50
N PHE A 305 -41.27 -24.73 9.87
CA PHE A 305 -40.04 -24.55 9.13
C PHE A 305 -39.29 -25.86 9.12
N SER A 306 -38.31 -25.99 8.22
CA SER A 306 -37.57 -27.23 8.13
C SER A 306 -36.17 -27.14 8.71
N ILE A 307 -35.48 -26.04 8.45
CA ILE A 307 -34.09 -25.96 8.88
C ILE A 307 -33.79 -24.74 9.72
N LYS A 308 -33.15 -24.96 10.86
CA LYS A 308 -32.70 -23.85 11.70
C LYS A 308 -31.21 -23.98 11.96
N GLN A 309 -30.44 -22.99 11.52
CA GLN A 309 -28.98 -22.98 11.81
C GLN A 309 -28.73 -21.86 12.82
N ASP A 310 -27.62 -21.92 13.55
CA ASP A 310 -27.32 -20.90 14.59
C ASP A 310 -26.13 -20.06 14.12
N ILE A 311 -26.29 -18.74 14.07
CA ILE A 311 -25.14 -17.86 13.70
C ILE A 311 -24.52 -17.29 14.98
N VAL A 312 -25.36 -16.74 15.87
CA VAL A 312 -24.87 -16.16 17.16
C VAL A 312 -25.60 -16.82 18.33
N GLY A 313 -24.88 -17.20 19.40
CA GLY A 313 -25.51 -17.75 20.59
C GLY A 313 -26.39 -16.72 21.28
N ILE A 314 -27.41 -17.19 21.98
CA ILE A 314 -28.34 -16.28 22.67
C ILE A 314 -27.67 -15.53 23.80
N ASN A 315 -26.51 -16.02 24.24
CA ASN A 315 -25.77 -15.39 25.31
C ASN A 315 -24.89 -14.26 24.82
N GLU A 316 -24.92 -14.00 23.52
CA GLU A 316 -24.11 -12.93 22.94
C GLU A 316 -25.01 -11.89 22.28
N TRP A 317 -24.55 -10.65 22.31
CA TRP A 317 -25.28 -9.58 21.67
C TRP A 317 -25.11 -9.65 20.17
N SER A 318 -26.19 -9.36 19.44
CA SER A 318 -26.09 -9.29 18.00
C SER A 318 -26.41 -7.89 17.56
N GLY A 319 -27.45 -7.73 16.74
CA GLY A 319 -27.74 -6.38 16.25
C GLY A 319 -28.35 -6.37 14.87
N TYR A 320 -27.98 -5.31 14.13
CA TYR A 320 -28.49 -5.09 12.76
C TYR A 320 -27.88 -6.08 11.79
N SER A 321 -28.63 -6.47 10.77
CA SER A 321 -28.11 -7.37 9.75
C SER A 321 -28.57 -6.95 8.37
N GLY A 322 -27.94 -7.52 7.36
CA GLY A 322 -28.34 -7.21 5.98
C GLY A 322 -27.68 -8.13 4.99
N SER A 323 -28.09 -8.04 3.73
CA SER A 323 -27.58 -8.92 2.69
C SER A 323 -26.70 -8.21 1.68
N PHE A 324 -25.92 -9.00 0.98
CA PHE A 324 -25.10 -8.55 -0.14
C PHE A 324 -24.89 -9.73 -1.05
N VAL A 325 -24.43 -9.51 -2.27
CA VAL A 325 -24.23 -10.68 -3.12
C VAL A 325 -22.88 -10.76 -3.79
N MET A 326 -22.51 -11.97 -4.17
CA MET A 326 -21.32 -12.21 -4.96
C MET A 326 -21.70 -12.66 -6.36
N HIS A 327 -21.52 -11.78 -7.32
CA HIS A 327 -21.89 -12.01 -8.71
C HIS A 327 -20.98 -13.01 -9.41
N PRO A 328 -21.46 -13.71 -10.45
CA PRO A 328 -20.72 -14.61 -11.32
C PRO A 328 -19.40 -14.03 -11.80
N GLU A 329 -19.35 -12.74 -12.07
CA GLU A 329 -18.12 -12.10 -12.52
C GLU A 329 -17.00 -12.21 -11.48
N LEU A 330 -17.38 -12.42 -10.22
CA LEU A 330 -16.45 -12.56 -9.10
C LEU A 330 -16.25 -14.03 -8.70
N THR A 331 -17.33 -14.82 -8.74
CA THR A 331 -17.29 -16.19 -8.22
C THR A 331 -16.93 -17.26 -9.25
N GLY A 332 -17.14 -16.99 -10.54
CA GLY A 332 -16.87 -17.97 -11.57
C GLY A 332 -18.01 -18.97 -11.74
N LEU A 333 -19.12 -18.71 -11.07
CA LEU A 333 -20.27 -19.60 -11.10
C LEU A 333 -21.33 -19.11 -12.07
N ASP A 334 -22.35 -19.93 -12.29
CA ASP A 334 -23.46 -19.60 -13.18
C ASP A 334 -24.71 -19.04 -12.49
N CYS A 335 -24.58 -18.59 -11.23
CA CYS A 335 -25.68 -18.04 -10.43
C CYS A 335 -25.11 -17.01 -9.44
N ILE A 336 -26.01 -16.28 -8.78
CA ILE A 336 -25.60 -15.25 -7.82
C ILE A 336 -25.56 -15.81 -6.41
N VAL A 337 -24.41 -15.73 -5.75
CA VAL A 337 -24.29 -16.32 -4.42
C VAL A 337 -24.72 -15.33 -3.33
N PRO A 338 -25.74 -15.66 -2.53
CA PRO A 338 -26.24 -14.84 -1.46
C PRO A 338 -25.27 -14.89 -0.29
N CYS A 339 -25.08 -13.74 0.39
CA CYS A 339 -24.27 -13.62 1.58
C CYS A 339 -24.92 -12.60 2.55
N PHE A 340 -24.50 -12.61 3.80
CA PHE A 340 -25.05 -11.64 4.73
C PHE A 340 -24.07 -11.27 5.83
N TRP A 341 -24.37 -10.16 6.51
CA TRP A 341 -23.56 -9.71 7.62
C TRP A 341 -24.40 -9.37 8.84
N VAL A 342 -23.75 -9.47 10.00
CA VAL A 342 -24.37 -9.09 11.25
C VAL A 342 -23.44 -8.13 12.01
N GLU A 343 -24.01 -7.02 12.47
CA GLU A 343 -23.28 -6.05 13.27
C GLU A 343 -23.40 -6.46 14.73
N LEU A 344 -22.27 -6.61 15.39
CA LEU A 344 -22.27 -7.01 16.78
C LEU A 344 -22.07 -5.76 17.64
N ILE A 345 -23.12 -5.39 18.36
CA ILE A 345 -23.17 -4.13 19.09
C ILE A 345 -22.61 -4.23 20.50
N THR A 356 -21.83 2.14 20.23
CA THR A 356 -21.57 2.20 18.76
C THR A 356 -21.48 0.77 18.22
N SER A 357 -20.50 0.52 17.34
CA SER A 357 -20.36 -0.82 16.71
C SER A 357 -19.04 -1.43 17.15
N GLY A 358 -19.06 -2.69 17.57
CA GLY A 358 -17.80 -3.35 17.92
C GLY A 358 -17.23 -4.21 16.81
N SER A 359 -18.01 -5.15 16.27
CA SER A 359 -17.43 -6.09 15.28
C SER A 359 -18.41 -6.37 14.15
N SER A 360 -17.90 -6.82 13.00
CA SER A 360 -18.80 -7.21 11.89
C SER A 360 -18.41 -8.55 11.29
N ILE A 361 -19.23 -9.57 11.51
CA ILE A 361 -19.06 -10.91 10.99
C ILE A 361 -19.90 -11.11 9.74
N SER A 362 -19.46 -11.99 8.86
CA SER A 362 -20.24 -12.27 7.66
C SER A 362 -20.13 -13.72 7.23
N PHE A 363 -21.19 -14.16 6.53
CA PHE A 363 -21.29 -15.56 6.08
C PHE A 363 -21.83 -15.63 4.64
N CYS A 364 -21.49 -16.67 3.90
CA CYS A 364 -22.00 -16.95 2.54
C CYS A 364 -22.62 -18.31 2.48
N GLY A 365 -23.59 -18.47 1.60
CA GLY A 365 -24.26 -19.75 1.46
C GLY A 365 -23.44 -20.78 0.72
N VAL A 366 -23.60 -22.03 1.13
CA VAL A 366 -23.01 -23.18 0.47
C VAL A 366 -24.05 -24.27 0.30
N ASN A 367 -23.77 -25.24 -0.56
CA ASN A 367 -24.63 -26.42 -0.72
C ASN A 367 -24.00 -27.66 -0.13
N SER A 368 -22.95 -27.45 0.65
CA SER A 368 -22.21 -28.53 1.28
C SER A 368 -22.54 -28.59 2.75
N ASP A 369 -21.92 -29.52 3.49
CA ASP A 369 -22.28 -29.68 4.93
C ASP A 369 -21.71 -28.57 5.82
N THR A 370 -22.56 -27.91 6.61
CA THR A 370 -22.11 -26.84 7.56
C THR A 370 -22.81 -27.03 8.91
N VAL A 371 -22.18 -26.62 10.01
CA VAL A 371 -22.76 -26.86 11.37
C VAL A 371 -23.26 -25.55 11.99
N GLY A 372 -23.93 -25.62 13.14
CA GLY A 372 -24.37 -24.41 13.86
C GLY A 372 -23.19 -23.70 14.50
N TRP A 373 -23.20 -22.37 14.48
CA TRP A 373 -22.11 -21.56 15.09
C TRP A 373 -22.64 -20.91 16.38
N SER A 374 -21.94 -21.05 17.50
CA SER A 374 -22.36 -20.39 18.77
C SER A 374 -21.92 -18.93 18.76
N VAL B 1 -1.01 -18.75 -15.34
CA VAL B 1 -0.32 -19.96 -15.78
C VAL B 1 -0.33 -20.98 -14.65
N LYS B 2 -0.95 -22.15 -14.88
CA LYS B 2 -1.05 -23.23 -13.89
C LYS B 2 0.33 -23.82 -13.57
N LEU B 3 0.59 -24.05 -12.29
CA LEU B 3 1.86 -24.64 -11.91
C LEU B 3 1.95 -26.06 -12.42
N ALA B 4 3.11 -26.43 -12.94
CA ALA B 4 3.32 -27.79 -13.43
C ALA B 4 3.74 -28.72 -12.29
N GLY B 5 5.00 -28.61 -11.87
CA GLY B 5 5.46 -29.47 -10.77
C GLY B 5 5.79 -30.87 -11.25
N ASN B 6 6.25 -30.96 -12.50
CA ASN B 6 6.74 -32.22 -13.12
C ASN B 6 8.23 -32.34 -12.91
N SER B 7 8.86 -31.27 -12.44
CA SER B 7 10.32 -31.17 -12.49
C SER B 7 10.84 -31.82 -11.22
N SER B 8 11.92 -32.59 -11.30
CA SER B 8 12.43 -33.15 -10.06
C SER B 8 12.86 -32.07 -9.09
N LEU B 9 13.04 -32.47 -7.84
CA LEU B 9 13.56 -31.57 -6.81
C LEU B 9 15.04 -31.26 -7.10
N CYS B 10 15.45 -29.99 -6.93
CA CYS B 10 16.83 -29.54 -7.12
C CYS B 10 17.77 -30.17 -6.11
N PRO B 11 18.95 -30.65 -6.51
CA PRO B 11 19.99 -31.16 -5.64
C PRO B 11 20.58 -29.98 -4.91
N VAL B 12 21.08 -30.18 -3.70
CA VAL B 12 21.72 -29.11 -2.95
C VAL B 12 23.02 -29.60 -2.30
N SER B 13 23.92 -28.67 -2.00
CA SER B 13 25.13 -29.02 -1.25
C SER B 13 25.06 -28.48 0.17
N GLY B 14 24.21 -27.49 0.38
CA GLY B 14 24.07 -26.86 1.69
C GLY B 14 22.95 -25.85 1.68
N TRP B 15 22.66 -25.24 2.85
CA TRP B 15 21.51 -24.30 2.95
C TRP B 15 22.00 -22.88 3.26
N ALA B 16 21.40 -21.87 2.61
CA ALA B 16 21.80 -20.46 2.83
C ALA B 16 20.59 -19.71 3.39
N PRO B 17 20.76 -18.58 4.12
CA PRO B 17 19.61 -17.93 4.78
C PRO B 17 18.76 -17.05 3.86
N LEU B 18 17.44 -17.06 4.05
CA LEU B 18 16.57 -16.31 3.17
C LEU B 18 15.92 -15.12 3.86
N SER B 19 15.36 -15.37 5.05
CA SER B 19 14.59 -14.34 5.75
C SER B 19 14.60 -14.48 7.26
N LYS B 20 14.33 -13.35 7.94
CA LYS B 20 14.29 -13.28 9.43
C LYS B 20 13.42 -12.06 9.80
N ASP B 21 12.28 -12.26 10.49
CA ASP B 21 11.32 -11.15 10.76
C ASP B 21 11.83 -10.05 11.70
N ASN B 22 12.53 -10.38 12.80
CA ASN B 22 12.97 -9.37 13.82
C ASN B 22 11.75 -8.68 14.43
N SER B 23 10.62 -9.38 14.58
CA SER B 23 9.35 -8.80 15.12
C SER B 23 9.43 -8.45 16.61
N VAL B 24 10.10 -9.24 17.44
CA VAL B 24 10.06 -9.01 18.92
C VAL B 24 10.61 -7.62 19.27
N ARG B 25 11.74 -7.23 18.67
CA ARG B 25 12.35 -5.91 18.93
C ARG B 25 11.43 -4.80 18.44
N ILE B 26 10.76 -4.99 17.30
CA ILE B 26 9.88 -3.95 16.71
C ILE B 26 8.58 -3.84 17.52
N GLY B 27 8.07 -4.96 18.02
CA GLY B 27 6.80 -4.91 18.74
C GLY B 27 6.88 -4.44 20.19
N SER B 28 8.10 -4.23 20.70
CA SER B 28 8.21 -3.75 22.06
C SER B 28 7.68 -2.32 22.19
N LYS B 29 7.71 -1.57 21.09
CA LYS B 29 7.17 -0.22 21.08
C LYS B 29 6.05 -0.04 20.06
N GLY B 30 6.19 -0.66 18.89
CA GLY B 30 5.22 -0.46 17.82
C GLY B 30 4.07 -1.44 17.93
N ASP B 31 3.24 -1.50 16.88
CA ASP B 31 2.07 -2.37 16.89
C ASP B 31 2.32 -3.62 16.07
N VAL B 32 2.51 -4.73 16.76
CA VAL B 32 2.82 -6.01 16.14
C VAL B 32 1.94 -7.10 16.75
N PHE B 33 1.44 -8.00 15.91
CA PHE B 33 0.60 -9.09 16.37
C PHE B 33 1.35 -10.15 17.12
N VAL B 34 0.67 -10.77 18.08
CA VAL B 34 1.19 -11.95 18.70
C VAL B 34 0.81 -13.08 17.80
N ILE B 35 1.80 -13.72 17.15
CA ILE B 35 1.46 -14.74 16.12
C ILE B 35 1.69 -16.16 16.65
N ARG B 36 1.08 -17.16 16.00
CA ARG B 36 1.26 -18.57 16.41
C ARG B 36 1.18 -19.45 15.15
N GLU B 37 1.85 -20.61 15.16
CA GLU B 37 1.83 -21.54 14.00
C GLU B 37 2.10 -20.81 12.67
N PRO B 38 3.27 -20.14 12.42
CA PRO B 38 3.47 -19.54 11.14
C PRO B 38 3.93 -20.59 10.14
N PHE B 39 3.73 -20.31 8.87
CA PHE B 39 4.32 -21.12 7.81
C PHE B 39 4.55 -20.28 6.56
N ILE B 40 5.39 -20.76 5.66
CA ILE B 40 5.67 -20.02 4.44
C ILE B 40 5.22 -20.77 3.22
N SER B 41 4.65 -20.03 2.29
CA SER B 41 4.23 -20.59 1.01
C SER B 41 4.59 -19.58 -0.07
N CYS B 42 4.80 -20.06 -1.32
CA CYS B 42 5.20 -19.18 -2.43
C CYS B 42 4.28 -19.29 -3.62
N SER B 43 4.01 -18.15 -4.24
CA SER B 43 3.28 -18.03 -5.48
C SER B 43 4.32 -17.79 -6.57
N PRO B 44 3.97 -17.75 -7.86
CA PRO B 44 4.84 -17.43 -8.97
C PRO B 44 5.45 -16.03 -8.88
N LEU B 45 4.88 -15.14 -8.06
CA LEU B 45 5.40 -13.79 -8.00
C LEU B 45 6.08 -13.44 -6.68
N GLU B 46 5.58 -13.98 -5.58
CA GLU B 46 6.06 -13.59 -4.26
C GLU B 46 5.94 -14.72 -3.25
N CYS B 47 6.74 -14.67 -2.17
CA CYS B 47 6.63 -15.59 -1.03
C CYS B 47 6.03 -14.82 0.14
N ARG B 48 5.16 -15.49 0.88
CA ARG B 48 4.46 -14.86 2.00
C ARG B 48 4.46 -15.70 3.27
N GLN B 49 4.38 -14.99 4.40
CA GLN B 49 4.34 -15.67 5.72
C GLN B 49 2.91 -15.67 6.26
N PHE B 50 2.32 -16.85 6.43
CA PHE B 50 0.97 -17.04 6.92
C PHE B 50 1.05 -17.34 8.38
N PHE B 51 0.10 -16.86 9.16
CA PHE B 51 0.11 -17.15 10.58
C PHE B 51 -1.26 -17.11 11.20
N LEU B 52 -1.42 -17.75 12.35
CA LEU B 52 -2.66 -17.63 13.06
C LEU B 52 -2.51 -16.63 14.19
N THR B 53 -3.53 -15.83 14.37
CA THR B 53 -3.55 -14.83 15.44
C THR B 53 -4.65 -15.08 16.43
N GLN B 54 -4.68 -14.25 17.49
CA GLN B 54 -5.79 -14.33 18.49
C GLN B 54 -6.41 -12.94 18.49
N GLY B 55 -5.81 -12.01 17.73
CA GLY B 55 -6.28 -10.64 17.64
C GLY B 55 -5.54 -9.73 18.64
N ALA B 56 -4.60 -10.32 19.39
CA ALA B 56 -3.83 -9.59 20.38
C ALA B 56 -2.55 -9.00 19.82
N LEU B 57 -2.19 -7.82 20.33
CA LEU B 57 -0.92 -7.16 19.91
C LEU B 57 0.12 -7.39 20.99
N LEU B 58 1.40 -7.29 20.66
CA LEU B 58 2.50 -7.53 21.63
C LEU B 58 2.54 -6.37 22.62
N ASN B 59 2.98 -6.62 23.86
CA ASN B 59 3.04 -5.55 24.91
C ASN B 59 1.66 -4.93 25.10
N ASP B 60 0.61 -5.75 25.13
CA ASP B 60 -0.79 -5.26 25.32
C ASP B 60 -0.98 -4.87 26.79
N ARG B 70 -7.56 -23.14 20.48
CA ARG B 70 -8.80 -23.04 19.73
C ARG B 70 -9.76 -22.05 20.35
N SER B 71 -10.29 -21.17 19.50
CA SER B 71 -11.30 -20.21 19.90
C SER B 71 -12.00 -19.66 18.66
N PRO B 72 -13.24 -19.16 18.78
CA PRO B 72 -14.03 -18.51 17.75
C PRO B 72 -13.38 -17.26 17.16
N TYR B 73 -12.36 -16.74 17.82
CA TYR B 73 -11.74 -15.51 17.40
C TYR B 73 -10.42 -15.71 16.66
N ARG B 74 -9.97 -16.95 16.45
CA ARG B 74 -8.66 -17.16 15.80
C ARG B 74 -8.82 -17.03 14.29
N THR B 75 -7.98 -16.19 13.67
CA THR B 75 -8.02 -16.00 12.23
C THR B 75 -6.67 -16.22 11.57
N LEU B 76 -6.71 -16.48 10.28
CA LEU B 76 -5.52 -16.66 9.45
C LEU B 76 -5.22 -15.39 8.69
N MET B 77 -4.00 -14.89 8.84
CA MET B 77 -3.59 -13.67 8.18
C MET B 77 -2.22 -13.83 7.55
N SER B 78 -1.84 -12.91 6.66
CA SER B 78 -0.55 -13.03 6.02
C SER B 78 0.14 -11.71 5.68
N VAL B 79 1.46 -11.74 5.64
CA VAL B 79 2.30 -10.61 5.23
C VAL B 79 3.41 -11.08 4.28
N PRO B 80 3.97 -10.20 3.45
CA PRO B 80 5.11 -10.50 2.60
C PRO B 80 6.25 -11.02 3.44
N ILE B 81 6.98 -11.98 2.91
CA ILE B 81 8.04 -12.61 3.69
C ILE B 81 9.07 -11.61 4.16
N GLY B 82 9.37 -11.68 5.46
CA GLY B 82 10.36 -10.81 6.08
C GLY B 82 9.77 -9.58 6.74
N SER B 83 8.50 -9.27 6.44
CA SER B 83 7.88 -8.08 7.01
C SER B 83 7.34 -8.37 8.40
N VAL B 84 7.24 -7.32 9.21
CA VAL B 84 6.68 -7.44 10.54
C VAL B 84 5.18 -7.69 10.42
N PRO B 85 4.61 -8.66 11.14
CA PRO B 85 3.20 -9.00 11.14
C PRO B 85 2.41 -7.99 11.94
N SER B 86 2.14 -6.85 11.35
CA SER B 86 1.44 -5.76 12.04
C SER B 86 0.00 -5.67 11.53
N PRO B 87 -0.92 -5.07 12.30
CA PRO B 87 -2.30 -4.83 11.94
C PRO B 87 -2.43 -3.88 10.77
N TYR B 88 -1.37 -3.19 10.41
CA TYR B 88 -1.46 -2.23 9.33
C TYR B 88 -0.88 -2.75 8.03
N ASN B 89 -0.41 -4.00 8.03
CA ASN B 89 0.24 -4.53 6.80
C ASN B 89 -0.30 -5.92 6.48
N ALA B 90 -0.93 -6.58 7.46
CA ALA B 90 -1.42 -7.96 7.27
C ALA B 90 -2.64 -8.00 6.36
N ARG B 91 -2.80 -9.08 5.60
CA ARG B 91 -3.97 -9.25 4.70
C ARG B 91 -4.80 -10.41 5.22
N PHE B 92 -6.09 -10.20 5.43
CA PHE B 92 -6.97 -11.27 5.99
C PHE B 92 -7.10 -12.43 5.01
N GLU B 93 -7.19 -13.66 5.52
CA GLU B 93 -7.42 -14.78 4.63
C GLU B 93 -8.70 -15.55 5.00
N SER B 94 -8.77 -16.01 6.24
CA SER B 94 -9.89 -16.87 6.66
C SER B 94 -10.04 -16.97 8.17
N ILE B 95 -11.11 -17.63 8.62
CA ILE B 95 -11.32 -17.88 10.05
C ILE B 95 -10.97 -19.30 10.37
N ALA B 96 -10.04 -19.49 11.30
CA ALA B 96 -9.60 -20.85 11.60
C ALA B 96 -8.80 -20.95 12.89
N TRP B 97 -8.88 -22.11 13.54
CA TRP B 97 -7.95 -22.43 14.61
C TRP B 97 -6.89 -23.41 14.14
N SER B 98 -6.99 -23.81 12.89
CA SER B 98 -6.05 -24.69 12.20
C SER B 98 -6.15 -24.40 10.72
N ALA B 99 -5.01 -24.26 10.04
CA ALA B 99 -5.09 -23.87 8.63
C ALA B 99 -3.88 -24.24 7.79
N SER B 100 -4.10 -24.29 6.49
CA SER B 100 -3.04 -24.54 5.50
C SER B 100 -3.29 -23.66 4.28
N ALA B 101 -2.26 -23.49 3.45
CA ALA B 101 -2.45 -22.68 2.24
C ALA B 101 -1.41 -22.99 1.16
N CYS B 102 -1.77 -22.75 -0.11
CA CYS B 102 -0.87 -22.87 -1.24
C CYS B 102 -1.42 -22.14 -2.47
N HIS B 103 -0.61 -22.07 -3.51
CA HIS B 103 -1.01 -21.34 -4.71
C HIS B 103 -0.97 -22.30 -5.87
N ASP B 104 -1.98 -22.25 -6.74
CA ASP B 104 -2.05 -23.18 -7.86
C ASP B 104 -1.51 -22.62 -9.17
N GLY B 105 -0.97 -21.41 -9.12
CA GLY B 105 -0.46 -20.73 -10.30
C GLY B 105 -1.44 -19.68 -10.81
N ILE B 106 -2.69 -19.74 -10.34
CA ILE B 106 -3.70 -18.79 -10.74
C ILE B 106 -4.09 -17.93 -9.55
N ASN B 107 -4.48 -18.58 -8.45
CA ASN B 107 -4.91 -17.88 -7.24
C ASN B 107 -4.51 -18.62 -5.97
N TRP B 108 -4.86 -18.05 -4.82
CA TRP B 108 -4.60 -18.70 -3.55
C TRP B 108 -5.71 -19.66 -3.14
N LEU B 109 -5.31 -20.82 -2.68
CA LEU B 109 -6.19 -21.80 -2.09
C LEU B 109 -5.89 -21.87 -0.61
N THR B 110 -6.90 -21.67 0.21
CA THR B 110 -6.68 -21.75 1.64
C THR B 110 -7.69 -22.69 2.26
N ILE B 111 -7.26 -23.39 3.29
CA ILE B 111 -8.15 -24.27 4.01
C ILE B 111 -8.12 -23.90 5.47
N GLY B 112 -9.31 -23.69 6.05
CA GLY B 112 -9.38 -23.24 7.46
C GLY B 112 -10.42 -23.99 8.25
N ILE B 113 -10.03 -24.57 9.38
CA ILE B 113 -10.97 -25.39 10.21
C ILE B 113 -11.50 -24.52 11.33
N THR B 114 -12.82 -24.34 11.40
CA THR B 114 -13.44 -23.56 12.49
C THR B 114 -14.65 -24.33 13.01
N GLY B 115 -15.18 -23.94 14.17
CA GLY B 115 -16.33 -24.59 14.76
C GLY B 115 -15.94 -25.49 15.92
N PRO B 116 -16.91 -26.24 16.45
CA PRO B 116 -16.87 -27.09 17.64
C PRO B 116 -15.86 -28.22 17.57
N ASP B 117 -15.31 -28.57 18.72
CA ASP B 117 -14.36 -29.66 18.84
C ASP B 117 -14.98 -31.00 18.41
N SER B 118 -16.29 -31.10 18.60
CA SER B 118 -17.06 -32.30 18.30
C SER B 118 -17.87 -32.18 17.02
N GLY B 119 -17.58 -31.13 16.24
CA GLY B 119 -18.29 -30.87 14.97
C GLY B 119 -17.55 -29.84 14.13
N ALA B 120 -16.26 -30.01 13.88
CA ALA B 120 -15.50 -28.95 13.17
C ALA B 120 -15.70 -29.04 11.65
N VAL B 121 -15.73 -27.89 10.96
CA VAL B 121 -15.91 -27.87 9.48
C VAL B 121 -14.71 -27.16 8.85
N ALA B 122 -14.10 -27.74 7.82
CA ALA B 122 -12.99 -27.05 7.13
C ALA B 122 -13.58 -26.28 5.95
N ILE B 123 -13.40 -24.96 5.94
CA ILE B 123 -14.01 -24.11 4.89
C ILE B 123 -12.96 -23.87 3.81
N LEU B 124 -13.22 -24.30 2.58
CA LEU B 124 -12.26 -24.17 1.51
C LEU B 124 -12.54 -22.90 0.73
N LYS B 125 -11.55 -22.03 0.66
CA LYS B 125 -11.69 -20.80 -0.09
C LYS B 125 -10.78 -20.75 -1.29
N TYR B 126 -11.28 -20.17 -2.36
CA TYR B 126 -10.47 -19.98 -3.54
C TYR B 126 -10.58 -18.55 -3.99
N ASN B 127 -9.46 -17.84 -3.97
CA ASN B 127 -9.42 -16.43 -4.33
C ASN B 127 -10.40 -15.61 -3.50
N GLY B 128 -10.53 -15.94 -2.22
CA GLY B 128 -11.38 -15.20 -1.29
C GLY B 128 -12.85 -15.65 -1.28
N ILE B 129 -13.23 -16.55 -2.17
CA ILE B 129 -14.61 -16.99 -2.27
C ILE B 129 -14.79 -18.38 -1.66
N ILE B 130 -15.82 -18.59 -0.85
CA ILE B 130 -16.03 -19.93 -0.33
C ILE B 130 -16.52 -20.82 -1.45
N THR B 131 -15.83 -21.94 -1.66
CA THR B 131 -16.20 -22.85 -2.73
C THR B 131 -16.65 -24.22 -2.25
N ASP B 132 -16.15 -24.67 -1.11
CA ASP B 132 -16.56 -25.98 -0.63
C ASP B 132 -16.32 -26.13 0.85
N THR B 133 -16.80 -27.23 1.45
CA THR B 133 -16.57 -27.49 2.89
C THR B 133 -16.43 -29.00 3.15
N ILE B 134 -15.63 -29.40 4.14
CA ILE B 134 -15.52 -30.83 4.52
C ILE B 134 -15.94 -30.92 6.00
N LYS B 135 -16.84 -31.83 6.34
CA LYS B 135 -17.31 -31.87 7.75
C LYS B 135 -16.62 -33.03 8.45
N SER B 136 -16.41 -32.89 9.76
CA SER B 136 -15.69 -33.90 10.58
C SER B 136 -16.36 -35.27 10.49
N TRP B 137 -15.70 -36.21 9.83
CA TRP B 137 -16.23 -37.60 9.73
C TRP B 137 -16.26 -38.31 11.09
N ARG B 138 -15.22 -38.17 11.93
CA ARG B 138 -15.13 -38.92 13.21
C ARG B 138 -15.49 -38.03 14.41
N ASN B 139 -15.85 -36.77 14.17
CA ASN B 139 -16.27 -35.84 15.25
C ASN B 139 -15.19 -35.71 16.35
N ASN B 140 -13.91 -35.66 15.98
CA ASN B 140 -12.85 -35.44 17.00
C ASN B 140 -11.76 -34.48 16.48
N ILE B 141 -11.82 -33.20 16.85
CA ILE B 141 -10.86 -32.17 16.45
C ILE B 141 -10.40 -32.34 15.01
N LEU B 142 -11.24 -31.95 14.05
CA LEU B 142 -10.79 -31.95 12.63
C LEU B 142 -9.56 -31.03 12.52
N ARG B 143 -8.44 -31.51 11.99
CA ARG B 143 -7.23 -30.70 11.90
C ARG B 143 -6.44 -30.97 10.63
N THR B 144 -5.63 -29.99 10.22
CA THR B 144 -4.91 -30.07 8.94
C THR B 144 -3.38 -29.96 9.10
N GLN B 145 -2.70 -29.78 7.97
CA GLN B 145 -1.26 -29.78 7.84
C GLN B 145 -0.48 -28.68 8.56
N GLU B 146 -1.07 -27.50 8.72
CA GLU B 146 -0.33 -26.38 9.28
C GLU B 146 0.94 -26.09 8.50
N SER B 147 0.84 -26.14 7.17
CA SER B 147 1.95 -25.87 6.29
C SER B 147 1.47 -25.54 4.89
N GLU B 148 2.40 -25.56 3.95
CA GLU B 148 2.05 -25.34 2.55
C GLU B 148 1.46 -26.62 1.97
N CYS B 149 0.38 -26.50 1.19
CA CYS B 149 -0.21 -27.64 0.47
C CYS B 149 0.47 -27.77 -0.89
N ALA B 150 0.48 -28.97 -1.45
CA ALA B 150 1.27 -29.20 -2.66
C ALA B 150 0.44 -29.18 -3.94
N CYS B 151 0.81 -28.31 -4.89
CA CYS B 151 0.09 -28.21 -6.17
C CYS B 151 0.89 -28.76 -7.31
N VAL B 152 0.32 -29.77 -7.98
CA VAL B 152 0.87 -30.35 -9.24
C VAL B 152 -0.24 -30.29 -10.28
N ASN B 153 0.00 -29.63 -11.39
CA ASN B 153 -0.90 -29.63 -12.57
C ASN B 153 -2.26 -29.09 -12.17
N GLY B 154 -2.32 -27.84 -11.72
CA GLY B 154 -3.58 -27.11 -11.53
C GLY B 154 -4.28 -27.57 -10.27
N SER B 155 -4.06 -28.83 -9.91
CA SER B 155 -4.70 -29.42 -8.74
C SER B 155 -3.78 -29.44 -7.51
N CYS B 156 -4.37 -29.22 -6.32
CA CYS B 156 -3.63 -29.17 -5.05
C CYS B 156 -4.01 -30.32 -4.14
N PHE B 157 -3.03 -30.81 -3.38
CA PHE B 157 -3.24 -31.95 -2.51
C PHE B 157 -3.02 -31.63 -1.05
N THR B 158 -3.83 -32.24 -0.21
CA THR B 158 -3.72 -32.05 1.23
C THR B 158 -4.05 -33.31 2.02
N ILE B 159 -3.50 -33.40 3.23
CA ILE B 159 -3.79 -34.51 4.14
C ILE B 159 -4.47 -33.99 5.39
N MET B 160 -5.63 -34.56 5.72
CA MET B 160 -6.41 -34.09 6.90
C MET B 160 -6.71 -35.26 7.84
N THR B 161 -6.73 -35.03 9.15
CA THR B 161 -6.99 -36.08 10.13
C THR B 161 -8.14 -35.75 11.06
N ASP B 162 -8.72 -36.79 11.66
CA ASP B 162 -9.85 -36.62 12.61
C ASP B 162 -9.80 -37.77 13.62
N GLY B 163 -9.63 -37.46 14.91
CA GLY B 163 -9.56 -38.50 15.95
C GLY B 163 -8.52 -38.20 17.01
N PRO B 164 -8.03 -39.20 17.78
CA PRO B 164 -7.07 -38.95 18.86
C PRO B 164 -5.58 -38.80 18.54
N SER B 165 -4.89 -37.89 19.22
CA SER B 165 -3.50 -37.52 19.01
C SER B 165 -2.55 -38.46 19.75
N ASP B 166 -3.12 -39.46 20.40
CA ASP B 166 -2.37 -40.42 21.19
C ASP B 166 -2.82 -41.85 20.89
N GLY B 167 -3.47 -42.03 19.75
CA GLY B 167 -4.00 -43.33 19.37
C GLY B 167 -4.25 -43.37 17.88
N GLN B 168 -5.25 -44.16 17.46
CA GLN B 168 -5.47 -44.33 16.00
C GLN B 168 -6.65 -43.46 15.57
N ALA B 169 -6.45 -42.65 14.52
CA ALA B 169 -7.47 -41.70 14.03
C ALA B 169 -7.59 -41.89 12.52
N SER B 170 -8.67 -41.41 11.91
CA SER B 170 -8.87 -41.66 10.47
C SER B 170 -8.11 -40.61 9.66
N TYR B 171 -7.42 -41.02 8.58
CA TYR B 171 -6.79 -40.05 7.71
C TYR B 171 -7.39 -40.05 6.33
N LYS B 172 -7.45 -38.87 5.72
CA LYS B 172 -7.90 -38.77 4.34
C LYS B 172 -6.96 -37.91 3.50
N ILE B 173 -6.82 -38.30 2.24
CA ILE B 173 -6.01 -37.55 1.29
C ILE B 173 -6.95 -36.94 0.29
N PHE B 174 -6.80 -35.65 0.04
CA PHE B 174 -7.71 -34.95 -0.85
C PHE B 174 -7.04 -34.34 -2.07
N ARG B 175 -7.79 -34.30 -3.17
CA ARG B 175 -7.39 -33.57 -4.36
C ARG B 175 -8.41 -32.48 -4.64
N ILE B 176 -7.92 -31.24 -4.62
CA ILE B 176 -8.74 -30.05 -4.77
C ILE B 176 -8.46 -29.29 -6.06
N GLU B 177 -9.51 -28.98 -6.80
CA GLU B 177 -9.35 -28.22 -8.03
C GLU B 177 -10.20 -26.96 -7.97
N LYS B 178 -9.54 -25.81 -8.01
CA LYS B 178 -10.20 -24.51 -7.94
C LYS B 178 -11.13 -24.40 -6.74
N GLY B 179 -10.71 -24.93 -5.60
CA GLY B 179 -11.51 -24.84 -4.39
C GLY B 179 -12.51 -25.97 -4.19
N LYS B 180 -12.68 -26.83 -5.18
CA LYS B 180 -13.63 -27.93 -5.05
C LYS B 180 -12.96 -29.24 -4.72
N ILE B 181 -13.58 -30.06 -3.88
CA ILE B 181 -13.01 -31.39 -3.68
C ILE B 181 -13.53 -32.31 -4.76
N ILE B 182 -12.63 -32.86 -5.54
CA ILE B 182 -13.03 -33.71 -6.65
C ILE B 182 -12.77 -35.18 -6.33
N LYS B 183 -11.69 -35.44 -5.59
CA LYS B 183 -11.30 -36.86 -5.31
C LYS B 183 -10.73 -36.96 -3.89
N SER B 184 -11.17 -37.94 -3.11
CA SER B 184 -10.65 -38.15 -1.78
C SER B 184 -10.57 -39.63 -1.48
N VAL B 185 -9.59 -40.02 -0.67
CA VAL B 185 -9.48 -41.40 -0.25
C VAL B 185 -9.23 -41.50 1.24
N GLU B 186 -9.71 -42.57 1.85
CA GLU B 186 -9.40 -42.83 3.24
C GLU B 186 -8.24 -43.81 3.30
N MET B 187 -7.23 -43.48 4.08
CA MET B 187 -6.05 -44.31 4.15
C MET B 187 -6.24 -45.53 5.03
N LYS B 188 -5.69 -46.63 4.58
CA LYS B 188 -5.64 -47.84 5.40
C LYS B 188 -4.24 -47.93 5.96
N ALA B 189 -4.05 -47.41 7.17
CA ALA B 189 -2.70 -47.28 7.68
C ALA B 189 -2.64 -47.57 9.18
N PRO B 190 -2.89 -48.82 9.59
CA PRO B 190 -2.95 -49.22 10.97
C PRO B 190 -1.58 -49.06 11.59
N ASN B 191 -1.56 -48.55 12.82
CA ASN B 191 -0.34 -48.34 13.59
C ASN B 191 0.50 -47.19 13.06
N TYR B 192 -0.04 -46.44 12.09
CA TYR B 192 0.63 -45.23 11.63
C TYR B 192 -0.05 -44.02 12.20
N HIS B 193 0.72 -42.97 12.37
CA HIS B 193 0.18 -41.74 12.89
C HIS B 193 0.74 -40.61 12.02
N TYR B 194 -0.14 -39.84 11.41
CA TYR B 194 0.27 -38.81 10.46
C TYR B 194 -0.30 -37.44 10.77
N GLU B 195 0.23 -36.77 11.77
CA GLU B 195 -0.28 -35.43 12.07
C GLU B 195 0.61 -34.34 11.50
N GLU B 196 0.03 -33.19 11.23
CA GLU B 196 0.82 -32.02 10.86
C GLU B 196 1.84 -32.33 9.75
N CYS B 197 1.37 -32.94 8.66
CA CYS B 197 2.21 -33.37 7.53
C CYS B 197 2.81 -32.21 6.76
N SER B 198 4.09 -32.33 6.43
CA SER B 198 4.76 -31.35 5.59
C SER B 198 4.98 -31.99 4.21
N CYS B 199 4.36 -31.39 3.19
CA CYS B 199 4.29 -32.00 1.82
C CYS B 199 4.96 -31.16 0.78
N TYR B 200 5.59 -31.80 -0.20
CA TYR B 200 6.13 -31.11 -1.34
C TYR B 200 5.94 -31.94 -2.61
N PRO B 201 5.78 -31.30 -3.78
CA PRO B 201 5.73 -31.89 -5.09
C PRO B 201 7.11 -32.34 -5.54
N ASP B 202 7.17 -33.44 -6.27
CA ASP B 202 8.44 -33.90 -6.82
C ASP B 202 8.20 -34.81 -8.03
N SER B 203 8.51 -34.34 -9.23
CA SER B 203 8.29 -35.14 -10.44
C SER B 203 6.87 -35.66 -10.58
N SER B 204 5.90 -34.76 -10.41
CA SER B 204 4.48 -35.04 -10.53
C SER B 204 3.87 -35.86 -9.39
N GLU B 205 4.69 -36.25 -8.41
CA GLU B 205 4.21 -37.00 -7.24
C GLU B 205 4.21 -36.13 -6.00
N ILE B 206 3.45 -36.53 -5.00
CA ILE B 206 3.48 -35.80 -3.74
C ILE B 206 4.16 -36.64 -2.66
N THR B 207 5.13 -36.05 -1.99
CA THR B 207 5.83 -36.75 -0.90
C THR B 207 5.63 -35.97 0.40
N CYS B 208 5.18 -36.65 1.47
CA CYS B 208 4.89 -36.02 2.76
C CYS B 208 5.60 -36.74 3.91
N VAL B 209 6.18 -35.94 4.81
CA VAL B 209 6.80 -36.45 6.03
C VAL B 209 6.05 -35.83 7.21
N CYS B 210 5.51 -36.69 8.09
CA CYS B 210 4.57 -36.28 9.14
C CYS B 210 5.10 -36.50 10.55
N ARG B 211 4.31 -36.04 11.52
CA ARG B 211 4.61 -36.18 12.93
C ARG B 211 3.96 -37.42 13.55
N ASP B 212 4.77 -38.29 14.13
CA ASP B 212 4.23 -39.45 14.84
C ASP B 212 4.17 -39.10 16.31
N ASN B 213 2.97 -38.84 16.82
CA ASN B 213 2.86 -38.36 18.19
C ASN B 213 2.47 -39.51 19.11
N ASN B 218 11.31 -41.63 15.20
CA ASN B 218 11.65 -41.42 13.81
C ASN B 218 10.41 -40.85 13.13
N ARG B 219 10.53 -40.64 11.81
CA ARG B 219 9.45 -39.96 11.03
C ARG B 219 8.73 -40.85 10.00
N PRO B 220 7.38 -40.99 10.06
CA PRO B 220 6.61 -41.69 9.05
C PRO B 220 6.46 -40.83 7.81
N TRP B 221 6.30 -41.47 6.68
CA TRP B 221 6.02 -40.77 5.46
C TRP B 221 4.96 -41.46 4.63
N VAL B 222 4.32 -40.67 3.79
CA VAL B 222 3.38 -41.17 2.81
C VAL B 222 3.65 -40.47 1.50
N SER B 223 3.53 -41.20 0.40
CA SER B 223 3.66 -40.57 -0.89
C SER B 223 2.55 -41.05 -1.78
N PHE B 224 2.17 -40.22 -2.73
CA PHE B 224 1.07 -40.59 -3.60
C PHE B 224 1.06 -39.90 -4.95
N ASN B 225 0.34 -40.51 -5.88
CA ASN B 225 0.18 -39.95 -7.21
C ASN B 225 -1.09 -39.14 -7.32
N GLN B 226 -1.41 -38.67 -8.51
CA GLN B 226 -2.52 -37.76 -8.70
C GLN B 226 -3.88 -38.47 -8.73
N ASN B 227 -3.84 -39.80 -8.65
CA ASN B 227 -5.05 -40.60 -8.59
C ASN B 227 -5.26 -41.05 -7.16
N LEU B 228 -4.45 -40.49 -6.27
CA LEU B 228 -4.46 -40.76 -4.85
C LEU B 228 -4.11 -42.19 -4.49
N GLU B 229 -3.26 -42.83 -5.29
CA GLU B 229 -2.75 -44.14 -4.91
C GLU B 229 -1.55 -43.86 -4.03
N TYR B 230 -1.44 -44.57 -2.91
CA TYR B 230 -0.41 -44.23 -1.93
C TYR B 230 0.42 -45.40 -1.43
N GLN B 231 1.61 -45.04 -0.95
CA GLN B 231 2.55 -46.01 -0.34
C GLN B 231 3.04 -45.34 0.94
N MET B 232 3.52 -46.10 1.92
CA MET B 232 4.00 -45.56 3.19
C MET B 232 5.08 -46.38 3.86
N GLY B 233 5.73 -45.76 4.84
CA GLY B 233 6.76 -46.40 5.66
C GLY B 233 7.41 -45.36 6.55
N TYR B 234 8.49 -45.72 7.23
CA TYR B 234 9.22 -44.76 8.05
C TYR B 234 10.55 -44.46 7.40
N ILE B 235 11.12 -43.29 7.71
CA ILE B 235 12.47 -43.02 7.24
C ILE B 235 13.38 -43.94 8.05
N CYS B 236 14.10 -44.84 7.35
CA CYS B 236 14.87 -45.93 7.94
C CYS B 236 16.07 -45.43 8.74
N SER B 237 16.62 -44.29 8.36
CA SER B 237 17.84 -43.73 8.95
C SER B 237 17.85 -43.74 10.47
N GLY B 238 19.03 -44.06 11.03
CA GLY B 238 19.23 -44.05 12.47
C GLY B 238 19.28 -42.61 12.98
N VAL B 239 19.39 -41.66 12.06
CA VAL B 239 19.42 -40.28 12.45
C VAL B 239 17.99 -39.84 12.68
N SER B 252 15.17 -48.03 12.05
CA SER B 252 14.18 -49.01 11.62
C SER B 252 13.29 -48.44 10.54
N CYS B 253 12.85 -49.28 9.61
CA CYS B 253 11.97 -48.88 8.51
C CYS B 253 10.51 -48.89 9.00
N GLY B 254 10.35 -49.31 10.24
CA GLY B 254 9.08 -49.28 10.95
C GLY B 254 9.21 -48.23 12.05
N PRO B 255 8.25 -48.13 12.96
CA PRO B 255 8.23 -47.20 14.06
C PRO B 255 9.25 -47.53 15.13
N VAL B 256 9.82 -46.49 15.73
CA VAL B 256 10.67 -46.67 16.91
C VAL B 256 9.96 -46.15 18.15
N ASN B 262 4.61 -38.27 21.91
CA ASN B 262 4.73 -36.79 21.76
C ASN B 262 5.54 -36.51 20.49
N GLY B 263 5.93 -35.25 20.27
CA GLY B 263 6.76 -34.95 19.11
C GLY B 263 6.70 -33.50 18.70
N VAL B 264 7.34 -33.20 17.59
CA VAL B 264 7.38 -31.87 17.00
C VAL B 264 7.23 -31.98 15.48
N LYS B 265 6.57 -31.00 14.87
CA LYS B 265 6.44 -30.96 13.41
C LYS B 265 7.82 -30.83 12.80
N GLY B 266 8.06 -31.53 11.69
CA GLY B 266 9.34 -31.43 11.02
C GLY B 266 9.24 -31.78 9.56
N PHE B 267 10.39 -31.89 8.91
CA PHE B 267 10.42 -32.17 7.49
C PHE B 267 11.65 -32.96 7.10
N SER B 268 11.58 -33.55 5.93
CA SER B 268 12.69 -34.29 5.37
C SER B 268 12.57 -34.35 3.86
N PHE B 269 13.69 -34.24 3.16
CA PHE B 269 13.67 -34.30 1.70
C PHE B 269 14.28 -35.58 1.15
N LYS B 270 13.60 -36.16 0.17
CA LYS B 270 14.05 -37.41 -0.46
C LYS B 270 14.78 -37.20 -1.80
N TYR B 271 15.98 -37.76 -1.89
CA TYR B 271 16.81 -37.75 -3.09
C TYR B 271 17.29 -39.14 -3.45
N GLY B 272 16.46 -39.90 -4.15
CA GLY B 272 16.78 -41.30 -4.36
C GLY B 272 16.78 -41.99 -3.01
N ASN B 273 17.88 -42.64 -2.66
CA ASN B 273 17.94 -43.33 -1.38
C ASN B 273 18.48 -42.43 -0.28
N GLY B 274 18.86 -41.22 -0.64
CA GLY B 274 19.44 -40.31 0.33
C GLY B 274 18.38 -39.41 0.93
N VAL B 275 18.62 -38.94 2.14
CA VAL B 275 17.65 -38.07 2.78
C VAL B 275 18.29 -36.92 3.56
N TRP B 276 17.68 -35.74 3.46
CA TRP B 276 18.05 -34.61 4.30
C TRP B 276 17.07 -34.52 5.46
N ILE B 277 17.57 -34.68 6.68
CA ILE B 277 16.71 -34.66 7.84
C ILE B 277 16.95 -33.43 8.68
N GLY B 278 15.89 -32.67 8.96
CA GLY B 278 16.06 -31.53 9.85
C GLY B 278 15.73 -31.99 11.26
N ARG B 279 16.47 -31.50 12.24
CA ARG B 279 16.18 -31.84 13.62
C ARG B 279 16.81 -30.90 14.62
N THR B 280 16.37 -30.97 15.86
CA THR B 280 16.96 -30.21 16.95
C THR B 280 18.24 -30.88 17.42
N LYS B 281 19.02 -30.21 18.26
CA LYS B 281 20.26 -30.80 18.75
C LYS B 281 20.06 -31.53 20.07
N SER B 282 19.07 -31.09 20.83
CA SER B 282 18.75 -31.71 22.11
C SER B 282 17.75 -32.84 21.91
N ILE B 283 17.85 -33.87 22.73
CA ILE B 283 16.92 -35.00 22.63
C ILE B 283 15.85 -34.93 23.69
N SER B 284 16.00 -33.97 24.61
CA SER B 284 15.07 -33.79 25.72
C SER B 284 14.32 -32.48 25.67
N SER B 285 14.75 -31.58 24.77
CA SER B 285 14.14 -30.26 24.67
C SER B 285 14.21 -29.74 23.25
N ARG B 286 13.37 -28.78 22.92
CA ARG B 286 13.40 -28.19 21.59
C ARG B 286 14.43 -27.07 21.48
N LYS B 287 15.70 -27.46 21.51
CA LYS B 287 16.82 -26.53 21.41
C LYS B 287 17.77 -26.89 20.26
N GLY B 288 18.25 -25.86 19.59
CA GLY B 288 19.19 -26.02 18.48
C GLY B 288 18.48 -26.48 17.23
N PHE B 289 19.20 -26.47 16.12
CA PHE B 289 18.69 -27.00 14.86
C PHE B 289 19.84 -27.31 13.92
N GLU B 290 19.79 -28.48 13.29
CA GLU B 290 20.81 -28.88 12.34
C GLU B 290 20.24 -29.65 11.17
N MET B 291 20.91 -29.56 10.03
CA MET B 291 20.55 -30.37 8.87
C MET B 291 21.56 -31.47 8.65
N ILE B 292 21.07 -32.70 8.52
CA ILE B 292 21.95 -33.83 8.27
C ILE B 292 21.65 -34.55 6.98
N TRP B 293 22.70 -34.73 6.18
CA TRP B 293 22.60 -35.45 4.93
C TRP B 293 23.12 -36.86 5.03
N ASP B 294 22.19 -37.81 4.89
CA ASP B 294 22.43 -39.24 4.97
C ASP B 294 22.16 -39.90 3.62
N PRO B 295 23.21 -40.20 2.82
CA PRO B 295 23.14 -40.73 1.47
C PRO B 295 22.34 -42.01 1.33
N ASN B 296 22.16 -42.77 2.42
CA ASN B 296 21.41 -44.01 2.32
C ASN B 296 20.31 -44.09 3.38
N GLY B 297 19.94 -42.95 3.94
CA GLY B 297 19.01 -42.92 5.06
C GLY B 297 17.55 -43.19 4.71
N TRP B 298 17.15 -43.05 3.46
CA TRP B 298 15.74 -43.27 3.19
C TRP B 298 15.40 -44.74 3.40
N THR B 299 16.28 -45.63 2.91
CA THR B 299 16.05 -47.07 2.94
C THR B 299 16.95 -47.84 3.91
N GLY B 300 18.06 -47.24 4.35
CA GLY B 300 18.99 -47.93 5.23
C GLY B 300 18.76 -47.59 6.69
N THR B 301 19.18 -48.47 7.60
CA THR B 301 19.00 -48.25 9.03
C THR B 301 20.27 -47.85 9.76
N ASP B 302 21.35 -47.68 9.03
CA ASP B 302 22.59 -47.30 9.67
C ASP B 302 22.51 -45.84 10.14
N ASN B 303 23.39 -45.47 11.07
CA ASN B 303 23.40 -44.13 11.66
C ASN B 303 24.57 -43.28 11.19
N LYS B 304 25.06 -43.60 9.98
CA LYS B 304 26.21 -42.85 9.41
C LYS B 304 25.67 -41.74 8.50
N PHE B 305 26.33 -40.58 8.49
CA PHE B 305 25.94 -39.47 7.66
C PHE B 305 27.19 -38.79 7.13
N SER B 306 27.04 -37.98 6.09
CA SER B 306 28.20 -37.33 5.52
C SER B 306 28.30 -35.85 5.86
N ILE B 307 27.18 -35.15 5.84
CA ILE B 307 27.24 -33.71 6.05
C ILE B 307 26.34 -33.22 7.15
N LYS B 308 26.90 -32.43 8.05
CA LYS B 308 26.10 -31.79 9.10
C LYS B 308 26.31 -30.29 9.07
N GLN B 309 25.24 -29.54 8.83
CA GLN B 309 25.33 -28.06 8.87
C GLN B 309 24.56 -27.60 10.12
N ASP B 310 24.85 -26.40 10.61
CA ASP B 310 24.19 -25.90 11.85
C ASP B 310 23.26 -24.74 11.47
N ILE B 311 21.98 -24.84 11.83
CA ILE B 311 21.04 -23.71 11.56
C ILE B 311 20.89 -22.88 12.84
N VAL B 312 20.63 -23.54 13.98
CA VAL B 312 20.47 -22.83 15.28
C VAL B 312 21.46 -23.41 16.31
N GLY B 313 22.15 -22.56 17.08
CA GLY B 313 23.03 -23.03 18.14
C GLY B 313 22.26 -23.74 19.24
N ILE B 314 22.90 -24.67 19.92
CA ILE B 314 22.24 -25.43 20.99
C ILE B 314 21.87 -24.57 22.17
N ASN B 315 22.48 -23.38 22.25
CA ASN B 315 22.21 -22.45 23.33
C ASN B 315 20.99 -21.60 23.06
N GLU B 316 20.35 -21.80 21.93
CA GLU B 316 19.17 -21.05 21.57
C GLU B 316 17.96 -21.96 21.40
N TRP B 317 16.78 -21.44 21.73
CA TRP B 317 15.57 -22.21 21.56
C TRP B 317 15.18 -22.27 20.10
N SER B 318 14.68 -23.42 19.67
CA SER B 318 14.18 -23.54 18.33
C SER B 318 12.71 -23.86 18.38
N GLY B 319 12.29 -24.98 17.83
CA GLY B 319 10.86 -25.27 17.82
C GLY B 319 10.43 -26.08 16.61
N TYR B 320 9.19 -25.78 16.18
CA TYR B 320 8.57 -26.48 15.03
C TYR B 320 9.23 -26.07 13.73
N SER B 321 9.28 -26.98 12.77
CA SER B 321 9.83 -26.67 11.46
C SER B 321 9.01 -27.31 10.37
N GLY B 322 9.24 -26.87 9.14
CA GLY B 322 8.53 -27.46 8.00
C GLY B 322 9.11 -27.01 6.69
N SER B 323 8.63 -27.60 5.60
CA SER B 323 9.17 -27.30 4.28
C SER B 323 8.19 -26.55 3.40
N PHE B 324 8.73 -25.92 2.37
CA PHE B 324 7.95 -25.25 1.32
C PHE B 324 8.82 -25.25 0.08
N VAL B 325 8.23 -24.97 -1.07
CA VAL B 325 9.09 -24.96 -2.25
C VAL B 325 8.97 -23.74 -3.13
N MET B 326 10.01 -23.49 -3.90
CA MET B 326 10.01 -22.44 -4.91
C MET B 326 10.01 -23.06 -6.30
N HIS B 327 8.88 -22.98 -6.97
CA HIS B 327 8.67 -23.57 -8.28
C HIS B 327 9.42 -22.83 -9.39
N PRO B 328 9.77 -23.49 -10.49
CA PRO B 328 10.36 -22.95 -11.70
C PRO B 328 9.68 -21.68 -12.20
N GLU B 329 8.36 -21.60 -12.07
CA GLU B 329 7.63 -20.42 -12.50
C GLU B 329 8.05 -19.16 -11.73
N LEU B 330 8.64 -19.36 -10.55
CA LEU B 330 9.12 -18.30 -9.69
C LEU B 330 10.63 -18.11 -9.78
N THR B 331 11.37 -19.22 -9.88
CA THR B 331 12.83 -19.17 -9.81
C THR B 331 13.54 -19.03 -11.16
N GLY B 332 12.89 -19.42 -12.25
CA GLY B 332 13.51 -19.36 -13.56
C GLY B 332 14.41 -20.57 -13.84
N LEU B 333 14.36 -21.55 -12.95
CA LEU B 333 15.19 -22.74 -13.06
C LEU B 333 14.42 -23.90 -13.66
N ASP B 334 15.13 -24.98 -13.95
CA ASP B 334 14.53 -26.20 -14.51
C ASP B 334 14.21 -27.30 -13.49
N CYS B 335 14.16 -26.96 -12.20
CA CYS B 335 13.88 -27.89 -11.10
C CYS B 335 13.21 -27.12 -9.95
N ILE B 336 12.70 -27.87 -8.97
CA ILE B 336 12.01 -27.27 -7.83
C ILE B 336 12.98 -27.05 -6.67
N VAL B 337 13.10 -25.80 -6.21
CA VAL B 337 14.07 -25.52 -5.15
C VAL B 337 13.46 -25.73 -3.77
N PRO B 338 14.01 -26.63 -2.94
CA PRO B 338 13.55 -26.92 -1.61
C PRO B 338 13.95 -25.79 -0.69
N CYS B 339 13.07 -25.43 0.26
CA CYS B 339 13.32 -24.45 1.29
C CYS B 339 12.64 -24.89 2.61
N PHE B 340 13.04 -24.29 3.72
CA PHE B 340 12.38 -24.64 4.97
C PHE B 340 12.37 -23.49 5.97
N TRP B 341 11.53 -23.62 6.98
CA TRP B 341 11.43 -22.63 8.03
C TRP B 341 11.48 -23.26 9.41
N VAL B 342 11.93 -22.45 10.37
CA VAL B 342 11.94 -22.85 11.76
C VAL B 342 11.27 -21.77 12.62
N GLU B 343 10.35 -22.20 13.47
CA GLU B 343 9.67 -21.31 14.40
C GLU B 343 10.50 -21.22 15.66
N LEU B 344 10.85 -20.02 16.06
CA LEU B 344 11.65 -19.83 17.25
C LEU B 344 10.73 -19.43 18.40
N ILE B 345 10.58 -20.34 19.35
CA ILE B 345 9.61 -20.21 20.43
C ILE B 345 10.13 -19.45 21.64
N THR B 356 3.99 -18.38 23.16
CA THR B 356 3.49 -18.35 21.76
C THR B 356 4.68 -18.41 20.81
N SER B 357 4.66 -17.60 19.75
CA SER B 357 5.74 -17.62 18.73
C SER B 357 6.47 -16.28 18.75
N GLY B 358 7.80 -16.32 18.77
CA GLY B 358 8.54 -15.05 18.71
C GLY B 358 9.02 -14.70 17.31
N SER B 359 9.75 -15.60 16.64
CA SER B 359 10.35 -15.23 15.34
C SER B 359 10.27 -16.38 14.35
N SER B 360 10.35 -16.08 13.05
CA SER B 360 10.38 -17.15 12.04
C SER B 360 11.47 -16.93 11.00
N ILE B 361 12.51 -17.76 11.04
CA ILE B 361 13.63 -17.74 10.13
C ILE B 361 13.43 -18.77 9.03
N SER B 362 14.01 -18.52 7.86
CA SER B 362 13.91 -19.49 6.77
C SER B 362 15.16 -19.52 5.92
N PHE B 363 15.36 -20.70 5.30
CA PHE B 363 16.56 -20.94 4.47
C PHE B 363 16.18 -21.69 3.18
N CYS B 364 16.95 -21.52 2.12
CA CYS B 364 16.79 -22.24 0.84
C CYS B 364 18.08 -22.94 0.47
N GLY B 365 17.95 -24.04 -0.25
CA GLY B 365 19.12 -24.79 -0.65
C GLY B 365 19.89 -24.15 -1.79
N VAL B 366 21.20 -24.31 -1.75
CA VAL B 366 22.11 -23.88 -2.81
C VAL B 366 23.08 -25.00 -3.13
N ASN B 367 23.74 -24.91 -4.28
CA ASN B 367 24.81 -25.85 -4.64
C ASN B 367 26.18 -25.19 -4.56
N SER B 368 26.23 -24.03 -3.93
CA SER B 368 27.45 -23.26 -3.78
C SER B 368 27.95 -23.37 -2.36
N ASP B 369 29.06 -22.70 -2.03
CA ASP B 369 29.66 -22.84 -0.67
C ASP B 369 28.87 -22.09 0.40
N THR B 370 28.48 -22.77 1.48
CA THR B 370 27.75 -22.13 2.62
C THR B 370 28.33 -22.63 3.94
N VAL B 371 28.28 -21.81 5.00
CA VAL B 371 28.92 -22.19 6.30
C VAL B 371 27.85 -22.52 7.36
N GLY B 372 28.27 -23.01 8.52
CA GLY B 372 27.33 -23.27 9.64
C GLY B 372 26.85 -21.98 10.26
N TRP B 373 25.59 -21.92 10.64
CA TRP B 373 25.01 -20.71 11.29
C TRP B 373 24.77 -21.01 12.78
N SER B 374 25.25 -20.15 13.68
CA SER B 374 25.00 -20.34 15.14
C SER B 374 23.61 -19.83 15.49
N VAL C 1 13.20 -4.31 -19.88
CA VAL C 1 14.22 -3.77 -20.77
C VAL C 1 15.54 -3.67 -20.01
N LYS C 2 16.57 -4.37 -20.47
CA LYS C 2 17.91 -4.38 -19.85
C LYS C 2 18.57 -3.00 -19.94
N LEU C 3 19.18 -2.56 -18.85
CA LEU C 3 19.86 -1.27 -18.88
C LEU C 3 21.07 -1.34 -19.79
N ALA C 4 21.26 -0.30 -20.58
CA ALA C 4 22.42 -0.24 -21.47
C ALA C 4 23.65 0.30 -20.75
N GLY C 5 23.68 1.61 -20.53
CA GLY C 5 24.83 2.18 -19.81
C GLY C 5 26.02 2.36 -20.74
N ASN C 6 25.73 2.62 -22.02
CA ASN C 6 26.75 2.95 -23.05
C ASN C 6 26.94 4.44 -23.13
N SER C 7 26.06 5.19 -22.47
CA SER C 7 25.96 6.63 -22.72
C SER C 7 26.97 7.30 -21.80
N SER C 8 27.69 8.31 -22.28
CA SER C 8 28.60 8.97 -21.36
C SER C 8 27.87 9.60 -20.20
N LEU C 9 28.62 9.94 -19.17
CA LEU C 9 28.08 10.66 -18.02
C LEU C 9 27.71 12.09 -18.43
N CYS C 10 26.55 12.60 -17.96
CA CYS C 10 26.07 13.95 -18.23
C CYS C 10 26.98 14.99 -17.61
N PRO C 11 27.33 16.08 -18.32
CA PRO C 11 28.08 17.21 -17.82
C PRO C 11 27.18 17.96 -16.88
N VAL C 12 27.75 18.63 -15.88
CA VAL C 12 26.96 19.44 -14.96
C VAL C 12 27.63 20.78 -14.70
N SER C 13 26.84 21.77 -14.28
CA SER C 13 27.41 23.05 -13.88
C SER C 13 27.33 23.23 -12.37
N GLY C 14 26.44 22.48 -11.74
CA GLY C 14 26.24 22.57 -10.29
C GLY C 14 25.27 21.51 -9.82
N TRP C 15 25.04 21.44 -8.49
CA TRP C 15 24.16 20.37 -7.94
C TRP C 15 22.91 20.97 -7.29
N ALA C 16 21.75 20.35 -7.51
CA ALA C 16 20.48 20.85 -6.94
C ALA C 16 19.92 19.78 -5.99
N PRO C 17 19.07 20.11 -5.00
CA PRO C 17 18.64 19.11 -4.00
C PRO C 17 17.52 18.18 -4.47
N LEU C 18 17.58 16.91 -4.08
CA LEU C 18 16.59 15.96 -4.55
C LEU C 18 15.67 15.48 -3.44
N SER C 19 16.26 15.11 -2.31
CA SER C 19 15.49 14.50 -1.22
C SER C 19 16.08 14.73 0.17
N LYS C 20 15.21 14.63 1.19
CA LYS C 20 15.60 14.81 2.62
C LYS C 20 14.54 14.07 3.46
N ASP C 21 14.93 13.05 4.23
CA ASP C 21 13.96 12.20 4.98
C ASP C 21 13.19 12.91 6.11
N ASN C 22 13.85 13.74 6.94
CA ASN C 22 13.20 14.38 8.12
C ASN C 22 12.72 13.30 9.11
N SER C 23 13.42 12.17 9.21
CA SER C 23 13.03 11.04 10.10
C SER C 23 13.14 11.35 11.59
N VAL C 24 14.16 12.10 12.03
CA VAL C 24 14.39 12.29 13.50
C VAL C 24 13.18 12.97 14.15
N ARG C 25 12.63 14.01 13.52
CA ARG C 25 11.45 14.73 14.07
C ARG C 25 10.23 13.80 14.08
N ILE C 26 10.07 12.96 13.06
CA ILE C 26 8.89 12.06 12.95
C ILE C 26 9.03 10.91 13.96
N GLY C 27 10.25 10.41 14.18
CA GLY C 27 10.41 9.27 15.07
C GLY C 27 10.40 9.60 16.56
N SER C 28 10.36 10.89 16.91
CA SER C 28 10.32 11.23 18.32
C SER C 28 8.99 10.80 18.96
N LYS C 29 7.94 10.70 18.14
CA LYS C 29 6.65 10.25 18.62
C LYS C 29 6.17 9.00 17.89
N GLY C 30 6.40 8.92 16.58
CA GLY C 30 5.88 7.81 15.80
C GLY C 30 6.84 6.64 15.79
N ASP C 31 6.57 5.66 14.92
CA ASP C 31 7.41 4.46 14.85
C ASP C 31 8.35 4.51 13.66
N VAL C 32 9.62 4.75 13.95
CA VAL C 32 10.64 4.89 12.94
C VAL C 32 11.87 4.06 13.32
N PHE C 33 12.46 3.39 12.34
CA PHE C 33 13.64 2.57 12.58
C PHE C 33 14.88 3.37 12.85
N VAL C 34 15.75 2.81 13.68
CA VAL C 34 17.08 3.35 13.83
C VAL C 34 17.87 2.78 12.70
N ILE C 35 18.30 3.62 11.75
CA ILE C 35 18.95 3.07 10.53
C ILE C 35 20.46 3.31 10.56
N ARG C 36 21.21 2.56 9.75
CA ARG C 36 22.69 2.72 9.68
C ARG C 36 23.14 2.40 8.24
N GLU C 37 24.25 3.00 7.80
CA GLU C 37 24.79 2.75 6.44
C GLU C 37 23.69 2.87 5.36
N PRO C 38 22.98 4.02 5.14
CA PRO C 38 22.02 4.06 4.08
C PRO C 38 22.72 4.30 2.75
N PHE C 39 22.06 3.93 1.67
CA PHE C 39 22.52 4.31 0.34
C PHE C 39 21.34 4.39 -0.62
N ILE C 40 21.53 5.06 -1.74
CA ILE C 40 20.45 5.20 -2.71
C ILE C 40 20.80 4.52 -4.01
N SER C 41 19.80 3.85 -4.58
CA SER C 41 19.94 3.22 -5.88
C SER C 41 18.66 3.46 -6.66
N CYS C 42 18.74 3.46 -8.00
CA CYS C 42 17.56 3.73 -8.86
C CYS C 42 17.30 2.65 -9.86
N SER C 43 16.03 2.35 -10.06
CA SER C 43 15.53 1.45 -11.07
C SER C 43 14.98 2.32 -12.20
N PRO C 44 14.55 1.78 -13.33
CA PRO C 44 13.91 2.49 -14.42
C PRO C 44 12.60 3.18 -14.01
N LEU C 45 12.00 2.79 -12.89
CA LEU C 45 10.74 3.38 -12.51
C LEU C 45 10.81 4.28 -11.27
N GLU C 46 11.65 3.91 -10.32
CA GLU C 46 11.69 4.61 -9.04
C GLU C 46 13.07 4.58 -8.41
N CYS C 47 13.35 5.54 -7.50
CA CYS C 47 14.57 5.55 -6.69
C CYS C 47 14.20 5.18 -5.26
N ARG C 48 15.06 4.39 -4.62
CA ARG C 48 14.79 3.90 -3.28
C ARG C 48 15.97 4.05 -2.33
N GLN C 49 15.64 4.19 -1.04
CA GLN C 49 16.69 4.30 0.00
C GLN C 49 16.85 2.97 0.74
N PHE C 50 18.01 2.35 0.64
CA PHE C 50 18.34 1.08 1.26
C PHE C 50 19.07 1.37 2.53
N PHE C 51 18.84 0.57 3.56
CA PHE C 51 19.55 0.78 4.80
C PHE C 51 19.70 -0.48 5.62
N LEU C 52 20.66 -0.49 6.54
CA LEU C 52 20.75 -1.61 7.44
C LEU C 52 20.14 -1.23 8.77
N THR C 53 19.43 -2.17 9.35
CA THR C 53 18.80 -1.98 10.65
C THR C 53 19.34 -2.92 11.69
N GLN C 54 18.86 -2.75 12.94
CA GLN C 54 19.24 -3.70 14.03
C GLN C 54 17.91 -4.23 14.55
N GLY C 55 16.79 -3.71 14.01
CA GLY C 55 15.46 -4.11 14.42
C GLY C 55 14.90 -3.18 15.51
N ALA C 56 15.69 -2.18 15.89
CA ALA C 56 15.31 -1.22 16.92
C ALA C 56 14.58 -0.02 16.36
N LEU C 57 13.62 0.48 17.13
CA LEU C 57 12.86 1.71 16.73
C LEU C 57 13.42 2.89 17.52
N LEU C 58 13.23 4.11 17.03
CA LEU C 58 13.76 5.32 17.70
C LEU C 58 12.95 5.58 18.97
N ASN C 59 13.57 6.18 19.99
CA ASN C 59 12.88 6.46 21.29
C ASN C 59 12.33 5.15 21.88
N ASP C 60 13.12 4.08 21.83
CA ASP C 60 12.70 2.76 22.37
C ASP C 60 12.78 2.80 23.90
N ARG C 70 28.23 -5.62 13.56
CA ARG C 70 27.89 -6.95 13.07
C ARG C 70 27.13 -7.76 14.11
N SER C 71 26.03 -8.36 13.66
CA SER C 71 25.24 -9.24 14.49
C SER C 71 24.33 -10.09 13.59
N PRO C 72 23.89 -11.27 14.05
CA PRO C 72 22.95 -12.17 13.40
C PRO C 72 21.58 -11.55 13.12
N TYR C 73 21.29 -10.41 13.74
CA TYR C 73 20.00 -9.80 13.61
C TYR C 73 19.97 -8.61 12.65
N ARG C 74 21.09 -8.27 12.00
CA ARG C 74 21.10 -7.09 11.11
C ARG C 74 20.51 -7.46 9.76
N THR C 75 19.53 -6.69 9.29
CA THR C 75 18.91 -6.93 8.00
C THR C 75 18.93 -5.71 7.10
N LEU C 76 18.78 -5.95 5.81
CA LEU C 76 18.71 -4.92 4.79
C LEU C 76 17.27 -4.68 4.41
N MET C 77 16.85 -3.42 4.51
CA MET C 77 15.49 -3.04 4.18
C MET C 77 15.46 -1.80 3.32
N SER C 78 14.32 -1.51 2.70
CA SER C 78 14.24 -0.33 1.86
C SER C 78 12.88 0.36 1.81
N VAL C 79 12.91 1.66 1.56
CA VAL C 79 11.71 2.49 1.38
C VAL C 79 11.88 3.41 0.17
N PRO C 80 10.79 3.89 -0.44
CA PRO C 80 10.82 4.87 -1.51
C PRO C 80 11.58 6.09 -1.05
N ILE C 81 12.34 6.69 -1.96
CA ILE C 81 13.18 7.81 -1.59
C ILE C 81 12.38 8.95 -1.01
N GLY C 82 12.84 9.45 0.14
CA GLY C 82 12.21 10.56 0.83
C GLY C 82 11.22 10.14 1.91
N SER C 83 10.83 8.87 1.93
CA SER C 83 9.88 8.40 2.92
C SER C 83 10.57 8.06 4.22
N VAL C 84 9.81 8.14 5.31
CA VAL C 84 10.33 7.79 6.62
C VAL C 84 10.52 6.27 6.68
N PRO C 85 11.66 5.77 7.15
CA PRO C 85 11.98 4.36 7.28
C PRO C 85 11.26 3.75 8.46
N SER C 86 9.98 3.45 8.29
CA SER C 86 9.16 2.92 9.37
C SER C 86 8.90 1.44 9.15
N PRO C 87 8.56 0.67 10.21
CA PRO C 87 8.22 -0.73 10.16
C PRO C 87 6.96 -0.99 9.36
N TYR C 88 6.19 0.05 9.06
CA TYR C 88 4.95 -0.15 8.35
C TYR C 88 5.06 0.19 6.88
N ASN C 89 6.25 0.59 6.42
CA ASN C 89 6.38 1.02 5.00
C ASN C 89 7.61 0.36 4.37
N ALA C 90 8.53 -0.15 5.20
CA ALA C 90 9.78 -0.74 4.69
C ALA C 90 9.54 -2.08 4.01
N ARG C 91 10.34 -2.41 3.00
CA ARG C 91 10.22 -3.71 2.29
C ARG C 91 11.48 -4.51 2.56
N PHE C 92 11.34 -5.75 3.03
CA PHE C 92 12.52 -6.58 3.38
C PHE C 92 13.32 -6.92 2.13
N GLU C 93 14.64 -6.99 2.25
CA GLU C 93 15.44 -7.43 1.12
C GLU C 93 16.29 -8.67 1.44
N SER C 94 17.11 -8.58 2.48
CA SER C 94 18.04 -9.66 2.81
C SER C 94 18.59 -9.59 4.22
N ILE C 95 19.35 -10.61 4.61
CA ILE C 95 20.02 -10.62 5.92
C ILE C 95 21.48 -10.30 5.74
N ALA C 96 21.95 -9.25 6.41
CA ALA C 96 23.34 -8.85 6.22
C ALA C 96 23.82 -7.87 7.27
N TRP C 97 25.13 -7.92 7.55
CA TRP C 97 25.76 -6.85 8.31
C TRP C 97 26.56 -5.92 7.41
N SER C 98 26.56 -6.24 6.12
CA SER C 98 27.20 -5.46 5.06
C SER C 98 26.47 -5.76 3.77
N ALA C 99 26.13 -4.74 2.99
CA ALA C 99 25.34 -5.01 1.79
C ALA C 99 25.44 -3.96 0.70
N SER C 100 25.09 -4.37 -0.50
CA SER C 100 25.03 -3.50 -1.68
C SER C 100 23.83 -3.87 -2.53
N ALA C 101 23.41 -2.97 -3.42
CA ALA C 101 22.27 -3.30 -4.29
C ALA C 101 22.25 -2.45 -5.56
N CYS C 102 21.63 -2.99 -6.62
CA CYS C 102 21.41 -2.28 -7.87
C CYS C 102 20.34 -2.96 -8.71
N HIS C 103 19.95 -2.32 -9.81
CA HIS C 103 18.89 -2.86 -10.65
C HIS C 103 19.46 -3.04 -12.04
N ASP C 104 19.14 -4.17 -12.68
CA ASP C 104 19.69 -4.45 -14.00
C ASP C 104 18.75 -4.09 -15.15
N GLY C 105 17.62 -3.48 -14.83
CA GLY C 105 16.62 -3.12 -15.82
C GLY C 105 15.46 -4.11 -15.82
N ILE C 106 15.65 -5.27 -15.21
CA ILE C 106 14.62 -6.28 -15.13
C ILE C 106 14.16 -6.44 -13.69
N ASN C 107 15.11 -6.69 -12.79
CA ASN C 107 14.81 -6.90 -11.37
C ASN C 107 15.91 -6.36 -10.46
N TRP C 108 15.71 -6.49 -9.16
CA TRP C 108 16.72 -6.08 -8.20
C TRP C 108 17.75 -7.16 -7.92
N LEU C 109 19.00 -6.76 -7.90
CA LEU C 109 20.10 -7.60 -7.49
C LEU C 109 20.62 -7.08 -6.17
N THR C 110 20.67 -7.95 -5.18
CA THR C 110 21.19 -7.52 -3.90
C THR C 110 22.26 -8.47 -3.43
N ILE C 111 23.25 -7.92 -2.74
CA ILE C 111 24.30 -8.75 -2.18
C ILE C 111 24.39 -8.48 -0.70
N GLY C 112 24.36 -9.55 0.10
CA GLY C 112 24.36 -9.38 1.56
C GLY C 112 25.30 -10.34 2.26
N ILE C 113 26.21 -9.81 3.08
CA ILE C 113 27.23 -10.66 3.76
C ILE C 113 26.74 -10.96 5.16
N THR C 114 26.58 -12.25 5.49
CA THR C 114 26.16 -12.64 6.86
C THR C 114 27.05 -13.81 7.30
N GLY C 115 27.03 -14.14 8.60
CA GLY C 115 27.82 -15.21 9.15
C GLY C 115 29.04 -14.71 9.90
N PRO C 116 29.91 -15.62 10.33
CA PRO C 116 31.08 -15.45 11.19
C PRO C 116 32.14 -14.52 10.62
N ASP C 117 32.83 -13.83 11.52
CA ASP C 117 33.91 -12.93 11.15
C ASP C 117 35.04 -13.68 10.45
N SER C 118 35.19 -14.95 10.80
CA SER C 118 36.24 -15.82 10.29
C SER C 118 35.74 -16.81 9.24
N GLY C 119 34.49 -16.58 8.78
CA GLY C 119 33.86 -17.46 7.78
C GLY C 119 32.63 -16.80 7.17
N ALA C 120 32.72 -15.57 6.68
CA ALA C 120 31.49 -14.87 6.21
C ALA C 120 31.12 -15.31 4.78
N VAL C 121 29.82 -15.38 4.49
CA VAL C 121 29.35 -15.77 3.12
C VAL C 121 28.49 -14.65 2.56
N ALA C 122 28.73 -14.23 1.32
CA ALA C 122 27.87 -13.20 0.69
C ALA C 122 26.77 -13.92 -0.09
N ILE C 123 25.51 -13.67 0.27
CA ILE C 123 24.38 -14.39 -0.37
C ILE C 123 23.83 -13.50 -1.48
N LEU C 124 23.87 -13.96 -2.73
CA LEU C 124 23.41 -13.17 -3.85
C LEU C 124 21.97 -13.50 -4.16
N LYS C 125 21.12 -12.48 -4.12
CA LYS C 125 19.72 -12.67 -4.44
C LYS C 125 19.32 -11.95 -5.69
N TYR C 126 18.44 -12.57 -6.45
CA TYR C 126 17.90 -11.95 -7.63
C TYR C 126 16.40 -12.04 -7.60
N ASN C 127 15.74 -10.90 -7.56
CA ASN C 127 14.29 -10.84 -7.48
C ASN C 127 13.75 -11.63 -6.29
N GLY C 128 14.46 -11.58 -5.17
CA GLY C 128 14.03 -12.25 -3.94
C GLY C 128 14.46 -13.72 -3.83
N ILE C 129 15.04 -14.27 -4.87
CA ILE C 129 15.42 -15.68 -4.88
C ILE C 129 16.92 -15.84 -4.70
N ILE C 130 17.36 -16.75 -3.83
CA ILE C 130 18.80 -16.95 -3.71
C ILE C 130 19.30 -17.65 -4.95
N THR C 131 20.31 -17.06 -5.59
CA THR C 131 20.85 -17.63 -6.82
C THR C 131 22.30 -18.08 -6.69
N ASP C 132 23.08 -17.44 -5.83
CA ASP C 132 24.47 -17.84 -5.71
C ASP C 132 25.07 -17.39 -4.40
N THR C 133 26.30 -17.83 -4.09
CA THR C 133 26.98 -17.41 -2.85
C THR C 133 28.50 -17.30 -3.09
N ILE C 134 29.18 -16.39 -2.40
CA ILE C 134 30.66 -16.29 -2.48
C ILE C 134 31.19 -16.49 -1.05
N LYS C 135 32.16 -17.38 -0.86
CA LYS C 135 32.62 -17.64 0.52
C LYS C 135 33.95 -16.91 0.73
N SER C 136 34.21 -16.49 1.97
CA SER C 136 35.42 -15.71 2.32
C SER C 136 36.70 -16.46 1.93
N TRP C 137 37.40 -15.96 0.93
CA TRP C 137 38.69 -16.57 0.51
C TRP C 137 39.78 -16.44 1.58
N ARG C 138 39.91 -15.28 2.24
CA ARG C 138 41.02 -15.04 3.21
C ARG C 138 40.52 -15.16 4.66
N ASN C 139 39.25 -15.49 4.87
CA ASN C 139 38.69 -15.69 6.23
C ASN C 139 38.91 -14.45 7.13
N ASN C 140 38.75 -13.24 6.59
CA ASN C 140 38.86 -12.02 7.45
C ASN C 140 37.79 -10.98 7.07
N ILE C 141 36.68 -10.91 7.81
CA ILE C 141 35.59 -9.97 7.59
C ILE C 141 35.32 -9.74 6.11
N LEU C 142 34.65 -10.69 5.46
CA LEU C 142 34.22 -10.46 4.05
C LEU C 142 33.32 -9.22 4.03
N ARG C 143 33.62 -8.22 3.21
CA ARG C 143 32.83 -6.99 3.17
C ARG C 143 32.70 -6.42 1.77
N THR C 144 31.65 -5.63 1.54
CA THR C 144 31.34 -5.11 0.21
C THR C 144 31.29 -3.58 0.14
N GLN C 145 30.78 -3.06 -0.97
CA GLN C 145 30.74 -1.66 -1.33
C GLN C 145 29.92 -0.73 -0.44
N GLU C 146 28.85 -1.22 0.15
CA GLU C 146 27.95 -0.35 0.89
C GLU C 146 27.45 0.80 0.04
N SER C 147 27.09 0.50 -1.20
CA SER C 147 26.57 1.49 -2.13
C SER C 147 25.83 0.82 -3.27
N GLU C 148 25.56 1.59 -4.32
CA GLU C 148 24.93 1.05 -5.51
C GLU C 148 25.97 0.30 -6.34
N CYS C 149 25.62 -0.87 -6.87
CA CYS C 149 26.47 -1.62 -7.79
C CYS C 149 26.19 -1.16 -9.22
N ALA C 150 27.16 -1.30 -10.11
CA ALA C 150 27.02 -0.71 -11.43
C ALA C 150 26.61 -1.73 -12.50
N CYS C 151 25.49 -1.46 -13.20
CA CYS C 151 25.00 -2.36 -14.26
C CYS C 151 25.18 -1.77 -15.62
N VAL C 152 25.94 -2.49 -16.46
CA VAL C 152 26.11 -2.16 -17.90
C VAL C 152 25.74 -3.42 -18.69
N ASN C 153 24.77 -3.31 -19.58
CA ASN C 153 24.41 -4.38 -20.54
C ASN C 153 24.00 -5.63 -19.79
N GLY C 154 22.95 -5.55 -18.98
CA GLY C 154 22.30 -6.73 -18.38
C GLY C 154 23.12 -7.25 -17.22
N SER C 155 24.43 -7.05 -17.30
CA SER C 155 25.35 -7.54 -16.27
C SER C 155 25.75 -6.45 -15.26
N CYS C 156 25.90 -6.84 -13.99
CA CYS C 156 26.24 -5.91 -12.89
C CYS C 156 27.61 -6.21 -12.32
N PHE C 157 28.31 -5.16 -11.91
CA PHE C 157 29.66 -5.30 -11.40
C PHE C 157 29.80 -4.84 -9.96
N THR C 158 30.63 -5.55 -9.22
CA THR C 158 30.89 -5.21 -7.83
C THR C 158 32.33 -5.49 -7.41
N ILE C 159 32.79 -4.77 -6.39
CA ILE C 159 34.11 -4.97 -5.82
C ILE C 159 33.99 -5.43 -4.38
N MET C 160 34.63 -6.55 -4.05
CA MET C 160 34.54 -7.12 -2.68
C MET C 160 35.94 -7.34 -2.10
N THR C 161 36.12 -7.15 -0.80
CA THR C 161 37.41 -7.32 -0.14
C THR C 161 37.38 -8.29 1.02
N ASP C 162 38.55 -8.83 1.36
CA ASP C 162 38.67 -9.79 2.49
C ASP C 162 40.07 -9.65 3.09
N GLY C 163 40.16 -9.28 4.36
CA GLY C 163 41.47 -9.11 5.03
C GLY C 163 41.51 -7.90 5.94
N PRO C 164 42.71 -7.35 6.29
CA PRO C 164 42.80 -6.23 7.23
C PRO C 164 42.57 -4.80 6.73
N SER C 165 41.91 -3.97 7.54
CA SER C 165 41.51 -2.61 7.22
C SER C 165 42.63 -1.61 7.49
N ASP C 166 43.78 -2.13 7.89
CA ASP C 166 44.94 -1.32 8.23
C ASP C 166 46.20 -1.88 7.59
N GLY C 167 46.03 -2.71 6.56
CA GLY C 167 47.15 -3.36 5.90
C GLY C 167 46.73 -3.84 4.53
N GLN C 168 47.35 -4.93 4.06
CA GLN C 168 47.06 -5.37 2.68
C GLN C 168 46.10 -6.55 2.71
N ALA C 169 45.01 -6.47 1.94
CA ALA C 169 43.95 -7.50 1.93
C ALA C 169 43.67 -7.85 0.47
N SER C 170 43.03 -8.99 0.21
CA SER C 170 42.82 -9.41 -1.19
C SER C 170 41.58 -8.73 -1.76
N TYR C 171 41.65 -8.23 -3.01
CA TYR C 171 40.46 -7.69 -3.64
C TYR C 171 40.04 -8.49 -4.84
N LYS C 172 38.73 -8.58 -5.06
CA LYS C 172 38.21 -9.22 -6.24
C LYS C 172 37.15 -8.38 -6.93
N ILE C 173 37.13 -8.45 -8.25
CA ILE C 173 36.14 -7.76 -9.05
C ILE C 173 35.24 -8.80 -9.66
N PHE C 174 33.94 -8.62 -9.54
CA PHE C 174 33.00 -9.62 -10.02
C PHE C 174 32.05 -9.11 -11.09
N ARG C 175 31.67 -10.01 -11.99
CA ARG C 175 30.62 -9.76 -12.96
C ARG C 175 29.48 -10.74 -12.73
N ILE C 176 28.31 -10.20 -12.42
CA ILE C 176 27.13 -10.96 -12.07
C ILE C 176 26.02 -10.83 -13.10
N GLU C 177 25.49 -11.97 -13.54
CA GLU C 177 24.40 -11.96 -14.49
C GLU C 177 23.20 -12.72 -13.93
N LYS C 178 22.11 -12.01 -13.73
CA LYS C 178 20.88 -12.59 -13.17
C LYS C 178 21.13 -13.31 -11.86
N GLY C 179 21.99 -12.76 -11.02
CA GLY C 179 22.27 -13.35 -9.72
C GLY C 179 23.40 -14.37 -9.71
N LYS C 180 23.92 -14.74 -10.87
CA LYS C 180 25.00 -15.72 -10.92
C LYS C 180 26.35 -15.07 -11.11
N ILE C 181 27.38 -15.60 -10.47
CA ILE C 181 28.71 -15.09 -10.77
C ILE C 181 29.26 -15.81 -11.97
N ILE C 182 29.55 -15.07 -13.02
CA ILE C 182 30.03 -15.67 -14.25
C ILE C 182 31.53 -15.45 -14.43
N LYS C 183 32.00 -14.29 -13.99
CA LYS C 183 33.44 -13.93 -14.21
C LYS C 183 33.97 -13.16 -13.00
N SER C 184 35.14 -13.54 -12.48
CA SER C 184 35.75 -12.83 -11.38
C SER C 184 37.25 -12.79 -11.56
N VAL C 185 37.87 -11.72 -11.07
CA VAL C 185 39.32 -11.62 -11.10
C VAL C 185 39.87 -11.16 -9.76
N GLU C 186 41.07 -11.60 -9.44
CA GLU C 186 41.74 -11.09 -8.25
C GLU C 186 42.69 -9.99 -8.68
N MET C 187 42.62 -8.86 -8.01
CA MET C 187 43.44 -7.73 -8.38
C MET C 187 44.87 -7.85 -7.89
N LYS C 188 45.79 -7.43 -8.73
CA LYS C 188 47.19 -7.33 -8.32
C LYS C 188 47.45 -5.86 -8.05
N ALA C 189 47.32 -5.46 -6.79
CA ALA C 189 47.37 -4.05 -6.48
C ALA C 189 48.10 -3.78 -5.17
N PRO C 190 49.41 -4.03 -5.11
CA PRO C 190 50.21 -3.91 -3.93
C PRO C 190 50.25 -2.45 -3.51
N ASN C 191 50.14 -2.21 -2.21
CA ASN C 191 50.18 -0.89 -1.62
C ASN C 191 48.93 -0.08 -1.91
N TYR C 192 47.92 -0.71 -2.51
CA TYR C 192 46.63 -0.05 -2.69
C TYR C 192 45.64 -0.58 -1.68
N HIS C 193 44.70 0.27 -1.33
CA HIS C 193 43.68 -0.12 -0.38
C HIS C 193 42.35 0.36 -0.95
N TYR C 194 41.42 -0.56 -1.16
CA TYR C 194 40.16 -0.24 -1.81
C TYR C 194 38.93 -0.68 -1.02
N GLU C 195 38.60 0.02 0.04
CA GLU C 195 37.42 -0.36 0.80
C GLU C 195 36.22 0.49 0.45
N GLU C 196 35.03 -0.06 0.63
CA GLU C 196 33.81 0.73 0.51
C GLU C 196 33.77 1.55 -0.79
N CYS C 197 34.02 0.89 -1.92
CA CYS C 197 34.10 1.53 -3.25
C CYS C 197 32.75 2.06 -3.72
N SER C 198 32.78 3.26 -4.28
CA SER C 198 31.60 3.86 -4.88
C SER C 198 31.79 3.83 -6.40
N CYS C 199 30.90 3.10 -7.08
CA CYS C 199 31.06 2.79 -8.55
C CYS C 199 29.95 3.34 -9.38
N TYR C 200 30.27 3.77 -10.59
CA TYR C 200 29.26 4.18 -11.55
C TYR C 200 29.67 3.75 -12.96
N PRO C 201 28.70 3.46 -13.84
CA PRO C 201 28.87 3.17 -15.25
C PRO C 201 29.17 4.44 -16.02
N ASP C 202 29.99 4.34 -17.04
CA ASP C 202 30.27 5.48 -17.90
C ASP C 202 30.78 5.01 -19.27
N SER C 203 29.96 5.16 -20.31
CA SER C 203 30.35 4.72 -21.66
C SER C 203 30.80 3.27 -21.72
N SER C 204 29.99 2.39 -21.13
CA SER C 204 30.21 0.95 -21.11
C SER C 204 31.34 0.48 -20.17
N GLU C 205 32.01 1.41 -19.50
CA GLU C 205 33.07 1.08 -18.55
C GLU C 205 32.62 1.31 -17.12
N ILE C 206 33.30 0.69 -16.18
CA ILE C 206 32.99 0.94 -14.78
C ILE C 206 34.12 1.74 -14.13
N THR C 207 33.77 2.83 -13.48
CA THR C 207 34.77 3.64 -12.77
C THR C 207 34.43 3.68 -11.28
N CYS C 208 35.39 3.36 -10.41
CA CYS C 208 35.18 3.31 -8.96
C CYS C 208 36.22 4.14 -8.20
N VAL C 209 35.73 4.89 -7.21
CA VAL C 209 36.60 5.66 -6.32
C VAL C 209 36.36 5.13 -4.90
N CYS C 210 37.45 4.69 -4.24
CA CYS C 210 37.37 3.94 -2.99
C CYS C 210 38.01 4.66 -1.81
N ARG C 211 37.86 4.06 -0.63
CA ARG C 211 38.43 4.55 0.61
C ARG C 211 39.79 3.94 0.92
N ASP C 212 40.80 4.78 1.08
CA ASP C 212 42.12 4.29 1.48
C ASP C 212 42.23 4.48 2.98
N ASN C 213 42.14 3.38 3.73
CA ASN C 213 42.08 3.50 5.18
C ASN C 213 43.46 3.19 5.77
N ASN C 218 44.35 11.22 0.04
CA ASN C 218 43.73 11.35 -1.25
C ASN C 218 42.97 10.06 -1.53
N ARG C 219 42.37 9.99 -2.73
CA ARG C 219 41.48 8.85 -3.08
C ARG C 219 42.01 7.93 -4.20
N PRO C 220 42.15 6.60 -3.98
CA PRO C 220 42.50 5.65 -5.01
C PRO C 220 41.31 5.36 -5.89
N TRP C 221 41.58 4.99 -7.13
CA TRP C 221 40.53 4.57 -8.02
C TRP C 221 40.94 3.37 -8.83
N VAL C 222 39.92 2.65 -9.29
CA VAL C 222 40.10 1.55 -10.21
C VAL C 222 39.03 1.66 -11.28
N SER C 223 39.39 1.33 -12.51
CA SER C 223 38.40 1.30 -13.56
C SER C 223 38.58 0.04 -14.35
N PHE C 224 37.50 -0.44 -14.94
CA PHE C 224 37.58 -1.67 -15.69
C PHE C 224 36.52 -1.84 -16.76
N ASN C 225 36.81 -2.73 -17.70
CA ASN C 225 35.87 -3.05 -18.76
C ASN C 225 35.06 -4.29 -18.41
N GLN C 226 34.25 -4.75 -19.34
CA GLN C 226 33.32 -5.83 -19.07
C GLN C 226 33.98 -7.21 -19.09
N ASN C 227 35.27 -7.23 -19.42
CA ASN C 227 36.05 -8.46 -19.42
C ASN C 227 36.90 -8.48 -18.17
N LEU C 228 36.65 -7.51 -17.30
CA LEU C 228 37.34 -7.32 -16.04
C LEU C 228 38.81 -7.00 -16.18
N GLU C 229 39.18 -6.31 -17.26
CA GLU C 229 40.54 -5.83 -17.38
C GLU C 229 40.56 -4.49 -16.66
N TYR C 230 41.57 -4.26 -15.83
CA TYR C 230 41.55 -3.07 -14.98
C TYR C 230 42.82 -2.24 -14.99
N GLN C 231 42.63 -0.97 -14.62
CA GLN C 231 43.75 0.00 -14.49
C GLN C 231 43.50 0.71 -13.16
N MET C 232 44.53 1.29 -12.54
CA MET C 232 44.40 1.98 -11.26
C MET C 232 45.39 3.11 -11.05
N GLY C 233 45.09 3.93 -10.05
CA GLY C 233 45.97 5.03 -9.64
C GLY C 233 45.25 5.87 -8.58
N TYR C 234 45.81 7.01 -8.23
CA TYR C 234 45.14 7.91 -7.29
C TYR C 234 44.66 9.14 -8.02
N ILE C 235 43.65 9.81 -7.47
CA ILE C 235 43.25 11.09 -8.05
C ILE C 235 44.38 12.06 -7.71
N CYS C 236 45.03 12.62 -8.75
CA CYS C 236 46.26 13.40 -8.64
C CYS C 236 46.03 14.74 -7.93
N SER C 237 44.82 15.28 -8.04
CA SER C 237 44.48 16.61 -7.51
C SER C 237 44.95 16.85 -6.08
N GLY C 238 45.43 18.07 -5.85
CA GLY C 238 45.86 18.50 -4.52
C GLY C 238 44.65 18.70 -3.62
N VAL C 239 43.46 18.72 -4.21
CA VAL C 239 42.26 18.88 -3.43
C VAL C 239 41.91 17.53 -2.86
N SER C 252 49.50 14.21 -5.45
CA SER C 252 50.31 13.12 -5.99
C SER C 252 49.42 12.11 -6.69
N CYS C 253 49.94 11.48 -7.75
CA CYS C 253 49.22 10.47 -8.52
C CYS C 253 49.37 9.10 -7.84
N GLY C 254 50.14 9.11 -6.76
CA GLY C 254 50.33 7.96 -5.89
C GLY C 254 49.66 8.32 -4.56
N PRO C 255 49.84 7.51 -3.52
CA PRO C 255 49.28 7.71 -2.20
C PRO C 255 49.93 8.86 -1.46
N VAL C 256 49.13 9.57 -0.67
CA VAL C 256 49.66 10.58 0.24
C VAL C 256 49.54 10.09 1.68
N ASN C 262 43.14 5.79 8.43
CA ASN C 262 41.68 5.97 8.72
C ASN C 262 41.04 6.60 7.47
N GLY C 263 39.78 7.01 7.58
CA GLY C 263 39.14 7.67 6.44
C GLY C 263 37.63 7.63 6.51
N VAL C 264 37.02 8.11 5.45
CA VAL C 264 35.57 8.14 5.28
C VAL C 264 35.21 7.75 3.85
N LYS C 265 34.09 7.06 3.67
CA LYS C 265 33.61 6.71 2.33
C LYS C 265 33.31 7.99 1.57
N GLY C 266 33.63 8.02 0.28
CA GLY C 266 33.34 9.19 -0.52
C GLY C 266 33.23 8.86 -1.99
N PHE C 267 33.15 9.89 -2.82
CA PHE C 267 32.98 9.68 -4.24
C PHE C 267 33.62 10.80 -5.04
N SER C 268 33.83 10.52 -6.31
CA SER C 268 34.37 11.50 -7.23
C SER C 268 33.97 11.14 -8.65
N PHE C 269 33.66 12.15 -9.46
CA PHE C 269 33.27 11.91 -10.85
C PHE C 269 34.32 12.36 -11.84
N LYS C 270 34.58 11.50 -12.83
CA LYS C 270 35.57 11.78 -13.87
C LYS C 270 34.98 12.32 -15.18
N TYR C 271 35.49 13.46 -15.62
CA TYR C 271 35.12 14.10 -16.88
C TYR C 271 36.34 14.44 -17.72
N GLY C 272 36.84 13.48 -18.46
CA GLY C 272 38.11 13.69 -19.14
C GLY C 272 39.18 13.85 -18.07
N ASN C 273 39.92 14.95 -18.11
CA ASN C 273 40.96 15.17 -17.12
C ASN C 273 40.44 15.92 -15.91
N GLY C 274 39.18 16.31 -15.95
CA GLY C 274 38.61 17.07 -14.85
C GLY C 274 37.93 16.17 -13.85
N VAL C 275 37.86 16.61 -12.61
CA VAL C 275 37.21 15.80 -11.59
C VAL C 275 36.36 16.60 -10.62
N TRP C 276 35.20 16.06 -10.26
CA TRP C 276 34.38 16.60 -9.19
C TRP C 276 34.64 15.82 -7.92
N ILE C 277 35.16 16.49 -6.90
CA ILE C 277 35.50 15.82 -5.66
C ILE C 277 34.58 16.24 -4.54
N GLY C 278 33.94 15.28 -3.89
CA GLY C 278 33.12 15.64 -2.74
C GLY C 278 33.98 15.50 -1.49
N ARG C 279 33.82 16.41 -0.54
CA ARG C 279 34.57 16.31 0.71
C ARG C 279 33.97 17.13 1.82
N THR C 280 34.41 16.89 3.04
CA THR C 280 34.03 17.67 4.19
C THR C 280 34.82 18.97 4.24
N LYS C 281 34.43 19.90 5.10
CA LYS C 281 35.15 21.17 5.19
C LYS C 281 36.25 21.13 6.24
N SER C 282 36.05 20.29 7.25
CA SER C 282 37.03 20.14 8.31
C SER C 282 38.04 19.05 7.95
N ILE C 283 39.28 19.22 8.40
CA ILE C 283 40.31 18.23 8.12
C ILE C 283 40.57 17.33 9.31
N SER C 284 39.93 17.68 10.43
CA SER C 284 40.09 16.94 11.68
C SER C 284 38.82 16.26 12.15
N SER C 285 37.70 16.59 11.50
CA SER C 285 36.40 16.05 11.90
C SER C 285 35.47 15.93 10.71
N ARG C 286 34.45 15.10 10.82
CA ARG C 286 33.49 14.96 9.74
C ARG C 286 32.40 16.03 9.80
N LYS C 287 32.79 17.26 9.51
CA LYS C 287 31.87 18.40 9.52
C LYS C 287 31.87 19.15 8.18
N GLY C 288 30.69 19.58 7.78
CA GLY C 288 30.51 20.33 6.54
C GLY C 288 30.56 19.42 5.33
N PHE C 289 30.22 19.96 4.18
CA PHE C 289 30.34 19.24 2.92
C PHE C 289 30.36 20.21 1.75
N GLU C 290 31.28 20.01 0.83
CA GLU C 290 31.38 20.85 -0.35
C GLU C 290 31.76 20.07 -1.60
N MET C 291 31.33 20.57 -2.74
CA MET C 291 31.74 19.99 -4.02
C MET C 291 32.73 20.89 -4.72
N ILE C 292 33.86 20.32 -5.13
CA ILE C 292 34.87 21.10 -5.84
C ILE C 292 35.16 20.56 -7.22
N TRP C 293 35.09 21.48 -8.20
CA TRP C 293 35.39 21.15 -9.58
C TRP C 293 36.78 21.60 -9.99
N ASP C 294 37.63 20.61 -10.26
CA ASP C 294 39.01 20.78 -10.64
C ASP C 294 39.24 20.27 -12.07
N PRO C 295 39.29 21.17 -13.08
CA PRO C 295 39.38 20.87 -14.50
C PRO C 295 40.55 20.00 -14.88
N ASN C 296 41.60 19.94 -14.05
CA ASN C 296 42.75 19.12 -14.40
C ASN C 296 43.14 18.18 -13.25
N GLY C 297 42.23 17.96 -12.33
CA GLY C 297 42.54 17.22 -11.11
C GLY C 297 42.68 15.71 -11.29
N TRP C 298 42.16 15.14 -12.36
CA TRP C 298 42.28 13.69 -12.46
C TRP C 298 43.75 13.31 -12.64
N THR C 299 44.45 14.05 -13.51
CA THR C 299 45.82 13.75 -13.88
C THR C 299 46.86 14.75 -13.34
N GLY C 300 46.43 15.94 -12.92
CA GLY C 300 47.36 16.96 -12.45
C GLY C 300 47.48 16.97 -10.93
N THR C 301 48.59 17.47 -10.41
CA THR C 301 48.82 17.52 -8.97
C THR C 301 48.67 18.90 -8.36
N ASP C 302 48.28 19.88 -9.18
CA ASP C 302 48.13 21.22 -8.66
C ASP C 302 46.88 21.28 -7.77
N ASN C 303 46.81 22.31 -6.92
CA ASN C 303 45.71 22.48 -5.97
C ASN C 303 44.77 23.62 -6.35
N LYS C 304 44.70 23.89 -7.66
CA LYS C 304 43.83 24.99 -8.15
C LYS C 304 42.49 24.38 -8.59
N PHE C 305 41.39 25.09 -8.36
CA PHE C 305 40.07 24.64 -8.75
C PHE C 305 39.28 25.83 -9.24
N SER C 306 38.18 25.57 -9.95
CA SER C 306 37.39 26.67 -10.48
C SER C 306 36.09 26.89 -9.73
N ILE C 307 35.41 25.82 -9.36
CA ILE C 307 34.10 25.99 -8.75
C ILE C 307 33.96 25.29 -7.42
N LYS C 308 33.49 26.02 -6.42
CA LYS C 308 33.20 25.42 -5.12
C LYS C 308 31.76 25.71 -4.73
N GLN C 309 30.97 24.65 -4.56
CA GLN C 309 29.57 24.83 -4.09
C GLN C 309 29.50 24.29 -2.66
N ASP C 310 28.51 24.71 -1.89
CA ASP C 310 28.40 24.27 -0.47
C ASP C 310 27.18 23.36 -0.33
N ILE C 311 27.38 22.15 0.19
CA ILE C 311 26.22 21.24 0.42
C ILE C 311 25.81 21.33 1.90
N VAL C 312 26.79 21.21 2.81
CA VAL C 312 26.51 21.28 4.28
C VAL C 312 27.38 22.38 4.91
N GLY C 313 26.81 23.22 5.78
CA GLY C 313 27.58 24.23 6.49
C GLY C 313 28.58 23.59 7.44
N ILE C 314 29.68 24.28 7.70
CA ILE C 314 30.73 23.75 8.58
C ILE C 314 30.26 23.61 10.01
N ASN C 315 29.16 24.29 10.35
CA ASN C 315 28.60 24.23 11.68
C ASN C 315 27.70 23.03 11.88
N GLU C 316 27.55 22.22 10.85
CA GLU C 316 26.71 21.04 10.93
C GLU C 316 27.53 19.77 10.70
N TRP C 317 27.12 18.69 11.35
CA TRP C 317 27.79 17.42 11.15
C TRP C 317 27.41 16.82 9.82
N SER C 318 28.37 16.19 9.16
CA SER C 318 28.07 15.49 7.93
C SER C 318 28.38 14.03 8.12
N GLY C 319 29.28 13.48 7.33
CA GLY C 319 29.55 12.05 7.47
C GLY C 319 29.95 11.40 6.16
N TYR C 320 29.53 10.13 6.04
CA TYR C 320 29.84 9.30 4.86
C TYR C 320 29.06 9.77 3.65
N SER C 321 29.64 9.64 2.46
CA SER C 321 28.94 9.99 1.23
C SER C 321 29.22 8.99 0.14
N GLY C 322 28.44 9.05 -0.91
CA GLY C 322 28.64 8.15 -2.05
C GLY C 322 27.81 8.55 -3.24
N SER C 323 28.04 7.88 -4.37
CA SER C 323 27.36 8.22 -5.61
C SER C 323 26.38 7.16 -6.05
N PHE C 324 25.46 7.58 -6.92
CA PHE C 324 24.51 6.69 -7.58
C PHE C 324 24.13 7.36 -8.88
N VAL C 325 23.51 6.62 -9.79
CA VAL C 325 23.15 7.30 -11.04
C VAL C 325 21.72 7.11 -11.48
N MET C 326 21.25 8.03 -12.30
CA MET C 326 19.95 7.93 -12.93
C MET C 326 20.11 7.69 -14.42
N HIS C 327 19.82 6.48 -14.85
CA HIS C 327 19.99 6.05 -16.22
C HIS C 327 18.95 6.66 -17.17
N PRO C 328 19.25 6.80 -18.46
CA PRO C 328 18.36 7.23 -19.53
C PRO C 328 17.00 6.55 -19.51
N GLU C 329 16.96 5.27 -19.15
CA GLU C 329 15.70 4.55 -19.08
C GLU C 329 14.74 5.15 -18.05
N LEU C 330 15.29 5.89 -17.10
CA LEU C 330 14.54 6.56 -16.04
C LEU C 330 14.34 8.05 -16.32
N THR C 331 15.37 8.70 -16.87
CA THR C 331 15.36 10.16 -17.02
C THR C 331 14.82 10.66 -18.35
N GLY C 332 14.86 9.83 -19.40
CA GLY C 332 14.40 10.25 -20.71
C GLY C 332 15.47 11.04 -21.47
N LEU C 333 16.68 11.07 -20.92
CA LEU C 333 17.78 11.80 -21.51
C LEU C 333 18.70 10.89 -22.30
N ASP C 334 19.65 11.49 -23.01
CA ASP C 334 20.63 10.75 -23.81
C ASP C 334 21.99 10.53 -23.13
N CYS C 335 22.06 10.69 -21.80
CA CYS C 335 23.27 10.53 -21.00
C CYS C 335 22.89 10.08 -19.58
N ILE C 336 23.90 9.69 -18.80
CA ILE C 336 23.67 9.21 -17.44
C ILE C 336 23.81 10.35 -16.44
N VAL C 337 22.77 10.61 -15.65
CA VAL C 337 22.83 11.73 -14.73
C VAL C 337 23.44 11.33 -13.39
N PRO C 338 24.55 11.95 -12.97
CA PRO C 338 25.23 11.69 -11.73
C PRO C 338 24.44 12.28 -10.59
N CYS C 339 24.38 11.58 -9.45
CA CYS C 339 23.76 12.03 -8.23
C CYS C 339 24.58 11.54 -7.01
N PHE C 340 24.34 12.12 -5.85
CA PHE C 340 25.06 11.65 -4.67
C PHE C 340 24.26 11.85 -3.39
N TRP C 341 24.69 11.16 -2.34
CA TRP C 341 24.06 11.28 -1.04
C TRP C 341 25.08 11.50 0.06
N VAL C 342 24.61 12.13 1.14
CA VAL C 342 25.40 12.34 2.32
C VAL C 342 24.63 11.85 3.56
N GLU C 343 25.30 11.05 4.38
CA GLU C 343 24.73 10.57 5.62
C GLU C 343 25.04 11.58 6.71
N LEU C 344 24.01 12.05 7.39
CA LEU C 344 24.20 13.04 8.44
C LEU C 344 24.16 12.32 9.79
N ILE C 345 25.32 12.27 10.43
CA ILE C 345 25.52 11.48 11.64
C ILE C 345 25.16 12.22 12.92
N THR C 356 24.57 6.44 15.66
CA THR C 356 24.11 5.74 14.43
C THR C 356 23.89 6.77 13.32
N SER C 357 22.79 6.63 12.57
CA SER C 357 22.51 7.54 11.43
C SER C 357 21.24 8.34 11.73
N GLY C 358 21.29 9.65 11.53
CA GLY C 358 20.07 10.44 11.73
C GLY C 358 19.31 10.72 10.45
N SER C 359 19.98 11.30 9.43
CA SER C 359 19.23 11.71 8.23
C SER C 359 20.02 11.42 6.96
N SER C 360 19.34 11.32 5.81
CA SER C 360 20.06 11.14 4.54
C SER C 360 19.54 12.07 3.46
N ILE C 361 20.34 13.05 3.08
CA ILE C 361 20.06 14.03 2.04
C ILE C 361 20.70 13.61 0.73
N SER C 362 20.11 14.01 -0.38
CA SER C 362 20.70 13.70 -1.68
C SER C 362 20.48 14.81 -2.69
N PHE C 363 21.41 14.85 -3.66
CA PHE C 363 21.40 15.89 -4.70
C PHE C 363 21.72 15.28 -6.08
N CYS C 364 21.24 15.89 -7.16
CA CYS C 364 21.54 15.51 -8.55
C CYS C 364 22.10 16.68 -9.31
N GLY C 365 22.93 16.39 -10.29
CA GLY C 365 23.52 17.45 -11.08
C GLY C 365 22.57 18.07 -12.09
N VAL C 366 22.75 19.36 -12.31
CA VAL C 366 22.02 20.11 -13.32
C VAL C 366 23.00 20.97 -14.11
N ASN C 367 22.56 21.46 -15.27
CA ASN C 367 23.35 22.40 -16.06
C ASN C 367 22.76 23.80 -16.01
N SER C 368 21.84 24.00 -15.08
CA SER C 368 21.17 25.28 -14.90
C SER C 368 21.70 25.98 -13.68
N ASP C 369 21.17 27.16 -13.35
CA ASP C 369 21.72 27.94 -12.21
C ASP C 369 21.32 27.37 -10.84
N THR C 370 22.30 27.11 -9.97
CA THR C 370 22.03 26.59 -8.59
C THR C 370 22.92 27.35 -7.59
N VAL C 371 22.46 27.50 -6.34
CA VAL C 371 23.22 28.31 -5.34
C VAL C 371 23.85 27.39 -4.27
N GLY C 372 24.67 27.96 -3.38
CA GLY C 372 25.25 27.18 -2.26
C GLY C 372 24.21 26.87 -1.21
N TRP C 373 24.26 25.68 -0.63
CA TRP C 373 23.30 25.27 0.42
C TRP C 373 24.03 25.25 1.78
N SER C 374 23.49 25.91 2.81
CA SER C 374 24.12 25.87 4.16
C SER C 374 23.73 24.57 4.87
N VAL D 1 -1.86 9.80 -22.10
CA VAL D 1 -2.64 10.70 -22.94
C VAL D 1 -2.51 12.12 -22.40
N LYS D 2 -1.96 13.04 -23.22
CA LYS D 2 -1.76 14.45 -22.85
C LYS D 2 -3.09 15.16 -22.63
N LEU D 3 -3.18 15.95 -21.56
CA LEU D 3 -4.41 16.69 -21.31
C LEU D 3 -4.61 17.74 -22.39
N ALA D 4 -5.85 17.87 -22.85
CA ALA D 4 -6.17 18.88 -23.86
C ALA D 4 -6.47 20.23 -23.21
N GLY D 5 -7.64 20.37 -22.62
CA GLY D 5 -7.96 21.64 -21.96
C GLY D 5 -8.40 22.69 -22.97
N ASN D 6 -9.04 22.23 -24.05
CA ASN D 6 -9.66 23.09 -25.08
C ASN D 6 -11.13 23.34 -24.74
N SER D 7 -11.62 22.62 -23.76
CA SER D 7 -13.08 22.56 -23.54
C SER D 7 -13.43 23.73 -22.64
N SER D 8 -14.53 24.42 -22.90
CA SER D 8 -14.88 25.49 -21.99
C SER D 8 -15.13 24.98 -20.59
N LEU D 9 -15.14 25.90 -19.63
CA LEU D 9 -15.48 25.58 -18.25
C LEU D 9 -16.97 25.22 -18.16
N CYS D 10 -17.31 24.18 -17.38
CA CYS D 10 -18.68 23.74 -17.14
C CYS D 10 -19.49 24.79 -16.40
N PRO D 11 -20.73 25.08 -16.79
CA PRO D 11 -21.65 25.96 -16.11
C PRO D 11 -22.09 25.25 -14.85
N VAL D 12 -22.42 26.00 -13.80
CA VAL D 12 -22.91 25.40 -12.57
C VAL D 12 -24.11 26.17 -12.03
N SER D 13 -24.93 25.51 -11.21
CA SER D 13 -26.03 26.20 -10.54
C SER D 13 -25.74 26.36 -9.06
N GLY D 14 -24.83 25.54 -8.55
CA GLY D 14 -24.48 25.57 -7.13
C GLY D 14 -23.34 24.62 -6.84
N TRP D 15 -22.87 24.59 -5.58
CA TRP D 15 -21.69 23.75 -5.24
C TRP D 15 -22.07 22.64 -4.25
N ALA D 16 -21.55 21.43 -4.46
CA ALA D 16 -21.86 20.29 -3.57
C ALA D 16 -20.56 19.82 -2.91
N PRO D 17 -20.58 19.15 -1.74
CA PRO D 17 -19.33 18.83 -1.03
C PRO D 17 -18.58 17.60 -1.57
N LEU D 18 -17.25 17.64 -1.59
CA LEU D 18 -16.49 16.55 -2.16
C LEU D 18 -15.71 15.78 -1.11
N SER D 19 -15.00 16.51 -0.25
CA SER D 19 -14.10 15.89 0.71
C SER D 19 -13.89 16.69 1.99
N LYS D 20 -13.49 15.98 3.06
CA LYS D 20 -13.23 16.58 4.40
C LYS D 20 -12.27 15.63 5.14
N ASP D 21 -11.06 16.08 5.50
CA ASP D 21 -10.03 15.18 6.10
C ASP D 21 -10.37 14.64 7.50
N ASN D 22 -10.90 15.45 8.42
CA ASN D 22 -11.16 15.02 9.83
C ASN D 22 -9.84 14.64 10.51
N SER D 23 -8.72 15.29 10.16
CA SER D 23 -7.38 14.98 10.72
C SER D 23 -7.22 15.33 12.20
N VAL D 24 -7.79 16.44 12.67
CA VAL D 24 -7.53 16.90 14.07
C VAL D 24 -7.99 15.84 15.08
N ARG D 25 -9.17 15.25 14.89
CA ARG D 25 -9.70 14.21 15.81
C ARG D 25 -8.81 12.97 15.74
N ILE D 26 -8.33 12.61 14.55
CA ILE D 26 -7.50 11.38 14.37
C ILE D 26 -6.10 11.60 14.95
N GLY D 27 -5.55 12.81 14.82
CA GLY D 27 -4.20 13.04 15.29
C GLY D 27 -4.06 13.29 16.78
N SER D 28 -5.18 13.36 17.51
CA SER D 28 -5.08 13.55 18.94
C SER D 28 -4.48 12.32 19.63
N LYS D 29 -4.64 11.15 18.99
CA LYS D 29 -4.07 9.92 19.52
C LYS D 29 -3.10 9.27 18.54
N GLY D 30 -3.43 9.30 17.25
CA GLY D 30 -2.61 8.61 16.26
C GLY D 30 -1.49 9.49 15.74
N ASP D 31 -0.82 9.04 14.68
CA ASP D 31 0.30 9.79 14.12
C ASP D 31 -0.10 10.54 12.87
N VAL D 32 -0.24 11.85 13.01
CA VAL D 32 -0.67 12.72 11.93
C VAL D 32 0.25 13.94 11.85
N PHE D 33 0.59 14.34 10.63
CA PHE D 33 1.45 15.50 10.42
C PHE D 33 0.77 16.80 10.72
N VAL D 34 1.57 17.76 11.19
CA VAL D 34 1.10 19.12 11.28
C VAL D 34 1.31 19.71 9.92
N ILE D 35 0.22 20.02 9.21
CA ILE D 35 0.37 20.46 7.79
C ILE D 35 0.17 21.97 7.65
N ARG D 36 0.64 22.54 6.54
CA ARG D 36 0.47 23.99 6.29
C ARG D 36 0.35 24.21 4.77
N GLU D 37 -0.35 25.27 4.36
CA GLU D 37 -0.53 25.59 2.91
C GLU D 37 -0.97 24.34 2.11
N PRO D 38 -2.14 23.68 2.36
CA PRO D 38 -2.51 22.57 1.53
C PRO D 38 -3.13 23.07 0.24
N PHE D 39 -3.12 22.24 -0.78
CA PHE D 39 -3.88 22.51 -1.99
C PHE D 39 -4.25 21.21 -2.68
N ILE D 40 -5.23 21.26 -3.57
CA ILE D 40 -5.67 20.07 -4.27
C ILE D 40 -5.41 20.17 -5.75
N SER D 41 -4.95 19.06 -6.32
CA SER D 41 -4.74 18.97 -7.76
C SER D 41 -5.22 17.60 -8.21
N CYS D 42 -5.63 17.48 -9.49
CA CYS D 42 -6.15 16.20 -10.02
C CYS D 42 -5.42 15.74 -11.26
N SER D 43 -5.20 14.43 -11.32
CA SER D 43 -4.65 13.74 -12.47
C SER D 43 -5.84 13.08 -13.18
N PRO D 44 -5.66 12.45 -14.34
CA PRO D 44 -6.68 11.69 -15.05
C PRO D 44 -7.22 10.50 -14.25
N LEU D 45 -6.50 10.06 -13.22
CA LEU D 45 -6.96 8.89 -12.47
C LEU D 45 -7.44 9.21 -11.06
N GLU D 46 -6.80 10.15 -10.40
CA GLU D 46 -7.07 10.43 -8.99
C GLU D 46 -6.85 11.89 -8.63
N CYS D 47 -7.48 12.35 -7.54
CA CYS D 47 -7.24 13.68 -6.96
C CYS D 47 -6.45 13.50 -5.67
N ARG D 48 -5.50 14.40 -5.44
CA ARG D 48 -4.63 14.32 -4.29
C ARG D 48 -4.48 15.63 -3.54
N GLN D 49 -4.22 15.51 -2.23
CA GLN D 49 -4.00 16.71 -1.38
C GLN D 49 -2.51 16.90 -1.11
N PHE D 50 -1.95 18.00 -1.58
CA PHE D 50 -0.55 18.35 -1.43
C PHE D 50 -0.43 19.28 -0.26
N PHE D 51 0.64 19.17 0.50
CA PHE D 51 0.83 20.07 1.62
C PHE D 51 2.27 20.26 1.99
N LEU D 52 2.57 21.35 2.70
CA LEU D 52 3.90 21.51 3.20
C LEU D 52 3.95 21.14 4.67
N THR D 53 5.02 20.48 5.04
CA THR D 53 5.23 20.05 6.43
C THR D 53 6.44 20.69 7.04
N GLN D 54 6.66 20.42 8.33
CA GLN D 54 7.89 20.90 9.02
C GLN D 54 8.54 19.64 9.56
N GLY D 55 7.88 18.49 9.39
CA GLY D 55 8.38 17.22 9.86
C GLY D 55 7.82 16.88 11.25
N ALA D 56 6.99 17.77 11.79
CA ALA D 56 6.39 17.60 13.10
C ALA D 56 5.07 16.86 13.06
N LEU D 57 4.82 16.05 14.08
CA LEU D 57 3.53 15.31 14.20
C LEU D 57 2.65 16.04 15.20
N LEU D 58 1.33 15.85 15.13
CA LEU D 58 0.38 16.54 16.04
C LEU D 58 0.52 15.94 17.44
N ASN D 59 0.26 16.74 18.49
CA ASN D 59 0.39 16.26 19.90
C ASN D 59 1.81 15.74 20.15
N ASP D 60 2.82 16.46 19.66
CA ASP D 60 4.24 16.06 19.84
C ASP D 60 4.66 16.36 21.28
N ARG D 70 9.63 29.61 6.56
CA ARG D 70 10.74 29.13 5.76
C ARG D 70 11.83 28.49 6.62
N SER D 71 12.26 27.31 6.19
CA SER D 71 13.34 26.60 6.83
C SER D 71 13.88 25.52 5.88
N PRO D 72 15.14 25.09 6.03
CA PRO D 72 15.80 24.02 5.30
C PRO D 72 15.11 22.66 5.44
N TYR D 73 14.21 22.53 6.40
CA TYR D 73 13.57 21.26 6.68
C TYR D 73 12.16 21.15 6.13
N ARG D 74 11.65 22.18 5.45
CA ARG D 74 10.25 22.13 4.96
C ARG D 74 10.19 21.32 3.67
N THR D 75 9.31 20.32 3.62
CA THR D 75 9.14 19.50 2.43
C THR D 75 7.70 19.45 1.95
N LEU D 76 7.54 19.09 0.68
CA LEU D 76 6.25 18.93 0.04
C LEU D 76 5.89 17.46 -0.02
N MET D 77 4.72 17.13 0.52
CA MET D 77 4.25 15.75 0.55
C MET D 77 2.81 15.67 0.11
N SER D 78 2.34 14.46 -0.20
CA SER D 78 0.96 14.32 -0.63
C SER D 78 0.28 13.01 -0.24
N VAL D 79 -1.04 13.07 -0.10
CA VAL D 79 -1.89 11.90 0.17
C VAL D 79 -3.13 11.93 -0.72
N PRO D 80 -3.78 10.80 -0.97
CA PRO D 80 -5.04 10.71 -1.69
C PRO D 80 -6.07 11.61 -1.02
N ILE D 81 -6.90 12.24 -1.82
CA ILE D 81 -7.85 13.19 -1.26
C ILE D 81 -8.76 12.54 -0.25
N GLY D 82 -8.89 13.21 0.90
CA GLY D 82 -9.75 12.74 1.99
C GLY D 82 -9.02 11.91 3.04
N SER D 83 -7.80 11.46 2.73
CA SER D 83 -7.06 10.64 3.68
C SER D 83 -6.34 11.50 4.69
N VAL D 84 -6.09 10.92 5.86
CA VAL D 84 -5.35 11.61 6.90
C VAL D 84 -3.88 11.73 6.47
N PRO D 85 -3.26 12.90 6.59
CA PRO D 85 -1.87 13.16 6.23
C PRO D 85 -0.94 12.59 7.28
N SER D 86 -0.72 11.29 7.23
CA SER D 86 0.11 10.61 8.23
C SER D 86 1.46 10.24 7.62
N PRO D 87 2.51 10.03 8.43
CA PRO D 87 3.83 9.60 8.02
C PRO D 87 3.83 8.22 7.40
N TYR D 88 2.74 7.48 7.55
CA TYR D 88 2.71 6.14 7.02
C TYR D 88 1.93 6.04 5.72
N ASN D 89 1.43 7.17 5.22
CA ASN D 89 0.58 7.11 3.99
C ASN D 89 1.04 8.18 3.01
N ALA D 90 1.77 9.19 3.48
CA ALA D 90 2.18 10.32 2.62
C ALA D 90 3.25 9.91 1.63
N ARG D 91 3.27 10.53 0.45
CA ARG D 91 4.28 10.23 -0.59
C ARG D 91 5.14 11.48 -0.78
N PHE D 92 6.46 11.34 -0.68
CA PHE D 92 7.37 12.51 -0.79
C PHE D 92 7.30 13.09 -2.19
N GLU D 93 7.43 14.42 -2.31
CA GLU D 93 7.50 15.01 -3.64
C GLU D 93 8.79 15.83 -3.84
N SER D 94 9.02 16.80 -2.96
CA SER D 94 10.16 17.70 -3.13
C SER D 94 10.52 18.47 -1.87
N ILE D 95 11.61 19.22 -1.93
CA ILE D 95 12.03 20.08 -0.81
C ILE D 95 11.68 21.51 -1.12
N ALA D 96 10.88 22.14 -0.25
CA ALA D 96 10.45 23.50 -0.53
C ALA D 96 9.84 24.19 0.67
N TRP D 97 9.97 25.52 0.71
CA TRP D 97 9.19 26.31 1.65
C TRP D 97 8.04 27.02 0.95
N SER D 98 7.95 26.81 -0.36
CA SER D 98 6.89 27.32 -1.22
C SER D 98 6.78 26.39 -2.41
N ALA D 99 5.57 25.99 -2.78
CA ALA D 99 5.45 25.01 -3.86
C ALA D 99 4.13 25.00 -4.59
N SER D 100 4.15 24.46 -5.79
CA SER D 100 2.95 24.26 -6.62
C SER D 100 3.05 22.93 -7.34
N ALA D 101 1.92 22.44 -7.85
CA ALA D 101 1.96 21.16 -8.58
C ALA D 101 0.77 20.99 -9.52
N CYS D 102 0.95 20.19 -10.58
CA CYS D 102 -0.10 19.82 -11.50
C CYS D 102 0.29 18.60 -12.34
N HIS D 103 -0.66 18.09 -13.11
CA HIS D 103 -0.41 16.89 -13.89
C HIS D 103 -0.65 17.23 -15.35
N ASP D 104 0.22 16.76 -16.23
CA ASP D 104 0.10 17.08 -17.65
C ASP D 104 -0.61 16.01 -18.47
N GLY D 105 -1.09 14.97 -17.81
CA GLY D 105 -1.74 13.85 -18.47
C GLY D 105 -0.81 12.65 -18.58
N ILE D 106 0.49 12.88 -18.39
CA ILE D 106 1.46 11.81 -18.45
C ILE D 106 2.06 11.57 -17.07
N ASN D 107 2.57 12.63 -16.44
CA ASN D 107 3.20 12.54 -15.13
C ASN D 107 2.97 13.78 -14.29
N TRP D 108 3.49 13.78 -13.07
CA TRP D 108 3.39 14.95 -12.20
C TRP D 108 4.51 15.93 -12.43
N LEU D 109 4.15 17.20 -12.49
CA LEU D 109 5.08 18.30 -12.54
C LEU D 109 4.99 19.04 -11.22
N THR D 110 6.11 19.20 -10.55
CA THR D 110 6.10 19.92 -9.30
C THR D 110 7.15 21.00 -9.32
N ILE D 111 6.85 22.11 -8.66
CA ILE D 111 7.80 23.18 -8.55
C ILE D 111 8.00 23.51 -7.10
N GLY D 112 9.26 23.55 -6.66
CA GLY D 112 9.55 23.77 -5.23
C GLY D 112 10.67 24.76 -5.01
N ILE D 113 10.43 25.81 -4.22
CA ILE D 113 11.45 26.88 -4.00
C ILE D 113 12.16 26.58 -2.70
N THR D 114 13.49 26.40 -2.74
CA THR D 114 14.27 26.18 -1.51
C THR D 114 15.52 27.06 -1.58
N GLY D 115 16.23 27.22 -0.46
CA GLY D 115 17.42 28.02 -0.39
C GLY D 115 17.18 29.37 0.28
N PRO D 116 18.19 30.24 0.27
CA PRO D 116 18.29 31.54 0.94
C PRO D 116 17.24 32.54 0.51
N ASP D 117 16.84 33.39 1.45
CA ASP D 117 15.89 34.45 1.20
C ASP D 117 16.40 35.43 0.13
N SER D 118 17.71 35.56 0.06
CA SER D 118 18.40 36.47 -0.85
C SER D 118 19.02 35.76 -2.04
N GLY D 119 18.65 34.48 -2.21
CA GLY D 119 19.18 33.66 -3.32
C GLY D 119 18.37 32.38 -3.50
N ALA D 120 17.05 32.46 -3.60
CA ALA D 120 16.23 31.23 -3.64
C ALA D 120 16.21 30.62 -5.05
N VAL D 121 16.17 29.28 -5.14
CA VAL D 121 16.14 28.59 -6.47
C VAL D 121 14.89 27.72 -6.53
N ALA D 122 14.12 27.79 -7.61
CA ALA D 122 12.94 26.91 -7.75
C ALA D 122 13.38 25.66 -8.53
N ILE D 123 13.25 24.49 -7.92
CA ILE D 123 13.73 23.24 -8.55
C ILE D 123 12.55 22.57 -9.24
N LEU D 124 12.61 22.40 -10.56
CA LEU D 124 11.51 21.82 -11.30
C LEU D 124 11.73 20.33 -11.46
N LYS D 125 10.76 19.56 -10.98
CA LYS D 125 10.84 18.11 -11.12
C LYS D 125 9.77 17.57 -12.02
N TYR D 126 10.12 16.55 -12.77
CA TYR D 126 9.16 15.88 -13.61
C TYR D 126 9.25 14.40 -13.38
N ASN D 127 8.17 13.81 -12.89
CA ASN D 127 8.13 12.39 -12.56
C ASN D 127 9.24 12.00 -11.60
N GLY D 128 9.55 12.87 -10.64
CA GLY D 128 10.55 12.60 -9.61
C GLY D 128 11.98 12.96 -10.01
N ILE D 129 12.20 13.34 -11.26
CA ILE D 129 13.54 13.64 -11.74
C ILE D 129 13.76 15.15 -11.86
N ILE D 130 14.88 15.66 -11.39
CA ILE D 130 15.13 17.08 -11.56
C ILE D 130 15.42 17.36 -13.02
N THR D 131 14.67 18.29 -13.61
CA THR D 131 14.84 18.61 -15.02
C THR D 131 15.31 20.03 -15.27
N ASP D 132 14.97 20.96 -14.39
CA ASP D 132 15.39 22.34 -14.62
C ASP D 132 15.37 23.15 -13.35
N THR D 133 15.89 24.38 -13.38
CA THR D 133 15.86 25.27 -12.20
C THR D 133 15.70 26.73 -12.63
N ILE D 134 15.04 27.56 -11.82
CA ILE D 134 14.94 29.02 -12.11
C ILE D 134 15.57 29.74 -10.91
N LYS D 135 16.48 30.68 -11.15
CA LYS D 135 17.14 31.33 -10.00
C LYS D 135 16.52 32.71 -9.79
N SER D 136 16.50 33.18 -8.54
CA SER D 136 15.87 34.47 -8.18
C SER D 136 16.47 35.63 -8.97
N TRP D 137 15.69 36.20 -9.87
CA TRP D 137 16.16 37.37 -10.66
C TRP D 137 16.36 38.62 -9.79
N ARG D 138 15.46 38.91 -8.84
CA ARG D 138 15.53 40.16 -8.04
C ARG D 138 16.08 39.89 -6.63
N ASN D 139 16.45 38.65 -6.33
CA ASN D 139 17.05 38.29 -5.01
C ASN D 139 16.15 38.70 -3.84
N ASN D 140 14.82 38.52 -3.95
CA ASN D 140 13.93 38.83 -2.80
C ASN D 140 12.82 37.78 -2.67
N ILE D 141 12.97 36.80 -1.78
CA ILE D 141 12.00 35.74 -1.53
C ILE D 141 11.34 35.26 -2.81
N LEU D 142 12.04 34.45 -3.60
CA LEU D 142 11.39 33.83 -4.79
C LEU D 142 10.19 33.00 -4.30
N ARG D 143 8.99 33.23 -4.82
CA ARG D 143 7.81 32.51 -4.36
C ARG D 143 6.83 32.20 -5.49
N THR D 144 6.00 31.17 -5.29
CA THR D 144 5.11 30.69 -6.35
C THR D 144 3.62 30.72 -5.94
N GLN D 145 2.79 30.07 -6.75
CA GLN D 145 1.34 30.07 -6.66
C GLN D 145 0.72 29.43 -5.42
N GLU D 146 1.37 28.43 -4.84
CA GLU D 146 0.76 27.71 -3.73
C GLU D 146 -0.60 27.14 -4.11
N SER D 147 -0.70 26.59 -5.31
CA SER D 147 -1.92 25.99 -5.81
C SER D 147 -1.63 25.05 -6.97
N GLU D 148 -2.69 24.67 -7.67
CA GLU D 148 -2.54 23.83 -8.85
C GLU D 148 -2.07 24.70 -10.02
N CYS D 149 -1.12 24.20 -10.81
CA CYS D 149 -0.67 24.87 -12.05
C CYS D 149 -1.56 24.40 -13.21
N ALA D 150 -1.68 25.22 -14.24
CA ALA D 150 -2.65 24.91 -15.29
C ALA D 150 -2.00 24.29 -16.53
N CYS D 151 -2.48 23.10 -16.93
CA CYS D 151 -1.95 22.39 -18.11
C CYS D 151 -2.92 22.41 -19.25
N VAL D 152 -2.49 22.99 -20.38
CA VAL D 152 -3.24 22.96 -21.67
C VAL D 152 -2.28 22.41 -22.72
N ASN D 153 -2.66 21.32 -23.37
CA ASN D 153 -1.94 20.76 -24.54
C ASN D 153 -0.51 20.41 -24.14
N GLY D 154 -0.35 19.50 -23.18
CA GLY D 154 0.95 18.88 -22.87
C GLY D 154 1.80 19.84 -22.07
N SER D 155 1.60 21.13 -22.29
CA SER D 155 2.38 22.17 -21.62
C SER D 155 1.65 22.77 -20.41
N CYS D 156 2.41 23.09 -19.34
CA CYS D 156 1.86 23.64 -18.09
C CYS D 156 2.33 25.06 -17.86
N PHE D 157 1.45 25.87 -17.28
CA PHE D 157 1.74 27.27 -17.05
C PHE D 157 1.75 27.65 -15.58
N THR D 158 2.65 28.55 -15.23
CA THR D 158 2.75 29.03 -13.86
C THR D 158 3.15 30.50 -13.78
N ILE D 159 2.78 31.14 -12.68
CA ILE D 159 3.16 32.53 -12.42
C ILE D 159 4.03 32.61 -11.18
N MET D 160 5.20 33.23 -11.31
CA MET D 160 6.16 33.30 -10.18
C MET D 160 6.55 34.77 -9.92
N THR D 161 6.77 35.15 -8.66
CA THR D 161 7.13 36.51 -8.30
C THR D 161 8.42 36.60 -7.50
N ASP D 162 9.04 37.78 -7.53
CA ASP D 162 10.29 38.02 -6.77
C ASP D 162 10.35 39.50 -6.39
N GLY D 163 10.38 39.80 -5.09
CA GLY D 163 10.43 41.21 -4.63
C GLY D 163 9.56 41.45 -3.41
N PRO D 164 9.15 42.71 -3.11
CA PRO D 164 8.37 43.00 -1.91
C PRO D 164 6.85 42.77 -1.91
N SER D 165 6.31 42.29 -0.80
CA SER D 165 4.90 41.91 -0.62
C SER D 165 4.04 43.12 -0.26
N ASP D 166 4.67 44.29 -0.21
CA ASP D 166 4.01 45.53 0.16
C ASP D 166 4.35 46.65 -0.81
N GLY D 167 4.82 46.28 -2.00
CA GLY D 167 5.25 47.25 -2.99
C GLY D 167 5.29 46.60 -4.36
N GLN D 168 6.19 47.09 -5.22
CA GLN D 168 6.19 46.57 -6.62
C GLN D 168 7.32 45.56 -6.78
N ALA D 169 7.00 44.38 -7.31
CA ALA D 169 7.98 43.28 -7.46
C ALA D 169 7.87 42.76 -8.89
N SER D 170 8.87 42.02 -9.37
CA SER D 170 8.84 41.58 -10.78
C SER D 170 8.01 40.31 -10.92
N TYR D 171 7.16 40.22 -11.96
CA TYR D 171 6.44 38.98 -12.19
C TYR D 171 6.84 38.34 -13.49
N LYS D 172 6.85 37.01 -13.52
CA LYS D 172 7.10 36.28 -14.74
C LYS D 172 6.09 35.17 -14.97
N ILE D 173 5.75 34.96 -16.23
CA ILE D 173 4.84 33.89 -16.62
C ILE D 173 5.64 32.86 -17.36
N PHE D 174 5.51 31.60 -16.98
CA PHE D 174 6.30 30.54 -17.58
C PHE D 174 5.49 29.48 -18.28
N ARG D 175 6.07 28.92 -19.34
CA ARG D 175 5.53 27.75 -20.01
C ARG D 175 6.53 26.61 -19.90
N ILE D 176 6.10 25.53 -19.26
CA ILE D 176 6.92 24.37 -18.98
C ILE D 176 6.48 23.13 -19.73
N GLU D 177 7.42 22.49 -20.40
CA GLU D 177 7.13 21.25 -21.11
C GLU D 177 8.02 20.12 -20.62
N LYS D 178 7.39 19.11 -20.04
CA LYS D 178 8.11 17.95 -19.49
C LYS D 178 9.19 18.36 -18.52
N GLY D 179 8.93 19.37 -17.70
CA GLY D 179 9.89 19.80 -16.70
C GLY D 179 10.87 20.86 -17.17
N LYS D 180 10.87 21.18 -18.45
CA LYS D 180 11.79 22.19 -18.97
C LYS D 180 11.13 23.53 -19.18
N ILE D 181 11.84 24.61 -18.89
CA ILE D 181 11.26 25.91 -19.23
C ILE D 181 11.59 26.23 -20.67
N ILE D 182 10.56 26.40 -21.48
CA ILE D 182 10.77 26.65 -22.90
C ILE D 182 10.50 28.11 -23.24
N LYS D 183 9.54 28.71 -22.55
CA LYS D 183 9.14 30.12 -22.88
C LYS D 183 8.78 30.86 -21.60
N SER D 184 9.30 32.08 -21.41
CA SER D 184 8.96 32.88 -20.26
C SER D 184 8.88 34.34 -20.65
N VAL D 185 8.01 35.08 -19.97
CA VAL D 185 7.92 36.51 -20.20
C VAL D 185 7.88 37.28 -18.90
N GLU D 186 8.41 38.49 -18.92
CA GLU D 186 8.29 39.36 -17.76
C GLU D 186 7.12 40.30 -17.98
N MET D 187 6.24 40.39 -17.00
CA MET D 187 5.05 41.20 -17.14
C MET D 187 5.33 42.68 -16.94
N LYS D 188 4.68 43.49 -17.75
CA LYS D 188 4.71 44.93 -17.57
C LYS D 188 3.40 45.31 -16.92
N ALA D 189 3.40 45.40 -15.59
CA ALA D 189 2.15 45.56 -14.88
C ALA D 189 2.29 46.50 -13.68
N PRO D 190 2.56 47.78 -13.92
CA PRO D 190 2.81 48.76 -12.89
C PRO D 190 1.55 48.94 -12.08
N ASN D 191 1.71 49.05 -10.76
CA ASN D 191 0.63 49.25 -9.81
C ASN D 191 -0.23 48.01 -9.64
N TYR D 192 0.18 46.89 -10.23
CA TYR D 192 -0.51 45.62 -10.00
C TYR D 192 0.29 44.77 -9.05
N HIS D 193 -0.41 43.94 -8.32
CA HIS D 193 0.24 43.05 -7.38
C HIS D 193 -0.40 41.68 -7.56
N TYR D 194 0.41 40.68 -7.88
CA TYR D 194 -0.10 39.35 -8.19
C TYR D 194 0.55 38.24 -7.39
N GLU D 195 0.20 38.11 -6.13
CA GLU D 195 0.79 37.04 -5.34
C GLU D 195 -0.13 35.84 -5.22
N GLU D 196 0.44 34.67 -5.02
CA GLU D 196 -0.35 33.49 -4.71
C GLU D 196 -1.53 33.30 -5.68
N CYS D 197 -1.24 33.34 -6.98
CA CYS D 197 -2.25 33.25 -8.05
C CYS D 197 -2.91 31.88 -8.12
N SER D 198 -4.23 31.89 -8.29
CA SER D 198 -4.98 30.66 -8.49
C SER D 198 -5.42 30.62 -9.96
N CYS D 199 -4.94 29.60 -10.68
CA CYS D 199 -5.08 29.53 -12.18
C CYS D 199 -5.86 28.33 -12.61
N TYR D 200 -6.65 28.49 -13.67
CA TYR D 200 -7.33 27.37 -14.29
C TYR D 200 -7.35 27.53 -15.81
N PRO D 201 -7.34 26.43 -16.57
CA PRO D 201 -7.50 26.37 -18.01
C PRO D 201 -8.93 26.61 -18.40
N ASP D 202 -9.15 27.27 -19.53
CA ASP D 202 -10.49 27.48 -20.05
C ASP D 202 -10.46 27.74 -21.56
N SER D 203 -10.92 26.79 -22.35
CA SER D 203 -10.92 26.94 -23.81
C SER D 203 -9.54 27.30 -24.38
N SER D 204 -8.53 26.54 -23.96
CA SER D 204 -7.15 26.69 -24.40
C SER D 204 -6.41 27.92 -23.84
N GLU D 205 -7.09 28.74 -23.04
CA GLU D 205 -6.48 29.91 -22.42
C GLU D 205 -6.27 29.69 -20.93
N ILE D 206 -5.38 30.47 -20.34
CA ILE D 206 -5.21 30.39 -18.90
C ILE D 206 -5.76 31.64 -18.23
N THR D 207 -6.60 31.46 -17.23
CA THR D 207 -7.16 32.59 -16.48
C THR D 207 -6.74 32.48 -15.01
N CYS D 208 -6.17 33.55 -14.45
CA CYS D 208 -5.68 33.55 -13.06
C CYS D 208 -6.25 34.73 -12.27
N VAL D 209 -6.65 34.45 -11.04
CA VAL D 209 -7.11 35.48 -10.10
C VAL D 209 -6.18 35.43 -8.89
N CYS D 210 -5.55 36.58 -8.58
CA CYS D 210 -4.46 36.65 -7.61
C CYS D 210 -4.78 37.50 -6.38
N ARG D 211 -3.85 37.50 -5.43
CA ARG D 211 -3.95 38.27 -4.21
C ARG D 211 -3.25 39.62 -4.32
N ASP D 212 -4.00 40.70 -4.08
CA ASP D 212 -3.41 42.03 -4.05
C ASP D 212 -3.13 42.38 -2.61
N ASN D 213 -1.86 42.33 -2.21
CA ASN D 213 -1.53 42.51 -0.81
C ASN D 213 -1.05 43.94 -0.57
N ASN D 218 -10.43 44.38 -3.70
CA ASN D 218 -10.96 43.58 -4.78
C ASN D 218 -9.81 42.72 -5.30
N ARG D 219 -10.11 41.95 -6.36
CA ARG D 219 -9.14 40.95 -6.88
C ARG D 219 -8.60 41.26 -8.30
N PRO D 220 -7.26 41.36 -8.51
CA PRO D 220 -6.67 41.50 -9.82
C PRO D 220 -6.67 40.18 -10.55
N TRP D 221 -6.69 40.24 -11.86
CA TRP D 221 -6.57 39.05 -12.66
C TRP D 221 -5.67 39.26 -13.85
N VAL D 222 -5.13 38.15 -14.33
CA VAL D 222 -4.36 38.13 -15.55
C VAL D 222 -4.79 36.92 -16.36
N SER D 223 -4.85 37.06 -17.66
CA SER D 223 -5.15 35.93 -18.51
C SER D 223 -4.19 35.92 -19.66
N PHE D 224 -3.92 34.74 -20.18
CA PHE D 224 -2.97 34.64 -21.27
C PHE D 224 -3.14 33.43 -22.15
N ASN D 225 -2.57 33.52 -23.35
CA ASN D 225 -2.60 32.41 -24.29
C ASN D 225 -1.32 31.61 -24.21
N GLN D 226 -1.16 30.64 -25.09
CA GLN D 226 -0.06 29.70 -25.02
C GLN D 226 1.25 30.28 -25.55
N ASN D 227 1.18 31.50 -26.08
CA ASN D 227 2.36 32.20 -26.56
C ASN D 227 2.76 33.23 -25.53
N LEU D 228 2.10 33.16 -24.38
CA LEU D 228 2.30 34.04 -23.24
C LEU D 228 1.97 35.49 -23.52
N GLU D 229 0.99 35.73 -24.39
CA GLU D 229 0.50 37.09 -24.58
C GLU D 229 -0.56 37.28 -23.50
N TYR D 230 -0.52 38.42 -22.82
CA TYR D 230 -1.40 38.60 -21.66
C TYR D 230 -2.19 39.89 -21.62
N GLN D 231 -3.28 39.82 -20.86
CA GLN D 231 -4.16 41.00 -20.63
C GLN D 231 -4.43 41.00 -19.12
N MET D 232 -4.79 42.13 -18.53
CA MET D 232 -5.07 42.23 -17.10
C MET D 232 -6.07 43.30 -16.72
N GLY D 233 -6.55 43.21 -15.49
CA GLY D 233 -7.46 44.19 -14.91
C GLY D 233 -7.95 43.69 -13.56
N TYR D 234 -8.93 44.35 -12.97
CA TYR D 234 -9.51 43.89 -11.71
C TYR D 234 -10.90 43.37 -11.96
N ILE D 235 -11.38 42.49 -11.07
CA ILE D 235 -12.77 42.08 -11.17
C ILE D 235 -13.58 43.29 -10.74
N CYS D 236 -14.43 43.81 -11.66
CA CYS D 236 -15.14 45.08 -11.52
C CYS D 236 -16.20 45.03 -10.41
N SER D 237 -16.76 43.85 -10.16
CA SER D 237 -17.86 43.67 -9.21
C SER D 237 -17.65 44.36 -7.87
N GLY D 238 -18.75 44.94 -7.36
CA GLY D 238 -18.74 45.58 -6.05
C GLY D 238 -18.67 44.54 -4.95
N VAL D 239 -18.87 43.28 -5.31
CA VAL D 239 -18.80 42.21 -4.34
C VAL D 239 -17.34 41.89 -4.15
N SER D 252 -14.92 48.81 -8.79
CA SER D 252 -14.04 49.46 -9.76
C SER D 252 -13.30 48.42 -10.58
N CYS D 253 -13.02 48.74 -11.84
CA CYS D 253 -12.29 47.86 -12.76
C CYS D 253 -10.78 48.04 -12.55
N GLY D 254 -10.45 48.97 -11.66
CA GLY D 254 -9.10 49.22 -11.20
C GLY D 254 -9.04 48.78 -9.74
N PRO D 255 -7.95 49.07 -9.04
CA PRO D 255 -7.74 48.73 -7.64
C PRO D 255 -8.61 49.54 -6.71
N VAL D 256 -9.05 48.91 -5.63
CA VAL D 256 -9.73 49.62 -4.55
C VAL D 256 -8.83 49.69 -3.33
N ASN D 262 -2.72 44.17 2.76
CA ASN D 262 -2.81 42.78 3.32
C ASN D 262 -3.79 41.99 2.44
N GLY D 263 -4.16 40.78 2.87
CA GLY D 263 -5.13 40.02 2.09
C GLY D 263 -5.08 38.54 2.38
N VAL D 264 -5.87 37.80 1.63
CA VAL D 264 -5.95 36.35 1.72
C VAL D 264 -6.02 35.75 0.31
N LYS D 265 -5.42 34.58 0.11
CA LYS D 265 -5.50 33.89 -1.17
C LYS D 265 -6.95 33.55 -1.46
N GLY D 266 -7.37 33.67 -2.71
CA GLY D 266 -8.73 33.33 -3.07
C GLY D 266 -8.87 32.97 -4.53
N PHE D 267 -10.09 32.83 -4.99
CA PHE D 267 -10.33 32.44 -6.37
C PHE D 267 -11.64 33.01 -6.89
N SER D 268 -11.76 33.01 -8.20
CA SER D 268 -12.96 33.45 -8.86
C SER D 268 -13.06 32.82 -10.24
N PHE D 269 -14.27 32.45 -10.65
CA PHE D 269 -14.46 31.85 -11.96
C PHE D 269 -15.18 32.76 -12.93
N LYS D 270 -14.67 32.82 -14.16
CA LYS D 270 -15.24 33.66 -15.21
C LYS D 270 -16.16 32.90 -16.19
N TYR D 271 -17.38 33.40 -16.35
CA TYR D 271 -18.37 32.88 -17.28
C TYR D 271 -18.94 33.98 -18.16
N GLY D 272 -18.25 34.31 -19.23
CA GLY D 272 -18.65 35.47 -20.00
C GLY D 272 -18.47 36.70 -19.12
N ASN D 273 -19.54 37.47 -18.95
CA ASN D 273 -19.43 38.67 -18.12
C ASN D 273 -19.78 38.38 -16.67
N GLY D 274 -20.18 37.15 -16.39
CA GLY D 274 -20.57 36.79 -15.04
C GLY D 274 -19.40 36.23 -14.26
N VAL D 275 -19.45 36.36 -12.95
CA VAL D 275 -18.38 35.83 -12.13
C VAL D 275 -18.84 35.18 -10.84
N TRP D 276 -18.22 34.06 -10.48
CA TRP D 276 -18.42 33.44 -9.17
C TRP D 276 -17.29 33.85 -8.26
N ILE D 277 -17.61 34.56 -7.18
CA ILE D 277 -16.59 35.04 -6.27
C ILE D 277 -16.66 34.32 -4.94
N GLY D 278 -15.55 33.73 -4.51
CA GLY D 278 -15.55 33.12 -3.19
C GLY D 278 -15.04 34.15 -2.20
N ARG D 279 -15.61 34.18 -1.01
CA ARG D 279 -15.13 35.10 0.01
C ARG D 279 -15.58 34.73 1.41
N THR D 280 -14.98 35.33 2.41
CA THR D 280 -15.37 35.16 3.79
C THR D 280 -16.59 36.03 4.09
N LYS D 281 -17.22 35.83 5.25
CA LYS D 281 -18.40 36.62 5.59
C LYS D 281 -18.03 37.86 6.39
N SER D 282 -16.93 37.77 7.12
CA SER D 282 -16.45 38.89 7.92
C SER D 282 -15.53 39.77 7.09
N ILE D 283 -15.54 41.06 7.37
CA ILE D 283 -14.68 41.99 6.64
C ILE D 283 -13.46 42.37 7.46
N SER D 284 -13.45 41.94 8.72
CA SER D 284 -12.37 42.25 9.64
C SER D 284 -11.59 41.02 10.08
N SER D 285 -12.11 39.84 9.75
CA SER D 285 -11.47 38.59 10.17
C SER D 285 -11.73 37.49 9.16
N ARG D 286 -10.91 36.45 9.18
CA ARG D 286 -11.11 35.33 8.28
C ARG D 286 -12.12 34.32 8.84
N LYS D 287 -13.38 34.73 8.87
CA LYS D 287 -14.47 33.88 9.36
C LYS D 287 -15.58 33.72 8.33
N GLY D 288 -16.12 32.52 8.26
CA GLY D 288 -17.21 32.19 7.35
C GLY D 288 -16.71 32.01 5.94
N PHE D 289 -17.58 31.53 5.07
CA PHE D 289 -17.27 31.42 3.64
C PHE D 289 -18.56 31.32 2.84
N GLU D 290 -18.64 32.07 1.76
CA GLU D 290 -19.80 32.04 0.89
C GLU D 290 -19.43 32.18 -0.58
N MET D 291 -20.26 31.61 -1.44
CA MET D 291 -20.09 31.80 -2.88
C MET D 291 -21.16 32.72 -3.43
N ILE D 292 -20.74 33.74 -4.16
CA ILE D 292 -21.69 34.67 -4.76
C ILE D 292 -21.60 34.73 -6.27
N TRP D 293 -22.76 34.56 -6.90
CA TRP D 293 -22.87 34.64 -8.35
C TRP D 293 -23.41 35.96 -8.82
N ASP D 294 -22.54 36.70 -9.50
CA ASP D 294 -22.82 38.02 -10.04
C ASP D 294 -22.77 38.00 -11.57
N PRO D 295 -23.93 37.95 -12.25
CA PRO D 295 -24.08 37.81 -13.69
C PRO D 295 -23.35 38.87 -14.51
N ASN D 296 -23.04 40.02 -13.91
CA ASN D 296 -22.35 41.06 -14.66
C ASN D 296 -21.11 41.57 -13.93
N GLY D 297 -20.63 40.78 -12.98
CA GLY D 297 -19.55 41.23 -12.10
C GLY D 297 -18.16 41.27 -12.75
N TRP D 298 -17.94 40.57 -13.84
CA TRP D 298 -16.60 40.60 -14.38
C TRP D 298 -16.28 41.99 -14.91
N THR D 299 -17.25 42.60 -15.62
CA THR D 299 -17.07 43.88 -16.27
C THR D 299 -17.84 45.04 -15.63
N GLY D 300 -18.86 44.74 -14.81
CA GLY D 300 -19.68 45.79 -14.21
C GLY D 300 -19.22 46.13 -12.81
N THR D 301 -19.54 47.34 -12.34
CA THR D 301 -19.15 47.78 -11.01
C THR D 301 -20.28 47.79 -10.00
N ASP D 302 -21.46 47.35 -10.41
CA ASP D 302 -22.58 47.34 -9.50
C ASP D 302 -22.38 46.25 -8.44
N ASN D 303 -23.10 46.36 -7.33
CA ASN D 303 -22.98 45.43 -6.21
C ASN D 303 -24.18 44.51 -6.07
N LYS D 304 -24.84 44.26 -7.21
CA LYS D 304 -26.04 43.38 -7.20
C LYS D 304 -25.60 41.96 -7.59
N PHE D 305 -26.22 40.95 -6.98
CA PHE D 305 -25.91 39.56 -7.27
C PHE D 305 -27.20 38.77 -7.25
N SER D 306 -27.18 37.57 -7.82
CA SER D 306 -28.38 36.77 -7.87
C SER D 306 -28.38 35.60 -6.89
N ILE D 307 -27.25 34.93 -6.75
CA ILE D 307 -27.23 33.74 -5.91
C ILE D 307 -26.16 33.77 -4.85
N LYS D 308 -26.56 33.49 -3.61
CA LYS D 308 -25.59 33.37 -2.52
C LYS D 308 -25.77 32.01 -1.84
N GLN D 309 -24.70 31.21 -1.87
CA GLN D 309 -24.73 29.90 -1.15
C GLN D 309 -23.78 30.03 0.04
N ASP D 310 -23.95 29.19 1.05
CA ASP D 310 -23.11 29.27 2.28
C ASP D 310 -22.21 28.04 2.33
N ILE D 311 -20.89 28.24 2.42
CA ILE D 311 -19.96 27.09 2.56
C ILE D 311 -19.60 26.91 4.04
N VAL D 312 -19.21 28.01 4.70
CA VAL D 312 -18.83 27.95 6.15
C VAL D 312 -19.68 28.97 6.93
N GLY D 313 -20.22 28.58 8.10
CA GLY D 313 -20.96 29.50 8.94
C GLY D 313 -20.06 30.60 9.49
N ILE D 314 -20.63 31.77 9.76
CA ILE D 314 -19.85 32.90 10.26
C ILE D 314 -19.29 32.64 11.64
N ASN D 315 -19.84 31.65 12.33
CA ASN D 315 -19.38 31.30 13.66
C ASN D 315 -18.18 30.37 13.64
N GLU D 316 -17.72 30.02 12.45
CA GLU D 316 -16.57 29.14 12.30
C GLU D 316 -15.43 29.85 11.57
N TRP D 317 -14.21 29.49 11.93
CA TRP D 317 -13.06 30.05 11.26
C TRP D 317 -12.89 29.44 9.89
N SER D 318 -12.50 30.25 8.92
CA SER D 318 -12.20 29.74 7.61
C SER D 318 -10.74 29.99 7.30
N GLY D 319 -10.46 30.74 6.24
CA GLY D 319 -9.05 30.94 5.90
C GLY D 319 -8.83 31.11 4.41
N TYR D 320 -7.65 30.60 3.99
CA TYR D 320 -7.22 30.69 2.58
C TYR D 320 -8.04 29.76 1.71
N SER D 321 -8.27 30.15 0.46
CA SER D 321 -8.99 29.29 -0.48
C SER D 321 -8.36 29.35 -1.85
N GLY D 322 -8.75 28.41 -2.70
CA GLY D 322 -8.23 28.40 -4.07
C GLY D 322 -8.98 27.43 -4.94
N SER D 323 -8.68 27.44 -6.24
CA SER D 323 -9.39 26.60 -7.19
C SER D 323 -8.52 25.50 -7.76
N PHE D 324 -9.19 24.50 -8.31
CA PHE D 324 -8.55 23.42 -9.05
C PHE D 324 -9.58 22.88 -10.02
N VAL D 325 -9.16 22.09 -10.99
CA VAL D 325 -10.18 21.58 -11.91
C VAL D 325 -10.14 20.09 -12.14
N MET D 326 -11.28 19.55 -12.56
CA MET D 326 -11.37 18.17 -12.98
C MET D 326 -11.60 18.09 -14.48
N HIS D 327 -10.57 17.68 -15.20
CA HIS D 327 -10.58 17.61 -16.65
C HIS D 327 -11.45 16.48 -17.19
N PRO D 328 -11.98 16.59 -18.41
CA PRO D 328 -12.72 15.57 -19.14
C PRO D 328 -12.07 14.19 -19.11
N GLU D 329 -10.75 14.15 -19.15
CA GLU D 329 -10.05 12.87 -19.10
C GLU D 329 -10.31 12.11 -17.80
N LEU D 330 -10.72 12.83 -16.76
CA LEU D 330 -11.04 12.28 -15.45
C LEU D 330 -12.55 12.13 -15.24
N THR D 331 -13.33 13.10 -15.72
CA THR D 331 -14.76 13.14 -15.43
C THR D 331 -15.65 12.43 -16.45
N GLY D 332 -15.18 12.27 -17.68
CA GLY D 332 -15.98 11.65 -18.72
C GLY D 332 -16.95 12.63 -19.37
N LEU D 333 -16.81 13.90 -19.04
CA LEU D 333 -17.68 14.94 -19.55
C LEU D 333 -17.05 15.69 -20.72
N ASP D 334 -17.83 16.54 -21.36
CA ASP D 334 -17.36 17.35 -22.48
C ASP D 334 -16.94 18.79 -22.13
N CYS D 335 -16.69 19.06 -20.84
CA CYS D 335 -16.28 20.37 -20.33
C CYS D 335 -15.42 20.18 -19.07
N ILE D 336 -14.82 21.27 -18.61
CA ILE D 336 -13.95 21.23 -17.43
C ILE D 336 -14.73 21.58 -16.18
N VAL D 337 -14.75 20.69 -15.19
CA VAL D 337 -15.53 20.94 -13.99
C VAL D 337 -14.74 21.72 -12.95
N PRO D 338 -15.19 22.92 -12.56
CA PRO D 338 -14.56 23.76 -11.58
C PRO D 338 -14.79 23.19 -10.20
N CYS D 339 -13.76 23.27 -9.32
CA CYS D 339 -13.83 22.86 -7.94
C CYS D 339 -12.99 23.82 -7.07
N PHE D 340 -13.19 23.80 -5.77
CA PHE D 340 -12.38 24.66 -4.92
C PHE D 340 -12.19 24.08 -3.52
N TRP D 341 -11.21 24.62 -2.81
CA TRP D 341 -10.93 24.20 -1.45
C TRP D 341 -10.80 25.38 -0.51
N VAL D 342 -11.07 25.11 0.76
CA VAL D 342 -10.91 26.09 1.82
C VAL D 342 -10.07 25.49 2.96
N GLU D 343 -9.06 26.23 3.38
CA GLU D 343 -8.22 25.83 4.50
C GLU D 343 -8.86 26.35 5.77
N LEU D 344 -9.10 25.46 6.71
CA LEU D 344 -9.72 25.86 7.97
C LEU D 344 -8.63 25.99 9.03
N ILE D 345 -8.38 27.22 9.43
CA ILE D 345 -7.26 27.56 10.30
C ILE D 345 -7.58 27.44 11.78
N THR D 356 -1.24 26.96 12.72
CA THR D 356 -0.95 26.28 11.43
C THR D 356 -2.28 25.95 10.74
N SER D 357 -2.37 24.75 10.16
CA SER D 357 -3.60 24.35 9.41
C SER D 357 -4.26 23.19 10.13
N GLY D 358 -5.57 23.27 10.33
CA GLY D 358 -6.27 22.14 10.95
C GLY D 358 -6.93 21.21 9.95
N SER D 359 -7.79 21.75 9.06
CA SER D 359 -8.55 20.85 8.17
C SER D 359 -8.65 21.43 6.76
N SER D 360 -8.91 20.58 5.76
CA SER D 360 -9.12 21.08 4.39
C SER D 360 -10.34 20.45 3.74
N ILE D 361 -11.39 21.25 3.54
CA ILE D 361 -12.63 20.86 2.91
C ILE D 361 -12.63 21.28 1.45
N SER D 362 -13.37 20.54 0.62
CA SER D 362 -13.45 20.92 -0.80
C SER D 362 -14.81 20.61 -1.38
N PHE D 363 -15.14 21.38 -2.43
CA PHE D 363 -16.45 21.27 -3.09
C PHE D 363 -16.29 21.35 -4.62
N CYS D 364 -17.20 20.74 -5.38
CA CYS D 364 -17.25 20.80 -6.85
C CYS D 364 -18.60 21.31 -7.30
N GLY D 365 -18.61 21.96 -8.45
CA GLY D 365 -19.86 22.49 -8.97
C GLY D 365 -20.76 21.43 -9.58
N VAL D 366 -22.05 21.64 -9.43
CA VAL D 366 -23.09 20.81 -10.04
C VAL D 366 -24.14 21.70 -10.68
N ASN D 367 -24.96 21.12 -11.55
CA ASN D 367 -26.10 21.83 -12.14
C ASN D 367 -27.41 21.34 -11.58
N SER D 368 -27.33 20.58 -10.50
CA SER D 368 -28.49 20.01 -9.84
C SER D 368 -28.79 20.76 -8.57
N ASP D 369 -29.81 20.34 -7.82
CA ASP D 369 -30.22 21.10 -6.60
C ASP D 369 -29.25 20.89 -5.43
N THR D 370 -28.74 21.97 -4.84
CA THR D 370 -27.83 21.88 -3.65
C THR D 370 -28.23 22.95 -2.63
N VAL D 371 -28.00 22.69 -1.33
CA VAL D 371 -28.46 23.64 -0.27
C VAL D 371 -27.27 24.36 0.36
N GLY D 372 -27.53 25.35 1.23
CA GLY D 372 -26.45 26.05 1.96
C GLY D 372 -25.84 25.16 3.02
N TRP D 373 -24.53 25.23 3.21
CA TRP D 373 -23.82 24.42 4.23
C TRP D 373 -23.38 25.35 5.38
N SER D 374 -23.70 25.00 6.63
CA SER D 374 -23.25 25.82 7.79
C SER D 374 -21.80 25.48 8.13
#